data_8WL6
#
_entry.id   8WL6
#
_cell.length_a   1.00
_cell.length_b   1.00
_cell.length_c   1.00
_cell.angle_alpha   90.00
_cell.angle_beta   90.00
_cell.angle_gamma   90.00
#
_symmetry.space_group_name_H-M   'P 1'
#
_entity_poly.entity_id   1
_entity_poly.type   'polypeptide(L)'
_entity_poly.pdbx_seq_one_letter_code
;MNTDQQPYQGQTDYTQGPGNGQSQEQDYDQYGQPLYPSQADGYYDPNVAAGTEADMYGQQPPNESYDQDYTNGEYYGQPP
NMAAQDGENFSDFSSYGPPGTPGYDSYGGQYTASQMSYGEPNSSGTSTPIYGNYDPNAIAMALPNEPYPAWTADSQSPVS
IEQIEDIFIDLTNRLGFQRDSMRNMFDHFMVLLDSRSSRMSPDQALLSLHADYIGGDTANYKKWYFAAQLDMDDEIGFRN
MSLGKLSRKARKAKKKNKKAMEEANPEDTEETLNKIEGDNSLEAADFRWKAKMNQLSPLERVRHIALYLLCWGEANQVRF
TAECLCFIYKCALDYLDSPLCQQRQEPMPEGDFLNRVITPIYHFIRNQVYEIVDGRFVKRERDHNKIVGYDDLNQLFWYP
EGIAKIVLEDGTKLIELPLEERYLRLGDVVWDDVFFKTYKETRTWLHLVTNFNRIWVMHISIFWMYFAYNSPTFYTHNYQ
QLVDNQPLAAYKWASCALGGTVASLIQIVATLCEWSFVPRKWAGAQHLSRRFWFLCIIFGINLGPIIFVFAYDKDTVYST
AAHVVAAVMFFVAVATIIFFSIMPLGGLFTSYMKKSTRRYVASQTFTAAFAPLHGLDRWMSYLVWVTVFAAKYSESYYFL
VLSLRDPIRILSTTAMRCTGEYWWGAVLCKVQPKIVLGLVIATDFILFFLDTYLWYIIVNTIFSVGKSFYLGISILTPWR
NIFTRLPKRIYSKILATTDMEIKYKPKVLISQVWNAIIISMYREHLLAIDHVQKLLYHQVPSEIEGKRTLRAPTFFVSQD
DNNFETEFFPRDSEAERRISFFAQSLSTPIPEPLPVDNMPTFTVLTPHYAERILLSLREIIREDDQFSRVTLLEYLKQLH
PVEWECFVKDTKILAEETAAYEGNENEAEKEDALKSQIDDLPFYCIGFKSAAPEYTLRTRIWASLRSQTLYRTISGFMNY
SRAIKLLYRVENPEIVQMFGGNAEGLERELEKMARRKFKFLVSMQRLAKFKPHELENAEFLLRAYPDLQIAYLDEEPPLT
EGEEPRIYSALIDGHCEILDNGRRRPKFRVQLSGNPILGDGKSDNQNHALIFYRGEYIQLIDANQDNYLEECLKIRSVLA
EFEELNVEQVNPYAPGLRYEEQTTNHPVAIVGAREYIFSENSGVLGDVAAGKEQTFGTLFARTLSQIGGKLHYGHPDFIN
ATFMTTRGGVSKAQKGLHLNEDIYAGMNAMLRGGRIKHCEYYQCGKGRDLGFGTILNFTTKIGAGMGEQMLSREYYYLGT
QLPVDRFLTFYYAHPGFHLNNLFIQLSLQMFMLTLVNLSSLAHESIMCIYDRNKPKTDVLVPIGCYNFQPAVDWVRRYTL
SIFIVFWIAFVPIVVQELIERGLWKATQRFFCHLLSLSPMFEVFAGQIYSSALLSDLAIGGARYISTGRGFATSRIPFSI
LYSRFAGSAIYMGARSMLMLLFGTVAHWQAPLLWFWASLSSLIFAPFVFNPHQFAWEDFFLDYRDYIRWLSRGNNQYHRN
SWIGYVRMSRARITGFKRKLVGDESEKAAGDASRAHRTNLIMAEIIPCAIYAAGCFIAFTFINAQTGVKTTDDDRVNSVL
RIIICTLAPIAVNLGVLFFCMGMSCCSGPLFGMCCKKTGSVMAGIAHGVAVIVHIAFFIVMWVLESFNFVRMLIGVVTCI
QCQRLIFHCMTALMLTREFKNDHANTAFWTGKWYGKGMGYMAWTQPSRELTAKVIELSEFAADFVLGHVILICQLPLIII
PKIDKFHSIMLFWLKPSRQIRPPIYSLKQTRLRKRMVKKYCSLYFLVLAIFAGCIIGPAVASAKIHKHIGDSLDGVVHNL
FQPINTTNNDTGSQMSTYQSHYYTHTPSLKTWSTIK
;
_entity_poly.pdbx_strand_id   A
#
# COMPACT_ATOMS: atom_id res chain seq x y z
N GLU A 146 -20.74 -9.73 -44.46
CA GLU A 146 -21.44 -10.20 -43.27
C GLU A 146 -20.67 -9.82 -42.02
N PRO A 147 -21.37 -9.23 -41.04
CA PRO A 147 -20.69 -8.75 -39.83
C PRO A 147 -19.99 -9.86 -39.04
N TYR A 148 -20.58 -11.05 -38.99
CA TYR A 148 -20.08 -12.15 -38.16
C TYR A 148 -19.93 -13.38 -39.05
N PRO A 149 -18.76 -13.57 -39.66
CA PRO A 149 -18.60 -14.68 -40.62
C PRO A 149 -18.37 -16.03 -39.97
N ALA A 150 -17.94 -16.09 -38.71
CA ALA A 150 -17.63 -17.39 -38.11
C ALA A 150 -18.87 -18.14 -37.69
N TRP A 151 -20.03 -17.48 -37.62
CA TRP A 151 -21.26 -18.13 -37.19
C TRP A 151 -22.30 -18.30 -38.29
N THR A 152 -22.36 -17.37 -39.25
CA THR A 152 -23.37 -17.43 -40.29
C THR A 152 -22.90 -18.06 -41.59
N ALA A 153 -21.58 -18.11 -41.83
CA ALA A 153 -21.09 -18.75 -43.04
C ALA A 153 -21.21 -20.27 -42.94
N ASP A 154 -20.91 -20.84 -41.78
CA ASP A 154 -21.03 -22.28 -41.59
C ASP A 154 -22.48 -22.67 -41.39
N SER A 155 -22.87 -23.78 -42.02
CA SER A 155 -24.23 -24.28 -41.94
C SER A 155 -24.47 -25.22 -40.78
N GLN A 156 -23.46 -25.43 -39.94
CA GLN A 156 -23.56 -26.32 -38.79
C GLN A 156 -24.14 -25.65 -37.56
N SER A 157 -24.49 -24.37 -37.64
CA SER A 157 -25.04 -23.66 -36.49
C SER A 157 -26.41 -24.23 -36.13
N PRO A 158 -26.73 -24.33 -34.84
CA PRO A 158 -28.04 -24.87 -34.45
C PRO A 158 -29.18 -23.89 -34.67
N VAL A 159 -28.91 -22.59 -34.53
CA VAL A 159 -29.92 -21.55 -34.69
C VAL A 159 -29.38 -20.50 -35.65
N SER A 160 -30.30 -19.74 -36.23
CA SER A 160 -29.97 -18.68 -37.16
C SER A 160 -30.20 -17.31 -36.51
N ILE A 161 -29.89 -16.26 -37.26
CA ILE A 161 -29.95 -14.90 -36.71
C ILE A 161 -31.39 -14.47 -36.47
N GLU A 162 -32.33 -14.95 -37.28
CA GLU A 162 -33.71 -14.51 -37.16
C GLU A 162 -34.35 -14.98 -35.86
N GLN A 163 -34.06 -16.22 -35.45
CA GLN A 163 -34.59 -16.71 -34.18
C GLN A 163 -34.06 -15.90 -33.01
N ILE A 164 -32.77 -15.56 -33.03
CA ILE A 164 -32.20 -14.77 -31.95
C ILE A 164 -32.81 -13.38 -31.90
N GLU A 165 -32.98 -12.75 -33.07
CA GLU A 165 -33.61 -11.43 -33.12
C GLU A 165 -35.03 -11.49 -32.58
N ASP A 166 -35.79 -12.52 -32.97
CA ASP A 166 -37.16 -12.66 -32.49
C ASP A 166 -37.20 -12.90 -30.99
N ILE A 167 -36.26 -13.68 -30.45
CA ILE A 167 -36.21 -13.92 -29.01
C ILE A 167 -35.96 -12.60 -28.28
N PHE A 168 -35.01 -11.80 -28.77
CA PHE A 168 -34.73 -10.52 -28.12
C PHE A 168 -35.93 -9.60 -28.17
N ILE A 169 -36.60 -9.52 -29.33
CA ILE A 169 -37.77 -8.66 -29.47
C ILE A 169 -38.89 -9.11 -28.55
N ASP A 170 -39.12 -10.43 -28.47
CA ASP A 170 -40.18 -10.96 -27.63
C ASP A 170 -39.91 -10.65 -26.16
N LEU A 171 -38.66 -10.84 -25.72
CA LEU A 171 -38.33 -10.51 -24.33
C LEU A 171 -38.53 -9.04 -24.04
N THR A 172 -38.10 -8.17 -24.96
CA THR A 172 -38.27 -6.73 -24.75
C THR A 172 -39.75 -6.36 -24.68
N ASN A 173 -40.57 -6.96 -25.54
CA ASN A 173 -42.00 -6.67 -25.53
C ASN A 173 -42.65 -7.13 -24.23
N ARG A 174 -42.28 -8.31 -23.74
CA ARG A 174 -42.95 -8.86 -22.56
C ARG A 174 -42.52 -8.16 -21.28
N LEU A 175 -41.23 -7.89 -21.10
CA LEU A 175 -40.75 -7.35 -19.83
C LEU A 175 -40.62 -5.83 -19.82
N GLY A 176 -40.92 -5.16 -20.93
CA GLY A 176 -40.87 -3.70 -20.95
C GLY A 176 -39.48 -3.12 -20.82
N PHE A 177 -38.48 -3.72 -21.48
CA PHE A 177 -37.15 -3.15 -21.48
C PHE A 177 -37.09 -1.91 -22.36
N GLN A 178 -36.04 -1.13 -22.18
CA GLN A 178 -35.84 0.07 -22.99
C GLN A 178 -35.34 -0.29 -24.38
N ARG A 179 -36.00 0.27 -25.40
CA ARG A 179 -35.79 -0.18 -26.77
C ARG A 179 -34.37 0.10 -27.25
N ASP A 180 -33.69 1.10 -26.70
CA ASP A 180 -32.38 1.48 -27.20
C ASP A 180 -31.25 0.59 -26.66
N SER A 181 -31.50 -0.17 -25.59
CA SER A 181 -30.48 -1.08 -25.06
C SER A 181 -30.56 -2.47 -25.66
N MET A 182 -31.71 -2.85 -26.22
CA MET A 182 -31.86 -4.17 -26.80
C MET A 182 -30.88 -4.38 -27.95
N ARG A 183 -30.73 -3.37 -28.82
CA ARG A 183 -29.83 -3.51 -29.96
C ARG A 183 -28.38 -3.60 -29.51
N ASN A 184 -28.00 -2.81 -28.49
CA ASN A 184 -26.65 -2.89 -27.96
C ASN A 184 -26.36 -4.28 -27.41
N MET A 185 -27.29 -4.84 -26.65
CA MET A 185 -27.07 -6.16 -26.07
C MET A 185 -27.07 -7.25 -27.14
N PHE A 186 -27.90 -7.09 -28.18
CA PHE A 186 -27.89 -8.03 -29.29
C PHE A 186 -26.54 -8.04 -29.99
N ASP A 187 -25.98 -6.85 -30.24
CA ASP A 187 -24.65 -6.77 -30.84
C ASP A 187 -23.61 -7.41 -29.93
N HIS A 188 -23.70 -7.17 -28.63
CA HIS A 188 -22.74 -7.75 -27.69
C HIS A 188 -22.78 -9.27 -27.73
N PHE A 189 -23.99 -9.86 -27.69
CA PHE A 189 -24.12 -11.31 -27.70
C PHE A 189 -23.61 -11.90 -29.01
N MET A 190 -23.92 -11.25 -30.13
CA MET A 190 -23.45 -11.78 -31.41
C MET A 190 -21.93 -11.73 -31.50
N VAL A 191 -21.31 -10.66 -31.00
CA VAL A 191 -19.86 -10.58 -31.01
C VAL A 191 -19.26 -11.66 -30.11
N LEU A 192 -19.90 -11.92 -28.96
CA LEU A 192 -19.45 -12.99 -28.07
C LEU A 192 -19.43 -14.33 -28.79
N LEU A 193 -20.55 -14.67 -29.45
CA LEU A 193 -20.62 -15.93 -30.17
C LEU A 193 -19.60 -15.99 -31.30
N ASP A 194 -19.42 -14.90 -32.03
CA ASP A 194 -18.46 -14.87 -33.12
C ASP A 194 -17.04 -15.11 -32.61
N SER A 195 -16.66 -14.45 -31.52
CA SER A 195 -15.31 -14.62 -31.00
C SER A 195 -15.10 -16.03 -30.47
N ARG A 196 -16.09 -16.58 -29.77
CA ARG A 196 -15.91 -17.90 -29.16
C ARG A 196 -15.96 -19.03 -30.18
N SER A 197 -16.68 -18.86 -31.27
CA SER A 197 -16.87 -19.92 -32.24
C SER A 197 -15.75 -20.03 -33.26
N SER A 198 -14.72 -19.17 -33.17
CA SER A 198 -13.65 -19.19 -34.16
C SER A 198 -12.73 -20.40 -33.97
N ARG A 199 -12.43 -20.76 -32.73
CA ARG A 199 -11.56 -21.88 -32.42
C ARG A 199 -12.31 -23.15 -32.05
N MET A 200 -13.64 -23.12 -32.05
CA MET A 200 -14.47 -24.27 -31.72
C MET A 200 -15.47 -24.50 -32.84
N SER A 201 -16.30 -25.52 -32.67
CA SER A 201 -17.45 -25.68 -33.54
C SER A 201 -18.61 -24.82 -33.04
N PRO A 202 -19.51 -24.42 -33.93
CA PRO A 202 -20.64 -23.57 -33.48
C PRO A 202 -21.50 -24.22 -32.42
N ASP A 203 -21.53 -25.56 -32.36
CA ASP A 203 -22.34 -26.24 -31.37
C ASP A 203 -21.71 -26.16 -29.98
N GLN A 204 -20.37 -26.19 -29.91
CA GLN A 204 -19.69 -26.16 -28.62
C GLN A 204 -19.65 -24.76 -28.02
N ALA A 205 -19.65 -23.72 -28.86
CA ALA A 205 -19.54 -22.35 -28.36
C ALA A 205 -20.76 -21.97 -27.51
N LEU A 206 -21.96 -22.32 -27.96
CA LEU A 206 -23.16 -21.99 -27.20
C LEU A 206 -23.21 -22.73 -25.88
N LEU A 207 -22.82 -24.00 -25.88
CA LEU A 207 -22.78 -24.77 -24.64
C LEU A 207 -21.76 -24.18 -23.66
N SER A 208 -20.59 -23.80 -24.16
CA SER A 208 -19.58 -23.22 -23.29
C SER A 208 -20.04 -21.88 -22.73
N LEU A 209 -20.71 -21.06 -23.53
CA LEU A 209 -21.23 -19.79 -23.05
C LEU A 209 -22.29 -19.98 -21.99
N HIS A 210 -23.21 -20.94 -22.21
CA HIS A 210 -24.21 -21.24 -21.19
C HIS A 210 -23.56 -21.72 -19.90
N ALA A 211 -22.55 -22.58 -20.00
CA ALA A 211 -21.86 -23.05 -18.79
C ALA A 211 -21.16 -21.91 -18.07
N ASP A 212 -20.54 -20.99 -18.82
CA ASP A 212 -19.81 -19.89 -18.19
C ASP A 212 -20.76 -18.89 -17.54
N TYR A 213 -21.97 -18.73 -18.07
CA TYR A 213 -22.85 -17.66 -17.60
C TYR A 213 -23.90 -18.11 -16.59
N ILE A 214 -24.51 -19.29 -16.77
CA ILE A 214 -25.68 -19.64 -15.95
C ILE A 214 -25.47 -20.92 -15.16
N GLY A 215 -25.30 -22.04 -15.86
CA GLY A 215 -25.44 -23.34 -15.23
C GLY A 215 -24.19 -24.11 -14.88
N GLY A 216 -23.02 -23.63 -15.30
CA GLY A 216 -21.78 -24.35 -15.08
C GLY A 216 -21.30 -24.25 -13.64
N ASP A 217 -20.17 -24.90 -13.39
CA ASP A 217 -19.55 -24.88 -12.08
C ASP A 217 -18.65 -23.66 -11.87
N THR A 218 -18.36 -22.92 -12.92
CA THR A 218 -17.63 -21.66 -12.82
C THR A 218 -18.55 -20.47 -12.55
N ALA A 219 -19.84 -20.61 -12.87
CA ALA A 219 -20.79 -19.51 -12.84
C ALA A 219 -21.07 -19.07 -11.41
N ASN A 220 -21.56 -17.83 -11.29
CA ASN A 220 -21.93 -17.23 -10.02
C ASN A 220 -23.39 -17.48 -9.66
N TYR A 221 -24.25 -17.68 -10.67
CA TYR A 221 -25.65 -17.96 -10.39
C TYR A 221 -25.81 -19.31 -9.70
N LYS A 222 -25.01 -20.31 -10.09
CA LYS A 222 -25.07 -21.60 -9.42
C LYS A 222 -24.64 -21.49 -7.96
N LYS A 223 -23.56 -20.74 -7.70
CA LYS A 223 -23.11 -20.55 -6.32
C LYS A 223 -24.17 -19.85 -5.49
N TRP A 224 -24.76 -18.78 -6.02
CA TRP A 224 -25.82 -18.10 -5.27
C TRP A 224 -27.01 -19.01 -5.03
N TYR A 225 -27.42 -19.77 -6.05
CA TYR A 225 -28.58 -20.63 -5.90
C TYR A 225 -28.36 -21.69 -4.84
N PHE A 226 -27.17 -22.31 -4.83
CA PHE A 226 -26.89 -23.32 -3.83
C PHE A 226 -26.79 -22.71 -2.43
N ALA A 227 -26.12 -21.57 -2.31
CA ALA A 227 -25.89 -20.99 -1.00
C ALA A 227 -27.12 -20.31 -0.41
N ALA A 228 -27.95 -19.67 -1.25
CA ALA A 228 -29.03 -18.82 -0.76
C ALA A 228 -30.43 -19.37 -1.02
N GLN A 229 -30.58 -20.50 -1.70
CA GLN A 229 -31.89 -21.10 -1.89
C GLN A 229 -31.97 -22.56 -1.49
N LEU A 230 -30.88 -23.32 -1.54
CA LEU A 230 -30.87 -24.68 -1.05
C LEU A 230 -30.25 -24.80 0.34
N ASP A 231 -29.62 -23.74 0.84
CA ASP A 231 -29.06 -23.68 2.18
C ASP A 231 -28.03 -24.78 2.42
N MET A 232 -26.94 -24.70 1.66
CA MET A 232 -25.85 -25.68 1.72
C MET A 232 -24.50 -24.98 1.77
N ASP A 233 -24.37 -23.98 2.65
CA ASP A 233 -23.07 -23.34 2.82
C ASP A 233 -22.13 -24.20 3.67
N ASP A 234 -22.64 -24.81 4.73
CA ASP A 234 -21.80 -25.63 5.60
C ASP A 234 -21.26 -26.86 4.88
N GLU A 235 -22.06 -27.45 3.99
CA GLU A 235 -21.58 -28.59 3.21
C GLU A 235 -20.43 -28.19 2.29
N ILE A 236 -20.53 -27.02 1.67
CA ILE A 236 -19.42 -26.53 0.85
C ILE A 236 -18.19 -26.27 1.71
N GLY A 237 -18.39 -25.71 2.91
CA GLY A 237 -17.27 -25.50 3.80
C GLY A 237 -16.57 -26.79 4.20
N PHE A 238 -17.37 -27.83 4.51
CA PHE A 238 -16.79 -29.12 4.85
C PHE A 238 -16.06 -29.72 3.65
N ARG A 239 -16.65 -29.60 2.46
CA ARG A 239 -16.02 -30.15 1.25
C ARG A 239 -14.69 -29.47 0.97
N ASN A 240 -14.62 -28.15 1.14
CA ASN A 240 -13.38 -27.43 0.83
C ASN A 240 -12.24 -27.84 1.74
N MET A 241 -12.51 -28.04 3.03
CA MET A 241 -11.45 -28.31 4.00
C MET A 241 -10.90 -29.72 3.88
N SER A 242 -11.70 -30.69 3.43
CA SER A 242 -11.31 -32.09 3.37
C SER A 242 -11.28 -32.60 1.94
N LEU A 243 -10.77 -31.79 1.01
CA LEU A 243 -10.75 -32.18 -0.40
C LEU A 243 -9.75 -33.27 -0.68
N GLY A 244 -8.69 -33.40 0.12
CA GLY A 244 -7.70 -34.45 -0.11
C GLY A 244 -8.25 -35.84 0.14
N LYS A 245 -9.06 -36.00 1.19
CA LYS A 245 -9.61 -37.30 1.53
C LYS A 245 -10.57 -37.81 0.45
N LEU A 246 -11.47 -36.94 -0.02
CA LEU A 246 -12.43 -37.36 -1.04
C LEU A 246 -11.76 -37.56 -2.39
N SER A 247 -10.75 -36.75 -2.72
CA SER A 247 -10.05 -36.89 -3.99
C SER A 247 -9.11 -38.08 -4.01
N ARG A 248 -8.76 -38.63 -2.85
CA ARG A 248 -7.85 -39.77 -2.81
C ARG A 248 -8.47 -41.01 -3.46
N LYS A 249 -9.79 -41.11 -3.45
CA LYS A 249 -10.51 -42.24 -4.03
C LYS A 249 -10.94 -41.98 -5.47
N ALA A 250 -10.41 -40.94 -6.10
CA ALA A 250 -10.77 -40.59 -7.47
C ALA A 250 -9.78 -41.08 -8.52
N ARG A 251 -8.51 -41.24 -8.16
CA ARG A 251 -7.49 -41.68 -9.10
C ARG A 251 -7.44 -43.21 -9.16
N THR A 272 -37.38 -41.78 -10.23
CA THR A 272 -36.11 -41.65 -9.53
C THR A 272 -36.32 -41.52 -8.03
N LEU A 273 -36.83 -42.57 -7.41
CA LEU A 273 -37.09 -42.55 -5.98
C LEU A 273 -35.81 -42.72 -5.15
N ASN A 274 -34.70 -43.13 -5.78
CA ASN A 274 -33.46 -43.32 -5.05
C ASN A 274 -32.85 -42.01 -4.59
N LYS A 275 -33.21 -40.89 -5.21
CA LYS A 275 -32.66 -39.61 -4.81
C LYS A 275 -33.26 -39.10 -3.49
N ILE A 276 -34.44 -39.59 -3.11
CA ILE A 276 -35.07 -39.14 -1.88
C ILE A 276 -34.31 -39.60 -0.65
N GLU A 277 -33.61 -40.74 -0.75
CA GLU A 277 -32.85 -41.25 0.39
C GLU A 277 -31.69 -40.32 0.77
N GLY A 278 -31.03 -39.75 -0.23
CA GLY A 278 -29.91 -38.84 -0.03
C GLY A 278 -30.29 -37.39 -0.29
N ASP A 279 -31.52 -37.01 0.06
CA ASP A 279 -32.01 -35.67 -0.24
C ASP A 279 -31.20 -34.60 0.47
N ASN A 280 -30.84 -34.84 1.73
CA ASN A 280 -30.13 -33.83 2.51
C ASN A 280 -28.72 -33.58 2.00
N SER A 281 -28.05 -34.62 1.51
CA SER A 281 -26.69 -34.46 1.00
C SER A 281 -26.69 -33.61 -0.27
N LEU A 282 -25.57 -32.92 -0.50
CA LEU A 282 -25.47 -32.04 -1.65
C LEU A 282 -25.10 -32.76 -2.94
N GLU A 283 -24.63 -34.01 -2.86
CA GLU A 283 -24.31 -34.76 -4.07
C GLU A 283 -25.56 -35.05 -4.88
N ALA A 284 -26.65 -35.40 -4.22
CA ALA A 284 -27.91 -35.61 -4.93
C ALA A 284 -28.39 -34.32 -5.59
N ALA A 285 -28.26 -33.18 -4.90
CA ALA A 285 -28.64 -31.91 -5.48
C ALA A 285 -27.80 -31.58 -6.70
N ASP A 286 -26.48 -31.83 -6.63
CA ASP A 286 -25.62 -31.58 -7.77
C ASP A 286 -26.00 -32.46 -8.96
N PHE A 287 -26.30 -33.73 -8.69
CA PHE A 287 -26.73 -34.65 -9.75
C PHE A 287 -28.02 -34.18 -10.40
N ARG A 288 -28.99 -33.77 -9.58
CA ARG A 288 -30.26 -33.28 -10.12
C ARG A 288 -30.06 -32.03 -10.98
N TRP A 289 -29.24 -31.09 -10.50
CA TRP A 289 -28.98 -29.88 -11.27
C TRP A 289 -28.33 -30.20 -12.60
N LYS A 290 -27.34 -31.11 -12.60
CA LYS A 290 -26.69 -31.47 -13.84
C LYS A 290 -27.65 -32.11 -14.82
N ALA A 291 -28.52 -33.01 -14.35
CA ALA A 291 -29.50 -33.62 -15.24
C ALA A 291 -30.46 -32.58 -15.82
N LYS A 292 -30.96 -31.68 -14.97
CA LYS A 292 -31.89 -30.66 -15.45
C LYS A 292 -31.24 -29.76 -16.49
N MET A 293 -29.98 -29.39 -16.28
CA MET A 293 -29.27 -28.59 -17.28
C MET A 293 -29.04 -29.38 -18.56
N ASN A 294 -28.78 -30.68 -18.45
CA ASN A 294 -28.57 -31.49 -19.66
C ASN A 294 -29.83 -31.63 -20.49
N GLN A 295 -31.01 -31.61 -19.85
CA GLN A 295 -32.24 -31.86 -20.60
C GLN A 295 -32.61 -30.71 -21.55
N LEU A 296 -31.93 -29.57 -21.47
CA LEU A 296 -32.35 -28.40 -22.24
C LEU A 296 -32.09 -28.58 -23.73
N SER A 297 -32.56 -27.60 -24.51
CA SER A 297 -32.40 -27.44 -25.94
C SER A 297 -31.84 -26.07 -26.26
N PRO A 298 -31.22 -25.88 -27.43
CA PRO A 298 -30.48 -24.62 -27.67
C PRO A 298 -31.32 -23.36 -27.56
N LEU A 299 -32.60 -23.41 -27.94
CA LEU A 299 -33.43 -22.21 -27.88
C LEU A 299 -33.58 -21.70 -26.46
N GLU A 300 -33.76 -22.59 -25.49
CA GLU A 300 -33.88 -22.17 -24.10
C GLU A 300 -32.54 -21.67 -23.54
N ARG A 301 -31.42 -22.22 -24.02
CA ARG A 301 -30.12 -21.68 -23.64
C ARG A 301 -29.98 -20.23 -24.11
N VAL A 302 -30.35 -19.98 -25.37
CA VAL A 302 -30.32 -18.62 -25.90
C VAL A 302 -31.24 -17.72 -25.09
N ARG A 303 -32.42 -18.23 -24.73
CA ARG A 303 -33.38 -17.44 -23.96
C ARG A 303 -32.81 -17.04 -22.59
N HIS A 304 -32.18 -18.00 -21.90
CA HIS A 304 -31.59 -17.69 -20.59
C HIS A 304 -30.48 -16.65 -20.71
N ILE A 305 -29.57 -16.84 -21.67
CA ILE A 305 -28.45 -15.92 -21.80
C ILE A 305 -28.93 -14.53 -22.18
N ALA A 306 -29.90 -14.45 -23.10
CA ALA A 306 -30.45 -13.17 -23.51
C ALA A 306 -31.13 -12.46 -22.34
N LEU A 307 -31.90 -13.18 -21.54
CA LEU A 307 -32.56 -12.54 -20.40
C LEU A 307 -31.53 -12.00 -19.42
N TYR A 308 -30.49 -12.77 -19.12
CA TYR A 308 -29.48 -12.27 -18.19
C TYR A 308 -28.78 -11.03 -18.73
N LEU A 309 -28.39 -11.05 -20.01
CA LEU A 309 -27.70 -9.91 -20.58
C LEU A 309 -28.59 -8.67 -20.59
N LEU A 310 -29.86 -8.84 -20.96
CA LEU A 310 -30.77 -7.70 -20.98
C LEU A 310 -30.96 -7.12 -19.58
N CYS A 311 -31.05 -7.98 -18.57
CA CYS A 311 -31.17 -7.48 -17.20
C CYS A 311 -29.91 -6.75 -16.76
N TRP A 312 -28.73 -7.27 -17.12
CA TRP A 312 -27.48 -6.65 -16.69
C TRP A 312 -27.25 -5.30 -17.35
N GLY A 313 -27.55 -5.20 -18.65
CA GLY A 313 -27.20 -4.02 -19.41
C GLY A 313 -28.03 -2.78 -19.15
N GLU A 314 -29.04 -2.87 -18.29
CA GLU A 314 -29.90 -1.74 -17.98
C GLU A 314 -29.75 -1.24 -16.55
N ALA A 315 -29.43 -2.13 -15.61
CA ALA A 315 -29.12 -1.69 -14.25
C ALA A 315 -27.80 -0.93 -14.25
N ASN A 316 -27.79 0.27 -13.67
CA ASN A 316 -26.64 1.15 -13.83
C ASN A 316 -25.70 1.10 -12.63
N GLN A 317 -26.22 1.28 -11.43
CA GLN A 317 -25.39 1.34 -10.24
C GLN A 317 -25.59 0.18 -9.28
N VAL A 318 -26.67 -0.60 -9.42
CA VAL A 318 -26.77 -1.88 -8.70
C VAL A 318 -25.94 -2.95 -9.37
N ARG A 319 -25.22 -2.62 -10.43
CA ARG A 319 -24.24 -3.51 -11.03
C ARG A 319 -23.08 -3.79 -10.09
N PHE A 320 -22.84 -2.92 -9.11
CA PHE A 320 -21.79 -3.16 -8.12
C PHE A 320 -22.16 -4.24 -7.13
N THR A 321 -23.45 -4.58 -7.01
CA THR A 321 -23.92 -5.63 -6.12
C THR A 321 -24.47 -6.75 -6.99
N ALA A 322 -23.73 -7.87 -7.06
CA ALA A 322 -24.07 -8.95 -7.98
C ALA A 322 -25.24 -9.79 -7.47
N GLU A 323 -25.40 -9.96 -6.16
CA GLU A 323 -26.43 -10.85 -5.65
C GLU A 323 -27.82 -10.22 -5.75
N CYS A 324 -27.92 -8.90 -5.66
CA CYS A 324 -29.19 -8.24 -5.96
C CYS A 324 -29.59 -8.51 -7.41
N LEU A 325 -28.62 -8.45 -8.32
CA LEU A 325 -28.90 -8.72 -9.72
C LEU A 325 -29.33 -10.17 -9.92
N CYS A 326 -28.69 -11.11 -9.22
CA CYS A 326 -29.10 -12.51 -9.31
C CYS A 326 -30.53 -12.71 -8.79
N PHE A 327 -30.88 -12.06 -7.68
CA PHE A 327 -32.23 -12.16 -7.15
C PHE A 327 -33.25 -11.61 -8.13
N ILE A 328 -32.95 -10.44 -8.73
CA ILE A 328 -33.85 -9.85 -9.71
C ILE A 328 -34.03 -10.78 -10.91
N TYR A 329 -32.93 -11.36 -11.39
CA TYR A 329 -32.99 -12.26 -12.54
C TYR A 329 -33.83 -13.49 -12.23
N LYS A 330 -33.65 -14.07 -11.03
CA LYS A 330 -34.44 -15.24 -10.65
C LYS A 330 -35.92 -14.91 -10.57
N CYS A 331 -36.27 -13.76 -9.98
CA CYS A 331 -37.67 -13.37 -9.89
C CYS A 331 -38.26 -13.15 -11.28
N ALA A 332 -37.51 -12.49 -12.17
CA ALA A 332 -38.00 -12.22 -13.52
C ALA A 332 -38.21 -13.52 -14.29
N LEU A 333 -37.28 -14.46 -14.20
CA LEU A 333 -37.43 -15.73 -14.89
C LEU A 333 -38.64 -16.51 -14.35
N ASP A 334 -38.82 -16.51 -13.03
CA ASP A 334 -39.97 -17.20 -12.44
C ASP A 334 -41.28 -16.60 -12.92
N TYR A 335 -41.36 -15.26 -12.98
CA TYR A 335 -42.57 -14.64 -13.51
C TYR A 335 -42.76 -14.96 -14.98
N LEU A 336 -41.68 -14.97 -15.76
CA LEU A 336 -41.79 -15.18 -17.20
C LEU A 336 -42.30 -16.59 -17.50
N ASP A 337 -41.80 -17.60 -16.78
CA ASP A 337 -42.23 -18.97 -17.03
C ASP A 337 -43.64 -19.26 -16.53
N SER A 338 -44.25 -18.34 -15.79
CA SER A 338 -45.61 -18.54 -15.31
C SER A 338 -46.59 -18.54 -16.47
N PRO A 339 -47.72 -19.23 -16.35
CA PRO A 339 -48.71 -19.23 -17.43
C PRO A 339 -49.65 -18.03 -17.36
N LEU A 340 -49.28 -17.04 -16.57
CA LEU A 340 -50.02 -15.78 -16.49
C LEU A 340 -49.51 -14.74 -17.48
N CYS A 341 -48.19 -14.69 -17.72
CA CYS A 341 -47.65 -13.73 -18.68
C CYS A 341 -47.95 -14.14 -20.11
N GLN A 342 -48.21 -15.42 -20.35
CA GLN A 342 -48.42 -15.91 -21.71
C GLN A 342 -49.84 -15.75 -22.22
N GLN A 343 -50.74 -15.20 -21.40
CA GLN A 343 -52.13 -14.99 -21.81
C GLN A 343 -52.51 -13.52 -21.88
N ARG A 344 -51.65 -12.62 -21.41
CA ARG A 344 -51.96 -11.20 -21.45
C ARG A 344 -51.86 -10.67 -22.88
N GLN A 345 -52.71 -9.68 -23.18
CA GLN A 345 -52.75 -9.09 -24.51
C GLN A 345 -52.12 -7.70 -24.57
N GLU A 346 -51.81 -7.09 -23.43
CA GLU A 346 -51.32 -5.72 -23.41
C GLU A 346 -49.82 -5.69 -23.18
N PRO A 347 -49.02 -5.23 -24.13
CA PRO A 347 -47.58 -5.06 -23.88
C PRO A 347 -47.35 -4.01 -22.81
N MET A 348 -46.33 -4.23 -21.98
CA MET A 348 -46.03 -3.31 -20.90
C MET A 348 -45.48 -2.00 -21.46
N PRO A 349 -45.75 -0.88 -20.79
CA PRO A 349 -45.22 0.40 -21.24
C PRO A 349 -43.69 0.42 -21.22
N GLU A 350 -43.12 1.15 -22.17
CA GLU A 350 -41.67 1.23 -22.28
C GLU A 350 -41.06 1.86 -21.04
N GLY A 351 -39.91 1.34 -20.63
CA GLY A 351 -39.20 1.89 -19.49
C GLY A 351 -39.78 1.54 -18.14
N ASP A 352 -40.72 0.59 -18.07
CA ASP A 352 -41.31 0.24 -16.80
C ASP A 352 -40.30 -0.44 -15.87
N PHE A 353 -39.47 -1.32 -16.42
CA PHE A 353 -38.51 -2.05 -15.60
C PHE A 353 -37.55 -1.08 -14.92
N LEU A 354 -36.91 -0.21 -15.71
CA LEU A 354 -35.93 0.73 -15.17
C LEU A 354 -36.48 1.47 -13.95
N ASN A 355 -37.54 2.24 -14.16
CA ASN A 355 -38.12 2.98 -13.05
C ASN A 355 -38.50 2.05 -11.91
N ARG A 356 -39.50 1.19 -12.17
CA ARG A 356 -40.20 0.50 -11.08
C ARG A 356 -39.28 -0.39 -10.27
N VAL A 357 -38.20 -0.92 -10.86
CA VAL A 357 -37.34 -1.85 -10.16
C VAL A 357 -36.05 -1.18 -9.70
N ILE A 358 -35.37 -0.44 -10.58
CA ILE A 358 -34.05 0.06 -10.24
C ILE A 358 -34.13 1.33 -9.41
N THR A 359 -35.07 2.23 -9.72
CA THR A 359 -34.99 3.58 -9.14
C THR A 359 -34.97 3.62 -7.61
N PRO A 360 -35.81 2.88 -6.88
CA PRO A 360 -35.76 2.99 -5.41
C PRO A 360 -34.42 2.62 -4.78
N ILE A 361 -33.70 1.65 -5.33
CA ILE A 361 -32.40 1.29 -4.76
C ILE A 361 -31.41 2.44 -4.94
N TYR A 362 -31.41 3.07 -6.12
CA TYR A 362 -30.55 4.24 -6.33
C TYR A 362 -30.95 5.38 -5.40
N HIS A 363 -32.25 5.57 -5.18
CA HIS A 363 -32.69 6.61 -4.26
C HIS A 363 -32.20 6.34 -2.85
N PHE A 364 -32.27 5.08 -2.40
CA PHE A 364 -31.74 4.71 -1.10
C PHE A 364 -30.24 5.02 -1.01
N ILE A 365 -29.49 4.62 -2.04
CA ILE A 365 -28.05 4.85 -2.04
C ILE A 365 -27.73 6.33 -1.97
N ARG A 366 -28.44 7.15 -2.75
CA ARG A 366 -28.16 8.58 -2.76
C ARG A 366 -28.53 9.22 -1.43
N ASN A 367 -29.71 8.90 -0.90
CA ASN A 367 -30.14 9.50 0.36
C ASN A 367 -29.32 9.04 1.54
N GLN A 368 -28.57 7.94 1.41
CA GLN A 368 -27.74 7.53 2.53
C GLN A 368 -26.55 8.45 2.74
N VAL A 369 -26.07 9.12 1.68
CA VAL A 369 -24.85 9.92 1.76
C VAL A 369 -25.14 11.40 1.57
N TYR A 370 -26.05 11.76 0.67
CA TYR A 370 -26.35 13.15 0.35
C TYR A 370 -27.56 13.65 1.12
N GLU A 371 -27.90 14.91 0.89
CA GLU A 371 -29.05 15.55 1.51
C GLU A 371 -29.45 16.76 0.67
N ILE A 372 -30.76 16.98 0.54
CA ILE A 372 -31.29 18.04 -0.30
C ILE A 372 -31.63 19.23 0.59
N VAL A 373 -31.02 20.38 0.29
CA VAL A 373 -31.34 21.63 0.96
C VAL A 373 -31.35 22.75 -0.07
N ASP A 374 -32.41 23.57 -0.05
CA ASP A 374 -32.52 24.77 -0.88
C ASP A 374 -32.27 24.47 -2.36
N GLY A 375 -32.79 23.34 -2.82
CA GLY A 375 -32.78 23.01 -4.23
C GLY A 375 -31.54 22.31 -4.75
N ARG A 376 -30.50 22.16 -3.93
CA ARG A 376 -29.30 21.43 -4.32
C ARG A 376 -29.05 20.30 -3.34
N PHE A 377 -27.95 19.58 -3.56
CA PHE A 377 -27.59 18.43 -2.72
C PHE A 377 -26.23 18.69 -2.10
N VAL A 378 -26.16 18.59 -0.77
CA VAL A 378 -24.93 18.75 -0.03
C VAL A 378 -24.71 17.53 0.85
N LYS A 379 -23.45 17.23 1.15
CA LYS A 379 -23.11 16.04 1.90
C LYS A 379 -23.48 16.19 3.37
N ARG A 380 -23.65 15.06 4.03
CA ARG A 380 -24.00 15.02 5.45
C ARG A 380 -22.74 14.96 6.30
N GLU A 381 -22.91 15.31 7.58
CA GLU A 381 -21.84 15.26 8.57
C GLU A 381 -22.13 14.08 9.50
N ARG A 382 -21.66 12.90 9.11
CA ARG A 382 -21.84 11.70 9.91
C ARG A 382 -20.62 10.79 9.76
N ASP A 383 -20.45 9.90 10.73
CA ASP A 383 -19.37 8.94 10.75
C ASP A 383 -19.73 7.70 9.92
N HIS A 384 -18.70 7.01 9.45
CA HIS A 384 -18.90 5.83 8.60
C HIS A 384 -19.56 4.68 9.34
N ASN A 385 -19.64 4.73 10.66
CA ASN A 385 -20.20 3.63 11.43
C ASN A 385 -21.72 3.57 11.35
N LYS A 386 -22.36 4.53 10.67
CA LYS A 386 -23.81 4.55 10.57
C LYS A 386 -24.32 4.56 9.14
N ILE A 387 -23.46 4.67 8.13
CA ILE A 387 -23.89 4.70 6.74
C ILE A 387 -23.83 3.29 6.18
N VAL A 388 -24.63 3.05 5.15
CA VAL A 388 -24.79 1.73 4.54
C VAL A 388 -24.57 1.87 3.04
N GLY A 389 -23.58 1.17 2.51
CA GLY A 389 -23.36 1.26 1.08
C GLY A 389 -22.54 0.18 0.41
N TYR A 390 -23.10 -0.42 -0.65
CA TYR A 390 -22.43 -1.24 -1.65
C TYR A 390 -21.90 -2.57 -1.13
N ASP A 391 -22.00 -2.84 0.15
CA ASP A 391 -21.59 -4.15 0.66
C ASP A 391 -22.63 -4.76 1.59
N ASP A 392 -23.31 -3.95 2.39
CA ASP A 392 -24.36 -4.47 3.24
C ASP A 392 -25.51 -5.05 2.42
N LEU A 393 -25.75 -4.51 1.23
CA LEU A 393 -26.77 -5.06 0.34
C LEU A 393 -26.41 -6.49 -0.08
N ASN A 394 -25.20 -6.68 -0.57
CA ASN A 394 -24.73 -8.03 -0.92
C ASN A 394 -24.82 -8.96 0.27
N GLN A 395 -24.29 -8.52 1.42
CA GLN A 395 -24.26 -9.41 2.59
C GLN A 395 -25.67 -9.80 3.00
N LEU A 396 -26.63 -8.88 2.87
CA LEU A 396 -28.01 -9.24 3.16
C LEU A 396 -28.52 -10.29 2.17
N PHE A 397 -28.13 -10.18 0.91
CA PHE A 397 -28.63 -11.13 -0.08
C PHE A 397 -27.86 -12.44 -0.09
N TRP A 398 -26.81 -12.59 0.72
CA TRP A 398 -26.04 -13.82 0.72
C TRP A 398 -26.78 -14.97 1.41
N TYR A 399 -27.42 -14.69 2.57
CA TYR A 399 -27.99 -15.74 3.40
C TYR A 399 -29.50 -15.87 3.18
N PRO A 400 -30.06 -17.07 3.36
CA PRO A 400 -31.51 -17.23 3.24
C PRO A 400 -32.31 -16.66 4.41
N GLU A 401 -31.66 -16.30 5.52
CA GLU A 401 -32.37 -15.69 6.63
C GLU A 401 -32.49 -14.18 6.49
N GLY A 402 -31.78 -13.58 5.54
CA GLY A 402 -31.90 -12.15 5.29
C GLY A 402 -32.97 -11.83 4.27
N ILE A 403 -33.19 -12.74 3.33
CA ILE A 403 -34.23 -12.55 2.33
C ILE A 403 -35.60 -12.54 2.98
N ALA A 404 -35.77 -13.22 4.11
CA ALA A 404 -37.04 -13.21 4.82
C ALA A 404 -37.33 -11.87 5.48
N LYS A 405 -36.39 -10.94 5.50
CA LYS A 405 -36.60 -9.62 6.08
C LYS A 405 -37.18 -8.61 5.09
N ILE A 406 -37.40 -9.00 3.84
CA ILE A 406 -38.00 -8.10 2.86
C ILE A 406 -39.45 -7.87 3.23
N VAL A 407 -39.83 -6.62 3.44
CA VAL A 407 -41.14 -6.26 3.97
C VAL A 407 -41.87 -5.39 2.95
N LEU A 408 -43.13 -5.69 2.72
CA LEU A 408 -43.96 -4.90 1.82
C LEU A 408 -44.52 -3.68 2.56
N GLU A 409 -45.27 -2.86 1.82
CA GLU A 409 -45.82 -1.64 2.40
C GLU A 409 -46.98 -1.93 3.35
N ASP A 410 -47.73 -3.00 3.12
CA ASP A 410 -48.83 -3.38 4.00
C ASP A 410 -48.36 -3.98 5.31
N GLY A 411 -47.07 -4.28 5.44
CA GLY A 411 -46.53 -4.94 6.60
C GLY A 411 -46.25 -6.42 6.41
N THR A 412 -46.74 -7.01 5.33
CA THR A 412 -46.50 -8.43 5.09
C THR A 412 -45.06 -8.63 4.62
N LYS A 413 -44.75 -9.87 4.26
CA LYS A 413 -43.42 -10.23 3.79
C LYS A 413 -43.49 -10.72 2.35
N LEU A 414 -42.39 -10.51 1.61
CA LEU A 414 -42.37 -10.87 0.19
C LEU A 414 -42.46 -12.38 -0.01
N ILE A 415 -41.83 -13.17 0.85
CA ILE A 415 -41.75 -14.62 0.62
C ILE A 415 -43.06 -15.34 0.90
N GLU A 416 -44.05 -14.68 1.51
CA GLU A 416 -45.34 -15.31 1.71
C GLU A 416 -46.12 -15.47 0.41
N LEU A 417 -45.82 -14.65 -0.59
CA LEU A 417 -46.52 -14.74 -1.87
C LEU A 417 -46.03 -15.95 -2.66
N PRO A 418 -46.82 -16.42 -3.62
CA PRO A 418 -46.37 -17.51 -4.49
C PRO A 418 -45.17 -17.08 -5.33
N LEU A 419 -44.50 -18.08 -5.89
CA LEU A 419 -43.22 -17.85 -6.58
C LEU A 419 -43.36 -17.10 -7.89
N GLU A 420 -44.55 -17.10 -8.49
CA GLU A 420 -44.76 -16.53 -9.83
C GLU A 420 -45.46 -15.18 -9.78
N GLU A 421 -45.37 -14.47 -8.65
CA GLU A 421 -46.09 -13.23 -8.48
C GLU A 421 -45.24 -12.12 -7.87
N ARG A 422 -44.02 -12.41 -7.43
CA ARG A 422 -43.18 -11.46 -6.73
C ARG A 422 -42.45 -10.49 -7.65
N TYR A 423 -42.86 -10.31 -8.90
CA TYR A 423 -42.21 -9.36 -9.79
C TYR A 423 -42.89 -8.00 -9.82
N LEU A 424 -43.94 -7.80 -9.05
CA LEU A 424 -44.63 -6.51 -8.96
C LEU A 424 -44.54 -5.93 -7.55
N ARG A 425 -44.89 -6.72 -6.55
CA ARG A 425 -44.67 -6.28 -5.18
C ARG A 425 -43.18 -6.07 -4.91
N LEU A 426 -42.31 -6.64 -5.74
CA LEU A 426 -40.89 -6.27 -5.70
C LEU A 426 -40.71 -4.79 -6.01
N GLY A 427 -41.46 -4.27 -6.98
CA GLY A 427 -41.49 -2.84 -7.20
C GLY A 427 -42.21 -2.08 -6.11
N ASP A 428 -43.07 -2.76 -5.33
CA ASP A 428 -43.77 -2.13 -4.22
C ASP A 428 -43.10 -2.37 -2.86
N VAL A 429 -41.77 -2.49 -2.81
CA VAL A 429 -41.04 -2.82 -1.60
C VAL A 429 -40.35 -1.56 -1.07
N VAL A 430 -40.45 -1.33 0.23
CA VAL A 430 -39.75 -0.24 0.89
C VAL A 430 -38.40 -0.74 1.40
N TRP A 431 -37.32 -0.10 0.96
CA TRP A 431 -35.97 -0.54 1.28
C TRP A 431 -35.38 0.16 2.50
N ASP A 432 -36.14 1.00 3.18
CA ASP A 432 -35.61 1.69 4.36
C ASP A 432 -35.54 0.78 5.57
N ASP A 433 -36.49 -0.14 5.73
CA ASP A 433 -36.59 -1.00 6.89
C ASP A 433 -36.01 -2.39 6.63
N VAL A 434 -35.04 -2.51 5.73
CA VAL A 434 -34.48 -3.81 5.39
C VAL A 434 -32.97 -3.83 5.63
N PHE A 435 -32.24 -2.98 4.92
CA PHE A 435 -30.79 -3.00 5.01
C PHE A 435 -30.30 -2.47 6.36
N PHE A 436 -29.14 -2.97 6.78
CA PHE A 436 -28.52 -2.53 8.03
C PHE A 436 -27.02 -2.62 7.88
N LYS A 437 -26.31 -2.22 8.94
CA LYS A 437 -24.85 -2.28 8.99
C LYS A 437 -24.40 -3.67 9.39
N THR A 438 -23.39 -4.20 8.70
CA THR A 438 -22.96 -5.57 8.91
C THR A 438 -21.48 -5.71 9.29
N TYR A 439 -20.75 -4.61 9.41
CA TYR A 439 -19.35 -4.67 9.82
C TYR A 439 -18.95 -3.29 10.32
N LYS A 440 -18.70 -3.17 11.62
CA LYS A 440 -18.32 -1.90 12.23
C LYS A 440 -16.83 -1.89 12.50
N GLU A 441 -16.15 -0.82 12.11
CA GLU A 441 -14.70 -0.70 12.25
C GLU A 441 -14.36 0.64 12.90
N THR A 442 -14.25 0.68 14.23
CA THR A 442 -13.73 1.87 14.91
C THR A 442 -12.64 1.46 15.93
N ARG A 443 -11.43 1.22 15.41
CA ARG A 443 -10.22 1.07 16.21
C ARG A 443 -9.02 0.81 15.30
N THR A 444 -7.82 0.73 15.88
CA THR A 444 -6.64 0.36 15.12
C THR A 444 -5.88 -0.83 15.68
N TRP A 445 -5.74 -0.97 17.00
CA TRP A 445 -5.00 -2.09 17.57
C TRP A 445 -5.86 -3.32 17.83
N LEU A 446 -7.18 -3.17 17.98
CA LEU A 446 -8.05 -4.35 18.04
C LEU A 446 -8.01 -5.14 16.74
N HIS A 447 -8.06 -4.43 15.61
CA HIS A 447 -7.96 -5.10 14.32
C HIS A 447 -6.62 -5.81 14.18
N LEU A 448 -5.53 -5.14 14.58
CA LEU A 448 -4.22 -5.75 14.49
C LEU A 448 -4.13 -6.99 15.36
N VAL A 449 -4.65 -6.93 16.59
CA VAL A 449 -4.56 -8.07 17.51
C VAL A 449 -5.36 -9.25 16.96
N THR A 450 -6.56 -8.99 16.44
CA THR A 450 -7.39 -10.10 15.97
C THR A 450 -6.88 -10.70 14.67
N ASN A 451 -6.39 -9.87 13.76
CA ASN A 451 -6.09 -10.34 12.40
C ASN A 451 -4.85 -11.24 12.35
N PHE A 452 -3.81 -10.95 13.11
CA PHE A 452 -2.56 -11.68 12.97
C PHE A 452 -2.16 -12.44 14.24
N ASN A 453 -3.10 -13.13 14.88
CA ASN A 453 -2.79 -13.81 16.13
C ASN A 453 -2.12 -15.16 15.91
N ARG A 454 -1.10 -15.19 15.08
CA ARG A 454 -0.19 -16.32 14.92
C ARG A 454 1.26 -15.89 15.12
N ILE A 455 1.65 -14.76 14.52
CA ILE A 455 3.00 -14.23 14.69
C ILE A 455 3.29 -14.00 16.16
N TRP A 456 2.34 -13.39 16.86
CA TRP A 456 2.56 -13.06 18.26
C TRP A 456 2.54 -14.28 19.14
N VAL A 457 1.71 -15.28 18.82
CA VAL A 457 1.76 -16.53 19.58
C VAL A 457 3.14 -17.14 19.51
N MET A 458 3.67 -17.32 18.30
CA MET A 458 5.01 -17.91 18.18
C MET A 458 6.03 -17.08 18.93
N HIS A 459 6.08 -15.78 18.66
CA HIS A 459 7.18 -14.96 19.16
C HIS A 459 7.13 -14.88 20.68
N ILE A 460 5.99 -14.52 21.25
CA ILE A 460 5.90 -14.34 22.69
C ILE A 460 6.15 -15.67 23.41
N SER A 461 5.56 -16.76 22.92
CA SER A 461 5.72 -18.03 23.61
C SER A 461 7.18 -18.48 23.63
N ILE A 462 7.86 -18.41 22.49
CA ILE A 462 9.23 -18.88 22.44
C ILE A 462 10.14 -17.96 23.25
N PHE A 463 9.88 -16.64 23.22
CA PHE A 463 10.70 -15.73 24.02
C PHE A 463 10.55 -16.04 25.51
N TRP A 464 9.32 -16.26 25.97
CA TRP A 464 9.13 -16.60 27.39
C TRP A 464 9.85 -17.90 27.73
N MET A 465 9.75 -18.91 26.88
CA MET A 465 10.42 -20.18 27.18
C MET A 465 11.92 -19.98 27.32
N TYR A 466 12.54 -19.30 26.35
CA TYR A 466 13.98 -19.06 26.40
C TYR A 466 14.37 -18.31 27.67
N PHE A 467 13.72 -17.17 27.91
CA PHE A 467 14.11 -16.30 29.02
C PHE A 467 13.87 -16.96 30.37
N ALA A 468 12.82 -17.76 30.50
CA ALA A 468 12.57 -18.44 31.76
C ALA A 468 13.52 -19.62 31.97
N TYR A 469 13.98 -20.25 30.89
CA TYR A 469 14.96 -21.33 31.07
C TYR A 469 16.31 -20.77 31.48
N ASN A 470 16.74 -19.65 30.87
CA ASN A 470 18.08 -19.13 31.10
C ASN A 470 18.15 -18.08 32.20
N SER A 471 17.28 -18.15 33.20
CA SER A 471 17.33 -17.25 34.36
C SER A 471 17.10 -18.07 35.63
N PRO A 472 18.06 -18.94 35.99
CA PRO A 472 17.86 -19.79 37.16
C PRO A 472 17.82 -19.04 38.48
N THR A 473 18.33 -17.81 38.52
CA THR A 473 18.38 -17.08 39.79
C THR A 473 17.02 -16.53 40.21
N PHE A 474 16.02 -16.59 39.33
CA PHE A 474 14.71 -16.02 39.66
C PHE A 474 13.98 -16.88 40.69
N TYR A 475 13.99 -18.20 40.49
CA TYR A 475 13.38 -19.14 41.42
C TYR A 475 14.39 -19.76 42.38
N THR A 476 15.64 -19.33 42.35
CA THR A 476 16.61 -19.77 43.33
C THR A 476 16.31 -19.13 44.68
N HIS A 477 16.34 -19.94 45.74
CA HIS A 477 16.13 -19.47 47.10
C HIS A 477 17.47 -19.35 47.81
N ASN A 478 17.71 -18.19 48.43
CA ASN A 478 18.92 -17.93 49.22
C ASN A 478 20.17 -18.14 48.38
N TYR A 479 20.30 -17.33 47.33
CA TYR A 479 21.47 -17.38 46.47
C TYR A 479 22.67 -16.75 47.16
N GLN A 480 23.85 -17.30 46.92
CA GLN A 480 25.09 -16.79 47.49
C GLN A 480 26.12 -16.60 46.38
N GLN A 481 26.96 -15.58 46.53
CA GLN A 481 27.91 -15.23 45.48
C GLN A 481 28.99 -16.28 45.31
N LEU A 482 29.34 -17.01 46.37
CA LEU A 482 30.40 -18.00 46.31
C LEU A 482 29.95 -19.43 46.59
N VAL A 483 28.79 -19.62 47.22
CA VAL A 483 28.28 -20.97 47.48
C VAL A 483 27.55 -21.50 46.26
N ASP A 484 26.68 -20.69 45.66
CA ASP A 484 25.98 -21.02 44.43
C ASP A 484 25.15 -22.31 44.58
N ASN A 485 24.17 -22.24 45.48
CA ASN A 485 23.27 -23.37 45.69
C ASN A 485 22.42 -23.61 44.44
N GLN A 486 22.11 -24.89 44.20
CA GLN A 486 21.44 -25.33 42.99
C GLN A 486 19.98 -25.68 43.26
N PRO A 487 19.04 -25.24 42.43
CA PRO A 487 17.64 -25.62 42.62
C PRO A 487 17.33 -26.96 41.96
N LEU A 488 16.04 -27.32 41.96
CA LEU A 488 15.57 -28.50 41.26
C LEU A 488 15.09 -28.13 39.85
N ALA A 489 14.78 -29.15 39.05
CA ALA A 489 14.35 -28.94 37.68
C ALA A 489 12.85 -28.68 37.56
N ALA A 490 12.09 -29.02 38.60
CA ALA A 490 10.64 -28.82 38.56
C ALA A 490 10.29 -27.35 38.32
N TYR A 491 11.08 -26.43 38.87
CA TYR A 491 10.79 -25.00 38.68
C TYR A 491 10.99 -24.57 37.24
N LYS A 492 12.07 -25.02 36.59
CA LYS A 492 12.26 -24.69 35.18
C LYS A 492 11.13 -25.24 34.33
N TRP A 493 10.74 -26.50 34.58
CA TRP A 493 9.68 -27.10 33.79
C TRP A 493 8.36 -26.35 34.00
N ALA A 494 8.08 -25.95 35.24
CA ALA A 494 6.87 -25.18 35.51
C ALA A 494 6.91 -23.83 34.78
N SER A 495 8.09 -23.22 34.68
CA SER A 495 8.20 -21.96 33.96
C SER A 495 7.85 -22.12 32.48
N CYS A 496 8.36 -23.17 31.85
CA CYS A 496 8.04 -23.39 30.44
C CYS A 496 6.54 -23.65 30.24
N ALA A 497 5.95 -24.44 31.14
CA ALA A 497 4.52 -24.66 31.05
C ALA A 497 3.72 -23.36 31.24
N LEU A 498 4.24 -22.45 32.07
CA LEU A 498 3.62 -21.14 32.18
C LEU A 498 3.66 -20.39 30.85
N GLY A 499 4.73 -20.59 30.09
CA GLY A 499 4.77 -20.04 28.74
C GLY A 499 3.63 -20.56 27.86
N GLY A 500 3.38 -21.87 27.93
CA GLY A 500 2.22 -22.41 27.22
C GLY A 500 0.92 -21.75 27.66
N THR A 501 0.78 -21.51 28.97
CA THR A 501 -0.41 -20.84 29.48
C THR A 501 -0.56 -19.43 28.89
N VAL A 502 0.55 -18.70 28.75
CA VAL A 502 0.44 -17.35 28.22
C VAL A 502 0.01 -17.38 26.76
N ALA A 503 0.43 -18.40 26.01
CA ALA A 503 -0.08 -18.53 24.64
C ALA A 503 -1.61 -18.71 24.63
N SER A 504 -2.13 -19.57 25.51
CA SER A 504 -3.58 -19.75 25.57
C SER A 504 -4.29 -18.44 25.92
N LEU A 505 -3.71 -17.65 26.83
CA LEU A 505 -4.30 -16.36 27.20
C LEU A 505 -4.34 -15.41 26.01
N ILE A 506 -3.28 -15.39 25.20
CA ILE A 506 -3.28 -14.58 23.98
C ILE A 506 -4.47 -14.94 23.10
N GLN A 507 -4.71 -16.24 22.93
CA GLN A 507 -5.81 -16.68 22.08
C GLN A 507 -7.16 -16.21 22.62
N ILE A 508 -7.35 -16.29 23.94
CA ILE A 508 -8.62 -15.82 24.52
C ILE A 508 -8.82 -14.33 24.25
N VAL A 509 -7.77 -13.53 24.43
CA VAL A 509 -7.89 -12.09 24.19
C VAL A 509 -8.26 -11.83 22.72
N ALA A 510 -7.65 -12.56 21.80
CA ALA A 510 -7.97 -12.38 20.38
C ALA A 510 -9.44 -12.66 20.10
N THR A 511 -9.99 -13.74 20.68
CA THR A 511 -11.39 -14.03 20.40
C THR A 511 -12.32 -13.00 21.04
N LEU A 512 -11.93 -12.41 22.17
CA LEU A 512 -12.75 -11.33 22.74
C LEU A 512 -12.78 -10.11 21.81
N CYS A 513 -11.61 -9.74 21.27
CA CYS A 513 -11.57 -8.63 20.32
C CYS A 513 -12.43 -8.94 19.09
N GLU A 514 -12.37 -10.18 18.59
CA GLU A 514 -13.20 -10.55 17.45
C GLU A 514 -14.68 -10.46 17.79
N TRP A 515 -15.08 -10.82 19.01
CA TRP A 515 -16.47 -10.63 19.40
C TRP A 515 -16.85 -9.16 19.34
N SER A 516 -15.95 -8.28 19.76
CA SER A 516 -16.21 -6.85 19.59
C SER A 516 -16.23 -6.42 18.12
N PHE A 517 -15.66 -7.24 17.23
CA PHE A 517 -15.45 -6.84 15.84
C PHE A 517 -16.76 -6.69 15.07
N VAL A 518 -17.64 -7.68 15.16
CA VAL A 518 -18.73 -7.92 14.21
C VAL A 518 -20.08 -7.55 14.83
N PRO A 519 -21.18 -7.49 14.05
CA PRO A 519 -22.48 -7.14 14.67
C PRO A 519 -23.07 -8.26 15.51
N ARG A 520 -24.29 -8.04 16.00
CA ARG A 520 -24.79 -8.83 17.12
C ARG A 520 -25.30 -10.21 16.70
N LYS A 521 -26.34 -10.26 15.88
CA LYS A 521 -27.08 -11.49 15.64
C LYS A 521 -27.33 -11.71 14.15
N TRP A 522 -26.29 -11.60 13.34
CA TRP A 522 -26.40 -11.82 11.90
C TRP A 522 -25.48 -12.97 11.50
N ALA A 523 -25.99 -14.19 11.62
CA ALA A 523 -25.35 -15.39 11.07
C ALA A 523 -23.98 -15.69 11.68
N GLY A 524 -23.58 -14.91 12.69
CA GLY A 524 -22.27 -15.10 13.30
C GLY A 524 -22.29 -14.92 14.80
N ALA A 525 -23.40 -15.27 15.45
CA ALA A 525 -23.56 -15.06 16.88
C ALA A 525 -23.47 -16.34 17.70
N GLN A 526 -23.83 -17.47 17.13
CA GLN A 526 -23.88 -18.72 17.88
C GLN A 526 -22.59 -19.52 17.80
N HIS A 527 -21.54 -18.98 17.18
CA HIS A 527 -20.28 -19.69 17.05
C HIS A 527 -19.22 -19.23 18.03
N LEU A 528 -19.22 -17.95 18.42
CA LEU A 528 -18.12 -17.43 19.22
C LEU A 528 -18.21 -17.86 20.68
N SER A 529 -19.41 -18.05 21.22
CA SER A 529 -19.53 -18.46 22.62
C SER A 529 -18.94 -19.85 22.85
N ARG A 530 -19.22 -20.79 21.93
CA ARG A 530 -18.67 -22.13 22.07
C ARG A 530 -17.15 -22.11 22.00
N ARG A 531 -16.59 -21.32 21.09
CA ARG A 531 -15.14 -21.18 21.01
C ARG A 531 -14.58 -20.59 22.29
N PHE A 532 -15.27 -19.61 22.86
CA PHE A 532 -14.81 -19.02 24.12
C PHE A 532 -14.77 -20.05 25.23
N TRP A 533 -15.81 -20.89 25.33
CA TRP A 533 -15.83 -21.90 26.38
C TRP A 533 -14.75 -22.95 26.18
N PHE A 534 -14.53 -23.37 24.92
CA PHE A 534 -13.48 -24.35 24.67
C PHE A 534 -12.10 -23.79 25.00
N LEU A 535 -11.85 -22.53 24.65
CA LEU A 535 -10.58 -21.91 24.99
C LEU A 535 -10.42 -21.77 26.50
N CYS A 536 -11.52 -21.49 27.21
CA CYS A 536 -11.45 -21.45 28.67
C CYS A 536 -11.07 -22.80 29.25
N ILE A 537 -11.65 -23.88 28.72
CA ILE A 537 -11.32 -25.21 29.22
C ILE A 537 -9.85 -25.54 28.94
N ILE A 538 -9.36 -25.20 27.75
CA ILE A 538 -7.96 -25.44 27.43
C ILE A 538 -7.05 -24.67 28.38
N PHE A 539 -7.40 -23.40 28.65
CA PHE A 539 -6.63 -22.60 29.60
C PHE A 539 -6.59 -23.25 30.97
N GLY A 540 -7.74 -23.74 31.44
CA GLY A 540 -7.78 -24.34 32.75
C GLY A 540 -6.93 -25.59 32.85
N ILE A 541 -7.04 -26.49 31.85
CA ILE A 541 -6.24 -27.70 31.90
C ILE A 541 -4.76 -27.40 31.72
N ASN A 542 -4.41 -26.32 31.03
CA ASN A 542 -3.01 -25.95 30.88
C ASN A 542 -2.46 -25.30 32.14
N LEU A 543 -3.31 -24.70 32.97
CA LEU A 543 -2.84 -23.90 34.10
C LEU A 543 -2.86 -24.65 35.42
N GLY A 544 -3.85 -25.52 35.66
CA GLY A 544 -4.07 -26.12 36.95
C GLY A 544 -2.88 -26.85 37.58
N PRO A 545 -2.44 -27.94 36.95
CA PRO A 545 -1.34 -28.72 37.55
C PRO A 545 -0.07 -27.92 37.76
N ILE A 546 0.19 -26.93 36.91
CA ILE A 546 1.36 -26.08 37.12
C ILE A 546 1.17 -25.21 38.35
N ILE A 547 -0.06 -24.73 38.58
CA ILE A 547 -0.35 -24.03 39.82
C ILE A 547 -0.05 -24.93 41.02
N PHE A 548 -0.44 -26.20 40.92
CA PHE A 548 -0.16 -27.14 42.01
C PHE A 548 1.34 -27.29 42.24
N VAL A 549 2.09 -27.57 41.18
CA VAL A 549 3.53 -27.81 41.32
C VAL A 549 4.23 -26.58 41.86
N PHE A 550 3.89 -25.39 41.35
CA PHE A 550 4.56 -24.16 41.75
C PHE A 550 4.06 -23.63 43.08
N ALA A 551 2.87 -24.06 43.52
CA ALA A 551 2.42 -23.83 44.88
C ALA A 551 3.01 -24.85 45.84
N TYR A 552 3.78 -25.80 45.30
CA TYR A 552 4.76 -26.54 46.11
C TYR A 552 4.12 -27.44 47.14
N ASP A 553 3.28 -28.39 46.69
CA ASP A 553 3.00 -29.53 47.53
C ASP A 553 4.21 -30.45 47.63
N LYS A 554 5.24 -30.21 46.80
CA LYS A 554 6.44 -31.04 46.77
C LYS A 554 7.57 -30.53 47.66
N ASP A 555 7.63 -29.22 47.91
CA ASP A 555 8.80 -28.65 48.58
C ASP A 555 8.91 -29.16 50.01
N THR A 556 7.78 -29.37 50.68
CA THR A 556 7.82 -29.88 52.05
C THR A 556 8.12 -31.38 52.07
N VAL A 557 7.23 -32.17 51.47
CA VAL A 557 7.43 -33.61 51.33
C VAL A 557 6.80 -34.05 50.02
N TYR A 558 7.41 -35.03 49.36
CA TYR A 558 6.96 -35.44 48.04
C TYR A 558 7.51 -36.81 47.70
N SER A 559 6.67 -37.64 47.08
CA SER A 559 7.18 -38.80 46.37
C SER A 559 7.73 -38.36 45.02
N THR A 560 8.49 -39.25 44.39
CA THR A 560 9.20 -38.91 43.16
C THR A 560 8.21 -38.79 41.99
N ALA A 561 7.36 -37.76 42.09
CA ALA A 561 6.34 -37.48 41.09
C ALA A 561 6.42 -36.07 40.53
N ALA A 562 7.15 -35.17 41.19
CA ALA A 562 7.27 -33.79 40.69
C ALA A 562 7.92 -33.77 39.32
N HIS A 563 8.97 -34.57 39.13
CA HIS A 563 9.66 -34.56 37.84
C HIS A 563 8.77 -35.07 36.72
N VAL A 564 8.01 -36.13 36.97
CA VAL A 564 7.17 -36.68 35.90
C VAL A 564 6.02 -35.72 35.58
N VAL A 565 5.38 -35.15 36.61
CA VAL A 565 4.29 -34.21 36.28
C VAL A 565 4.85 -32.98 35.58
N ALA A 566 6.05 -32.52 35.95
CA ALA A 566 6.64 -31.37 35.30
C ALA A 566 6.96 -31.65 33.84
N ALA A 567 7.53 -32.83 33.54
CA ALA A 567 7.79 -33.19 32.15
C ALA A 567 6.50 -33.31 31.36
N VAL A 568 5.47 -33.90 31.97
CA VAL A 568 4.18 -34.05 31.29
C VAL A 568 3.62 -32.69 30.93
N MET A 569 3.63 -31.74 31.88
CA MET A 569 3.08 -30.42 31.60
C MET A 569 3.93 -29.66 30.59
N PHE A 570 5.25 -29.85 30.60
CA PHE A 570 6.08 -29.19 29.60
C PHE A 570 5.74 -29.67 28.20
N PHE A 571 5.55 -30.98 28.04
CA PHE A 571 5.22 -31.49 26.71
C PHE A 571 3.82 -31.06 26.29
N VAL A 572 2.87 -31.02 27.23
CA VAL A 572 1.53 -30.51 26.91
C VAL A 572 1.62 -29.06 26.45
N ALA A 573 2.46 -28.26 27.11
CA ALA A 573 2.63 -26.86 26.70
C ALA A 573 3.19 -26.75 25.29
N VAL A 574 4.19 -27.58 24.97
CA VAL A 574 4.75 -27.55 23.61
C VAL A 574 3.67 -27.88 22.58
N ALA A 575 2.85 -28.90 22.87
CA ALA A 575 1.77 -29.26 21.96
C ALA A 575 0.78 -28.11 21.78
N THR A 576 0.43 -27.42 22.87
CA THR A 576 -0.47 -26.28 22.77
C THR A 576 0.12 -25.17 21.91
N ILE A 577 1.43 -24.89 22.08
CA ILE A 577 2.08 -23.87 21.27
C ILE A 577 1.92 -24.21 19.78
N ILE A 578 2.25 -25.45 19.41
CA ILE A 578 2.22 -25.81 18.00
C ILE A 578 0.80 -25.73 17.45
N PHE A 579 -0.16 -26.28 18.20
CA PHE A 579 -1.54 -26.31 17.73
C PHE A 579 -2.08 -24.90 17.51
N PHE A 580 -1.91 -24.01 18.49
CA PHE A 580 -2.44 -22.66 18.37
C PHE A 580 -1.65 -21.81 17.39
N SER A 581 -0.42 -22.19 17.05
CA SER A 581 0.36 -21.43 16.09
C SER A 581 0.15 -21.88 14.65
N ILE A 582 -0.44 -23.04 14.43
CA ILE A 582 -0.66 -23.54 13.05
C ILE A 582 -2.09 -23.35 12.59
N MET A 583 -3.07 -23.69 13.41
CA MET A 583 -4.46 -23.73 12.95
C MET A 583 -5.02 -22.33 12.77
N PRO A 584 -5.88 -22.11 11.77
CA PRO A 584 -6.53 -20.80 11.62
C PRO A 584 -7.59 -20.58 12.68
N LEU A 585 -7.86 -19.30 12.95
CA LEU A 585 -8.75 -18.94 14.06
C LEU A 585 -10.21 -19.25 13.73
N GLY A 586 -10.63 -19.03 12.48
CA GLY A 586 -12.03 -19.22 12.15
C GLY A 586 -12.46 -20.67 12.07
N GLY A 587 -11.52 -21.60 11.90
CA GLY A 587 -11.82 -23.00 11.75
C GLY A 587 -11.23 -23.91 12.81
N LEU A 588 -11.31 -23.50 14.08
CA LEU A 588 -10.68 -24.28 15.14
C LEU A 588 -11.51 -25.49 15.53
N PHE A 589 -12.71 -25.27 16.05
CA PHE A 589 -13.53 -26.34 16.61
C PHE A 589 -14.83 -26.50 15.83
N THR A 590 -14.76 -26.45 14.50
CA THR A 590 -15.94 -26.56 13.66
C THR A 590 -16.36 -28.00 13.41
N SER A 591 -15.56 -28.99 13.81
CA SER A 591 -15.88 -30.38 13.61
C SER A 591 -16.53 -31.02 14.83
N TYR A 592 -17.19 -30.23 15.67
CA TYR A 592 -17.80 -30.76 16.88
C TYR A 592 -19.24 -30.33 17.11
N MET A 593 -19.72 -29.26 16.49
CA MET A 593 -21.14 -28.90 16.65
C MET A 593 -21.99 -29.73 15.71
N LYS A 594 -21.85 -29.51 14.40
CA LYS A 594 -22.34 -30.40 13.36
C LYS A 594 -23.85 -30.65 13.37
N LYS A 595 -24.60 -29.97 14.24
CA LYS A 595 -25.98 -30.37 14.47
C LYS A 595 -27.01 -29.37 13.94
N SER A 596 -27.03 -28.13 14.42
CA SER A 596 -28.15 -27.25 14.11
C SER A 596 -27.74 -25.95 13.43
N THR A 597 -26.83 -25.18 14.03
CA THR A 597 -26.64 -23.78 13.70
C THR A 597 -25.40 -23.62 12.83
N ARG A 598 -25.15 -22.38 12.41
CA ARG A 598 -23.99 -22.08 11.58
C ARG A 598 -22.70 -22.43 12.32
N ARG A 599 -21.82 -23.16 11.63
CA ARG A 599 -20.52 -23.52 12.18
C ARG A 599 -19.44 -22.53 11.80
N TYR A 600 -19.78 -21.46 11.09
CA TYR A 600 -18.80 -20.52 10.58
C TYR A 600 -19.31 -19.10 10.81
N VAL A 601 -18.40 -18.13 10.75
CA VAL A 601 -18.73 -16.73 10.95
C VAL A 601 -18.95 -16.02 9.62
N ALA A 602 -18.22 -16.38 8.59
CA ALA A 602 -18.33 -15.77 7.27
C ALA A 602 -18.83 -16.80 6.26
N SER A 603 -19.35 -16.29 5.14
CA SER A 603 -19.89 -17.16 4.10
C SER A 603 -18.75 -17.91 3.43
N GLN A 604 -18.82 -19.24 3.46
CA GLN A 604 -17.75 -20.05 2.90
C GLN A 604 -17.77 -20.11 1.39
N THR A 605 -18.89 -19.75 0.75
CA THR A 605 -18.98 -19.76 -0.70
C THR A 605 -18.25 -18.57 -1.32
N PHE A 606 -18.31 -17.41 -0.67
CA PHE A 606 -17.76 -16.16 -1.20
C PHE A 606 -16.51 -15.70 -0.48
N THR A 607 -16.54 -15.65 0.86
CA THR A 607 -15.43 -15.06 1.60
C THR A 607 -14.22 -15.97 1.70
N ALA A 608 -14.41 -17.28 1.74
CA ALA A 608 -13.31 -18.24 1.91
C ALA A 608 -13.39 -19.33 0.84
N ALA A 609 -12.82 -19.05 -0.34
CA ALA A 609 -12.70 -20.06 -1.40
C ALA A 609 -11.35 -19.82 -2.08
N PHE A 610 -10.32 -20.50 -1.58
CA PHE A 610 -8.96 -20.27 -2.04
C PHE A 610 -8.51 -21.40 -2.95
N ALA A 611 -7.89 -21.03 -4.07
CA ALA A 611 -7.44 -22.01 -5.04
C ALA A 611 -6.28 -22.81 -4.48
N PRO A 612 -6.38 -24.14 -4.42
CA PRO A 612 -5.26 -24.94 -3.89
C PRO A 612 -4.03 -24.82 -4.77
N LEU A 613 -2.88 -24.97 -4.14
CA LEU A 613 -1.58 -24.90 -4.82
C LEU A 613 -1.15 -26.30 -5.19
N HIS A 614 -0.86 -26.51 -6.47
CA HIS A 614 -0.54 -27.83 -7.00
C HIS A 614 0.90 -27.89 -7.48
N GLY A 615 1.49 -29.07 -7.36
CA GLY A 615 2.80 -29.30 -7.94
C GLY A 615 3.94 -29.00 -6.99
N LEU A 616 5.00 -28.40 -7.55
CA LEU A 616 6.24 -28.15 -6.82
C LEU A 616 6.19 -26.88 -5.97
N ASP A 617 5.26 -25.96 -6.25
CA ASP A 617 5.20 -24.71 -5.50
C ASP A 617 4.83 -24.97 -4.04
N ARG A 618 3.94 -25.94 -3.80
CA ARG A 618 3.58 -26.30 -2.45
C ARG A 618 4.80 -26.70 -1.63
N TRP A 619 5.60 -27.63 -2.15
CA TRP A 619 6.80 -28.08 -1.46
C TRP A 619 7.82 -26.95 -1.33
N MET A 620 7.95 -26.12 -2.36
CA MET A 620 8.89 -25.02 -2.28
C MET A 620 8.55 -24.06 -1.16
N SER A 621 7.27 -23.71 -1.02
CA SER A 621 6.85 -22.82 0.06
C SER A 621 7.06 -23.46 1.43
N TYR A 622 6.70 -24.74 1.56
CA TYR A 622 6.95 -25.44 2.82
C TYR A 622 8.42 -25.37 3.20
N LEU A 623 9.30 -25.70 2.25
CA LEU A 623 10.73 -25.74 2.53
C LEU A 623 11.26 -24.37 2.91
N VAL A 624 10.84 -23.33 2.18
CA VAL A 624 11.33 -21.98 2.45
C VAL A 624 10.98 -21.57 3.88
N TRP A 625 9.72 -21.78 4.27
CA TRP A 625 9.32 -21.29 5.59
C TRP A 625 9.96 -22.11 6.70
N VAL A 626 10.12 -23.42 6.50
CA VAL A 626 10.75 -24.23 7.54
C VAL A 626 12.21 -23.83 7.72
N THR A 627 12.91 -23.54 6.62
CA THR A 627 14.30 -23.09 6.73
C THR A 627 14.40 -21.76 7.46
N VAL A 628 13.53 -20.81 7.10
CA VAL A 628 13.55 -19.51 7.76
C VAL A 628 13.40 -19.66 9.26
N PHE A 629 12.38 -20.40 9.69
CA PHE A 629 12.10 -20.47 11.12
C PHE A 629 13.19 -21.23 11.88
N ALA A 630 13.72 -22.31 11.29
CA ALA A 630 14.78 -23.05 11.95
C ALA A 630 16.00 -22.17 12.18
N ALA A 631 16.47 -21.50 11.12
CA ALA A 631 17.66 -20.66 11.26
C ALA A 631 17.42 -19.54 12.28
N LYS A 632 16.25 -18.91 12.22
CA LYS A 632 15.97 -17.81 13.13
C LYS A 632 16.04 -18.27 14.57
N TYR A 633 15.35 -19.36 14.89
CA TYR A 633 15.29 -19.80 16.28
C TYR A 633 16.67 -20.18 16.79
N SER A 634 17.45 -20.92 15.99
CA SER A 634 18.78 -21.33 16.45
C SER A 634 19.68 -20.13 16.73
N GLU A 635 19.80 -19.21 15.75
CA GLU A 635 20.72 -18.10 15.92
C GLU A 635 20.30 -17.19 17.07
N SER A 636 19.01 -16.86 17.15
CA SER A 636 18.55 -15.98 18.20
C SER A 636 18.79 -16.59 19.57
N TYR A 637 18.49 -17.88 19.73
CA TYR A 637 18.80 -18.55 20.99
C TYR A 637 20.25 -18.34 21.35
N TYR A 638 21.17 -18.78 20.49
CA TYR A 638 22.59 -18.69 20.81
C TYR A 638 22.96 -17.29 21.30
N PHE A 639 22.80 -16.30 20.41
CA PHE A 639 23.24 -14.94 20.70
C PHE A 639 22.60 -14.36 21.95
N LEU A 640 21.27 -14.16 21.90
CA LEU A 640 20.60 -13.45 22.97
C LEU A 640 20.73 -14.21 24.28
N VAL A 641 20.58 -15.53 24.25
CA VAL A 641 20.60 -16.33 25.46
C VAL A 641 21.93 -16.16 26.20
N LEU A 642 23.05 -16.32 25.51
CA LEU A 642 24.31 -16.21 26.25
C LEU A 642 24.56 -14.77 26.72
N SER A 643 24.43 -13.81 25.80
CA SER A 643 24.78 -12.43 26.10
C SER A 643 23.88 -11.83 27.15
N LEU A 644 22.71 -12.41 27.41
CA LEU A 644 21.90 -11.99 28.53
C LEU A 644 22.00 -12.91 29.73
N ARG A 645 22.50 -14.14 29.54
CA ARG A 645 22.64 -15.04 30.67
C ARG A 645 23.65 -14.50 31.66
N ASP A 646 24.71 -13.85 31.16
CA ASP A 646 25.70 -13.33 32.12
C ASP A 646 25.23 -12.06 32.85
N PRO A 647 24.90 -10.95 32.16
CA PRO A 647 24.33 -9.80 32.86
C PRO A 647 23.17 -10.10 33.79
N ILE A 648 22.30 -11.07 33.46
CA ILE A 648 21.12 -11.29 34.30
C ILE A 648 21.54 -11.66 35.71
N ARG A 649 22.43 -12.65 35.83
CA ARG A 649 22.92 -13.06 37.14
C ARG A 649 23.65 -11.91 37.83
N ILE A 650 24.56 -11.23 37.09
CA ILE A 650 25.36 -10.20 37.75
C ILE A 650 24.49 -9.06 38.27
N LEU A 651 23.51 -8.62 37.48
CA LEU A 651 22.68 -7.49 37.84
C LEU A 651 21.60 -7.85 38.86
N SER A 652 21.12 -9.08 38.86
CA SER A 652 20.16 -9.47 39.88
C SER A 652 20.80 -9.88 41.20
N THR A 653 22.12 -10.05 41.23
CA THR A 653 22.77 -10.40 42.50
C THR A 653 22.92 -9.19 43.41
N THR A 654 23.52 -8.11 42.92
CA THR A 654 24.02 -7.04 43.79
C THR A 654 22.98 -5.97 44.06
N ALA A 655 23.19 -5.25 45.17
CA ALA A 655 22.38 -4.11 45.57
C ALA A 655 23.29 -3.01 46.09
N MET A 656 22.82 -1.77 45.99
CA MET A 656 23.65 -0.61 46.30
C MET A 656 23.49 -0.18 47.76
N ARG A 657 24.33 0.77 48.15
CA ARG A 657 24.29 1.37 49.49
C ARG A 657 24.40 2.89 49.32
N CYS A 658 23.31 3.59 49.60
CA CYS A 658 23.24 5.03 49.37
C CYS A 658 22.43 5.68 50.49
N THR A 659 22.42 7.02 50.48
CA THR A 659 21.66 7.82 51.44
C THR A 659 20.28 8.20 50.92
N GLY A 660 20.18 8.60 49.66
CA GLY A 660 18.88 8.87 49.07
C GLY A 660 18.34 10.24 49.45
N GLU A 661 17.02 10.31 49.52
CA GLU A 661 16.29 11.52 49.87
C GLU A 661 15.55 11.32 51.18
N TYR A 662 15.13 12.42 51.79
CA TYR A 662 14.50 12.37 53.11
C TYR A 662 13.05 12.87 53.08
N TRP A 663 12.29 12.42 52.07
CA TRP A 663 10.83 12.41 52.18
C TRP A 663 10.23 11.02 52.08
N TRP A 664 10.94 10.05 51.48
CA TRP A 664 10.48 8.68 51.49
C TRP A 664 11.59 7.65 51.71
N GLY A 665 12.82 8.07 51.99
CA GLY A 665 13.87 7.12 52.33
C GLY A 665 14.85 6.82 51.22
N ALA A 666 15.38 5.60 51.21
CA ALA A 666 16.42 5.18 50.28
C ALA A 666 16.07 3.85 49.63
N VAL A 667 14.84 3.74 49.11
CA VAL A 667 14.43 2.50 48.47
C VAL A 667 14.80 2.49 46.98
N LEU A 668 14.64 3.63 46.30
CA LEU A 668 14.96 3.70 44.88
C LEU A 668 16.44 3.43 44.64
N CYS A 669 17.30 3.97 45.50
CA CYS A 669 18.73 3.72 45.36
C CYS A 669 19.05 2.25 45.57
N LYS A 670 18.28 1.58 46.42
CA LYS A 670 18.50 0.15 46.65
C LYS A 670 18.09 -0.67 45.44
N VAL A 671 16.97 -0.33 44.80
CA VAL A 671 16.41 -1.19 43.76
C VAL A 671 16.73 -0.68 42.35
N GLN A 672 17.61 0.31 42.21
CA GLN A 672 18.00 0.76 40.87
C GLN A 672 18.56 -0.34 39.97
N PRO A 673 19.53 -1.16 40.39
CA PRO A 673 20.07 -2.17 39.47
C PRO A 673 19.04 -3.18 38.99
N LYS A 674 17.95 -3.37 39.75
CA LYS A 674 16.83 -4.17 39.25
C LYS A 674 16.00 -3.38 38.24
N ILE A 675 15.94 -2.05 38.37
CA ILE A 675 15.24 -1.23 37.38
C ILE A 675 15.96 -1.28 36.04
N VAL A 676 17.30 -1.36 36.06
CA VAL A 676 18.06 -1.36 34.81
C VAL A 676 17.91 -2.67 34.01
N LEU A 677 17.11 -3.63 34.48
CA LEU A 677 17.02 -4.92 33.79
C LEU A 677 15.81 -4.99 32.85
N GLY A 678 14.66 -4.46 33.28
CA GLY A 678 13.47 -4.52 32.44
C GLY A 678 13.64 -3.80 31.12
N LEU A 679 14.38 -2.69 31.12
CA LEU A 679 14.62 -1.95 29.89
C LEU A 679 15.40 -2.81 28.88
N VAL A 680 16.41 -3.52 29.38
CA VAL A 680 17.20 -4.41 28.52
C VAL A 680 16.31 -5.51 27.96
N ILE A 681 15.44 -6.08 28.79
CA ILE A 681 14.57 -7.16 28.34
C ILE A 681 13.63 -6.67 27.22
N ALA A 682 13.06 -5.48 27.39
CA ALA A 682 12.18 -4.93 26.37
C ALA A 682 12.92 -4.69 25.06
N THR A 683 14.13 -4.13 25.14
CA THR A 683 14.92 -3.92 23.94
C THR A 683 15.18 -5.25 23.22
N ASP A 684 15.45 -6.31 23.98
CA ASP A 684 15.67 -7.63 23.38
C ASP A 684 14.41 -8.16 22.70
N PHE A 685 13.24 -7.89 23.28
CA PHE A 685 11.97 -8.26 22.64
C PHE A 685 11.86 -7.65 21.23
N ILE A 686 12.08 -6.33 21.15
CA ILE A 686 12.02 -5.67 19.85
C ILE A 686 13.06 -6.24 18.89
N LEU A 687 14.25 -6.57 19.41
CA LEU A 687 15.28 -7.15 18.57
C LEU A 687 14.87 -8.51 18.03
N PHE A 688 14.13 -9.28 18.83
CA PHE A 688 13.58 -10.56 18.36
C PHE A 688 12.77 -10.37 17.08
N PHE A 689 11.85 -9.40 17.12
CA PHE A 689 11.02 -9.15 15.93
C PHE A 689 11.87 -8.74 14.72
N LEU A 690 12.78 -7.79 14.92
CA LEU A 690 13.60 -7.33 13.79
C LEU A 690 14.40 -8.48 13.19
N ASP A 691 14.91 -9.36 14.06
CA ASP A 691 15.73 -10.48 13.59
C ASP A 691 14.92 -11.42 12.71
N THR A 692 13.68 -11.71 13.08
CA THR A 692 12.89 -12.62 12.24
C THR A 692 12.67 -12.02 10.85
N TYR A 693 12.41 -10.71 10.78
CA TYR A 693 12.22 -10.11 9.45
C TYR A 693 13.51 -10.21 8.61
N LEU A 694 14.66 -9.92 9.23
CA LEU A 694 15.93 -9.99 8.51
C LEU A 694 16.18 -11.38 7.94
N TRP A 695 15.93 -12.41 8.75
CA TRP A 695 16.17 -13.78 8.28
C TRP A 695 15.25 -14.11 7.12
N TYR A 696 13.99 -13.66 7.18
CA TYR A 696 13.08 -13.88 6.06
C TYR A 696 13.67 -13.34 4.76
N ILE A 697 14.15 -12.08 4.77
CA ILE A 697 14.69 -11.49 3.55
C ILE A 697 15.88 -12.30 3.04
N ILE A 698 16.81 -12.65 3.94
CA ILE A 698 18.03 -13.33 3.51
C ILE A 698 17.71 -14.66 2.85
N VAL A 699 16.86 -15.47 3.50
CA VAL A 699 16.58 -16.80 2.99
C VAL A 699 15.84 -16.72 1.66
N ASN A 700 14.87 -15.80 1.54
CA ASN A 700 14.17 -15.68 0.27
C ASN A 700 15.11 -15.29 -0.85
N THR A 701 16.03 -14.37 -0.60
CA THR A 701 16.98 -13.96 -1.64
C THR A 701 17.87 -15.11 -2.08
N ILE A 702 18.41 -15.88 -1.13
CA ILE A 702 19.32 -16.95 -1.53
C ILE A 702 18.56 -18.04 -2.29
N PHE A 703 17.32 -18.34 -1.86
CA PHE A 703 16.53 -19.32 -2.59
C PHE A 703 16.25 -18.86 -4.01
N SER A 704 15.92 -17.58 -4.19
CA SER A 704 15.65 -17.06 -5.53
C SER A 704 16.89 -17.16 -6.41
N VAL A 705 18.05 -16.78 -5.89
CA VAL A 705 19.25 -16.82 -6.71
C VAL A 705 19.62 -18.25 -7.06
N GLY A 706 19.42 -19.19 -6.14
CA GLY A 706 19.67 -20.59 -6.46
C GLY A 706 18.75 -21.12 -7.53
N LYS A 707 17.46 -20.77 -7.43
CA LYS A 707 16.50 -21.21 -8.44
C LYS A 707 16.86 -20.64 -9.81
N SER A 708 17.26 -19.37 -9.86
CA SER A 708 17.66 -18.78 -11.13
C SER A 708 18.92 -19.46 -11.68
N PHE A 709 19.83 -19.85 -10.80
CA PHE A 709 21.03 -20.57 -11.24
C PHE A 709 20.68 -21.93 -11.84
N TYR A 710 19.79 -22.68 -11.18
CA TYR A 710 19.52 -24.04 -11.62
C TYR A 710 18.53 -24.12 -12.77
N LEU A 711 17.93 -23.00 -13.19
CA LEU A 711 16.95 -23.04 -14.26
C LEU A 711 17.55 -23.56 -15.56
N GLY A 712 18.85 -23.35 -15.78
CA GLY A 712 19.52 -23.82 -16.97
C GLY A 712 19.97 -22.73 -17.92
N ILE A 713 19.71 -21.47 -17.62
CA ILE A 713 20.14 -20.35 -18.44
C ILE A 713 21.26 -19.64 -17.70
N SER A 714 22.44 -19.60 -18.31
CA SER A 714 23.63 -18.99 -17.72
C SER A 714 23.84 -17.60 -18.28
N ILE A 715 24.21 -16.67 -17.39
CA ILE A 715 24.43 -15.28 -17.77
C ILE A 715 25.86 -15.01 -18.17
N LEU A 716 26.71 -16.05 -18.24
CA LEU A 716 28.10 -15.88 -18.63
C LEU A 716 28.30 -15.90 -20.13
N THR A 717 27.27 -16.24 -20.90
CA THR A 717 27.36 -16.25 -22.36
C THR A 717 27.26 -14.83 -22.88
N PRO A 718 28.22 -14.38 -23.70
CA PRO A 718 28.12 -13.04 -24.28
C PRO A 718 26.86 -12.90 -25.13
N TRP A 719 26.28 -11.70 -25.11
CA TRP A 719 25.00 -11.47 -25.76
C TRP A 719 25.10 -11.48 -27.28
N ARG A 720 26.31 -11.51 -27.84
CA ARG A 720 26.45 -11.61 -29.29
C ARG A 720 25.96 -12.97 -29.79
N ASN A 721 26.13 -14.02 -29.01
CA ASN A 721 25.59 -15.33 -29.37
C ASN A 721 24.06 -15.29 -29.40
N ILE A 722 23.46 -14.53 -28.48
CA ILE A 722 22.01 -14.33 -28.51
C ILE A 722 21.62 -13.51 -29.75
N PHE A 723 22.42 -12.49 -30.07
CA PHE A 723 22.14 -11.65 -31.23
C PHE A 723 22.16 -12.46 -32.52
N THR A 724 23.14 -13.35 -32.67
CA THR A 724 23.23 -14.16 -33.88
C THR A 724 22.23 -15.32 -33.89
N ARG A 725 21.65 -15.68 -32.75
CA ARG A 725 20.61 -16.69 -32.67
C ARG A 725 19.21 -16.09 -32.73
N LEU A 726 19.11 -14.77 -32.86
CA LEU A 726 17.80 -14.13 -33.02
C LEU A 726 16.98 -14.67 -34.18
N PRO A 727 17.53 -14.95 -35.37
CA PRO A 727 16.66 -15.36 -36.49
C PRO A 727 15.79 -16.58 -36.20
N LYS A 728 16.40 -17.70 -35.79
CA LYS A 728 15.62 -18.93 -35.61
C LYS A 728 14.57 -18.77 -34.53
N ARG A 729 14.96 -18.19 -33.37
CA ARG A 729 14.01 -18.04 -32.28
C ARG A 729 12.88 -17.08 -32.63
N ILE A 730 13.21 -15.97 -33.29
CA ILE A 730 12.17 -15.01 -33.66
C ILE A 730 11.21 -15.64 -34.68
N TYR A 731 11.74 -16.42 -35.62
CA TYR A 731 10.89 -17.09 -36.60
C TYR A 731 9.99 -18.12 -35.92
N SER A 732 10.52 -18.84 -34.93
CA SER A 732 9.72 -19.85 -34.25
C SER A 732 8.65 -19.24 -33.37
N LYS A 733 8.94 -18.09 -32.76
CA LYS A 733 8.07 -17.57 -31.69
C LYS A 733 7.10 -16.48 -32.14
N ILE A 734 7.48 -15.63 -33.10
CA ILE A 734 6.63 -14.48 -33.43
C ILE A 734 5.90 -14.71 -34.75
N LEU A 735 6.59 -15.32 -35.72
CA LEU A 735 6.07 -15.40 -37.09
C LEU A 735 5.37 -16.73 -37.38
N ALA A 736 6.10 -17.83 -37.26
CA ALA A 736 5.67 -19.10 -37.84
C ALA A 736 4.69 -19.82 -36.91
N THR A 737 3.57 -20.24 -37.48
CA THR A 737 2.67 -21.20 -36.85
C THR A 737 2.77 -22.50 -37.64
N THR A 738 2.92 -23.61 -36.91
CA THR A 738 3.28 -24.88 -37.55
C THR A 738 2.19 -25.39 -38.48
N ASP A 739 0.93 -25.00 -38.25
CA ASP A 739 -0.17 -25.63 -38.98
C ASP A 739 -0.28 -25.17 -40.43
N MET A 740 0.36 -24.06 -40.81
CA MET A 740 0.34 -23.66 -42.20
C MET A 740 1.21 -24.59 -43.05
N GLU A 741 0.78 -24.78 -44.30
CA GLU A 741 1.55 -25.58 -45.24
C GLU A 741 2.78 -24.81 -45.70
N ILE A 742 3.81 -25.56 -46.11
CA ILE A 742 5.07 -24.94 -46.53
C ILE A 742 4.89 -24.36 -47.93
N LYS A 743 5.11 -23.05 -48.07
CA LYS A 743 5.01 -22.40 -49.37
C LYS A 743 6.25 -21.58 -49.67
N TYR A 744 6.91 -21.05 -48.63
CA TYR A 744 8.10 -20.25 -48.79
C TYR A 744 9.22 -20.79 -47.90
N LYS A 745 10.45 -20.45 -48.26
CA LYS A 745 11.59 -20.74 -47.43
C LYS A 745 11.53 -19.89 -46.15
N PRO A 746 12.13 -20.37 -45.06
CA PRO A 746 12.02 -19.64 -43.78
C PRO A 746 12.89 -18.40 -43.69
N LYS A 747 13.41 -17.92 -44.82
CA LYS A 747 14.36 -16.81 -44.81
C LYS A 747 13.82 -15.55 -45.48
N VAL A 748 12.51 -15.41 -45.63
CA VAL A 748 11.95 -14.24 -46.30
C VAL A 748 10.98 -13.50 -45.39
N LEU A 749 10.12 -14.24 -44.68
CA LEU A 749 9.16 -13.62 -43.78
C LEU A 749 9.86 -12.91 -42.63
N ILE A 750 10.94 -13.50 -42.11
CA ILE A 750 11.75 -12.85 -41.10
C ILE A 750 12.33 -11.54 -41.63
N SER A 751 12.84 -11.55 -42.85
CA SER A 751 13.36 -10.33 -43.45
C SER A 751 12.28 -9.27 -43.55
N GLN A 752 11.09 -9.68 -43.98
CA GLN A 752 9.97 -8.74 -44.10
C GLN A 752 9.66 -8.08 -42.77
N VAL A 753 9.50 -8.89 -41.72
CA VAL A 753 9.09 -8.32 -40.43
C VAL A 753 10.21 -7.47 -39.83
N TRP A 754 11.47 -7.88 -39.99
CA TRP A 754 12.56 -7.10 -39.43
C TRP A 754 12.73 -5.77 -40.16
N ASN A 755 12.61 -5.78 -41.49
CA ASN A 755 12.64 -4.52 -42.22
C ASN A 755 11.47 -3.63 -41.83
N ALA A 756 10.29 -4.21 -41.62
CA ALA A 756 9.14 -3.41 -41.19
C ALA A 756 9.38 -2.76 -39.84
N ILE A 757 9.89 -3.52 -38.87
CA ILE A 757 10.10 -2.94 -37.54
C ILE A 757 11.22 -1.91 -37.57
N ILE A 758 12.27 -2.15 -38.37
CA ILE A 758 13.36 -1.17 -38.45
C ILE A 758 12.89 0.11 -39.10
N ILE A 759 12.10 0.02 -40.18
CA ILE A 759 11.62 1.24 -40.82
C ILE A 759 10.60 1.95 -39.94
N SER A 760 9.83 1.20 -39.13
CA SER A 760 8.95 1.85 -38.17
C SER A 760 9.75 2.59 -37.10
N MET A 761 10.85 2.00 -36.64
CA MET A 761 11.73 2.69 -35.71
C MET A 761 12.30 3.96 -36.32
N TYR A 762 12.74 3.88 -37.58
CA TYR A 762 13.31 5.05 -38.24
C TYR A 762 12.26 6.08 -38.62
N ARG A 763 10.98 5.70 -38.62
CA ARG A 763 9.93 6.64 -39.00
C ARG A 763 9.81 7.79 -38.02
N GLU A 764 10.20 7.58 -36.76
CA GLU A 764 10.15 8.63 -35.75
C GLU A 764 11.42 9.46 -35.69
N HIS A 765 12.38 9.21 -36.59
CA HIS A 765 13.65 9.94 -36.62
C HIS A 765 14.42 9.76 -35.31
N LEU A 766 14.54 8.49 -34.91
CA LEU A 766 15.26 8.13 -33.68
C LEU A 766 16.65 7.61 -33.96
N LEU A 767 17.13 7.70 -35.20
CA LEU A 767 18.44 7.18 -35.56
C LEU A 767 19.01 8.00 -36.70
N ALA A 768 20.32 7.91 -36.87
CA ALA A 768 21.00 8.68 -37.90
C ALA A 768 20.91 7.96 -39.26
N ILE A 769 21.36 8.66 -40.31
CA ILE A 769 21.25 8.12 -41.66
C ILE A 769 22.27 7.03 -41.94
N ASP A 770 23.40 7.00 -41.22
CA ASP A 770 24.41 5.98 -41.47
C ASP A 770 24.01 4.63 -40.91
N HIS A 771 23.20 4.59 -39.85
CA HIS A 771 22.83 3.35 -39.20
C HIS A 771 21.58 2.71 -39.78
N VAL A 772 20.68 3.50 -40.39
CA VAL A 772 19.42 2.94 -40.88
C VAL A 772 19.69 1.94 -42.00
N GLN A 773 20.57 2.29 -42.95
CA GLN A 773 20.89 1.37 -44.03
C GLN A 773 21.80 0.25 -43.56
N LYS A 774 22.66 0.52 -42.58
CA LYS A 774 23.52 -0.54 -42.03
C LYS A 774 22.70 -1.63 -41.34
N LEU A 775 21.67 -1.23 -40.60
CA LEU A 775 20.88 -2.19 -39.84
C LEU A 775 19.86 -2.92 -40.70
N LEU A 776 19.55 -2.42 -41.89
CA LEU A 776 18.57 -3.06 -42.75
C LEU A 776 19.11 -4.37 -43.32
N TYR A 777 18.21 -5.14 -43.90
CA TYR A 777 18.55 -6.41 -44.54
C TYR A 777 19.18 -6.22 -45.91
N HIS A 778 19.30 -4.97 -46.37
CA HIS A 778 20.04 -4.60 -47.56
C HIS A 778 19.46 -5.26 -48.82
N GLN A 779 18.19 -4.94 -49.09
CA GLN A 779 17.51 -5.40 -50.29
C GLN A 779 17.52 -4.27 -51.31
N VAL A 780 18.63 -4.15 -52.03
CA VAL A 780 18.76 -3.14 -53.08
C VAL A 780 18.07 -3.64 -54.35
N PRO A 781 18.35 -4.87 -54.85
CA PRO A 781 17.52 -5.38 -55.96
C PRO A 781 16.25 -6.06 -55.46
N SER A 782 15.28 -5.23 -55.06
CA SER A 782 14.09 -5.72 -54.38
C SER A 782 13.01 -6.24 -55.32
N GLU A 783 13.14 -6.02 -56.63
CA GLU A 783 12.06 -6.33 -57.58
C GLU A 783 12.57 -7.21 -58.71
N ILE A 784 13.28 -8.29 -58.37
CA ILE A 784 13.67 -9.24 -59.41
C ILE A 784 13.16 -10.65 -59.08
N GLU A 785 13.70 -11.28 -58.04
CA GLU A 785 13.25 -12.62 -57.66
C GLU A 785 13.08 -12.82 -56.16
N GLY A 786 13.76 -12.06 -55.30
CA GLY A 786 13.60 -12.17 -53.87
C GLY A 786 14.52 -13.16 -53.18
N LYS A 787 15.27 -13.97 -53.94
CA LYS A 787 16.22 -14.91 -53.35
C LYS A 787 17.67 -14.48 -53.50
N ARG A 788 18.03 -13.88 -54.64
CA ARG A 788 19.37 -13.34 -54.82
C ARG A 788 19.69 -12.24 -53.83
N THR A 789 18.66 -11.56 -53.31
CA THR A 789 18.79 -10.50 -52.35
C THR A 789 18.38 -11.00 -50.97
N LEU A 790 18.25 -10.07 -50.02
CA LEU A 790 17.92 -10.38 -48.63
C LEU A 790 19.04 -11.17 -47.98
N ARG A 791 20.25 -10.63 -48.10
CA ARG A 791 21.43 -11.18 -47.46
C ARG A 791 21.61 -10.57 -46.08
N ALA A 792 22.10 -11.40 -45.15
CA ALA A 792 22.19 -11.02 -43.74
C ALA A 792 23.14 -9.84 -43.58
N PRO A 793 22.79 -8.87 -42.74
CA PRO A 793 23.68 -7.73 -42.49
C PRO A 793 24.73 -8.08 -41.45
N THR A 794 25.62 -7.12 -41.20
CA THR A 794 26.70 -7.33 -40.23
C THR A 794 26.21 -7.36 -38.79
N PHE A 795 24.94 -7.00 -38.54
CA PHE A 795 24.40 -7.04 -37.18
C PHE A 795 23.81 -8.40 -36.84
N PHE A 796 23.04 -8.98 -37.75
CA PHE A 796 22.44 -10.29 -37.49
C PHE A 796 23.50 -11.37 -37.34
N VAL A 797 24.52 -11.36 -38.19
CA VAL A 797 25.61 -12.32 -38.14
C VAL A 797 26.84 -11.62 -37.60
N SER A 798 27.49 -12.26 -36.62
CA SER A 798 28.70 -11.71 -36.01
C SER A 798 29.94 -12.35 -36.64
N GLN A 799 31.09 -11.75 -36.34
CA GLN A 799 32.36 -12.26 -36.83
C GLN A 799 32.80 -13.44 -35.97
N ASP A 800 34.06 -13.88 -36.14
CA ASP A 800 34.57 -14.98 -35.33
C ASP A 800 34.61 -14.61 -33.85
N ASP A 801 35.03 -13.39 -33.54
CA ASP A 801 35.05 -12.92 -32.16
C ASP A 801 33.69 -12.33 -31.79
N ASN A 802 33.36 -12.40 -30.51
CA ASN A 802 32.07 -11.89 -30.03
C ASN A 802 32.06 -10.36 -30.09
N ASN A 803 32.94 -9.72 -29.33
CA ASN A 803 33.02 -8.26 -29.29
C ASN A 803 34.02 -7.78 -30.35
N PHE A 804 33.68 -8.08 -31.61
CA PHE A 804 34.52 -7.70 -32.73
C PHE A 804 34.02 -6.48 -33.49
N GLU A 805 32.75 -6.12 -33.34
CA GLU A 805 32.16 -4.98 -34.03
C GLU A 805 32.10 -3.80 -33.07
N THR A 806 32.78 -2.71 -33.43
CA THR A 806 32.79 -1.51 -32.59
C THR A 806 32.68 -0.22 -33.41
N GLU A 807 32.34 -0.30 -34.69
CA GLU A 807 32.25 0.90 -35.52
C GLU A 807 30.84 1.50 -35.49
N PHE A 808 29.83 0.70 -35.83
CA PHE A 808 28.45 1.19 -35.87
C PHE A 808 27.50 0.21 -35.19
N PHE A 809 28.00 -0.62 -34.28
CA PHE A 809 27.18 -1.57 -33.54
C PHE A 809 26.68 -1.03 -32.22
N PRO A 810 26.92 0.25 -31.93
CA PRO A 810 26.53 0.82 -30.64
C PRO A 810 25.02 1.00 -30.56
N ARG A 811 24.44 1.76 -31.49
CA ARG A 811 23.01 2.07 -31.51
C ARG A 811 22.56 2.70 -30.19
N ASP A 812 23.15 3.86 -29.89
CA ASP A 812 22.87 4.57 -28.65
C ASP A 812 21.60 5.40 -28.79
N SER A 813 21.36 6.29 -27.82
CA SER A 813 20.21 7.19 -27.82
C SER A 813 18.90 6.40 -27.79
N GLU A 814 18.81 5.47 -26.83
CA GLU A 814 17.60 4.68 -26.58
C GLU A 814 17.18 3.86 -27.80
N ALA A 815 18.09 3.67 -28.76
CA ALA A 815 17.87 2.73 -29.84
C ALA A 815 18.17 1.29 -29.44
N GLU A 816 19.13 1.09 -28.55
CA GLU A 816 19.42 -0.24 -28.03
C GLU A 816 18.39 -0.65 -26.99
N ARG A 817 18.33 0.07 -25.87
CA ARG A 817 17.39 -0.25 -24.80
C ARG A 817 16.02 0.34 -25.09
N ILE A 819 14.18 -2.68 -27.46
CA ILE A 819 14.69 -3.30 -28.68
C ILE A 819 15.70 -4.37 -28.32
N SER A 820 16.85 -3.96 -27.77
CA SER A 820 17.75 -4.94 -27.18
C SER A 820 17.09 -5.62 -25.99
N PHE A 821 16.24 -4.88 -25.26
CA PHE A 821 15.44 -5.51 -24.21
C PHE A 821 14.52 -6.56 -24.78
N PHE A 822 13.90 -6.29 -25.93
CA PHE A 822 13.04 -7.26 -26.59
C PHE A 822 13.84 -8.50 -26.98
N ALA A 823 15.04 -8.29 -27.54
CA ALA A 823 15.89 -9.40 -27.91
C ALA A 823 16.29 -10.24 -26.71
N GLN A 824 16.61 -9.59 -25.59
CA GLN A 824 16.95 -10.32 -24.37
C GLN A 824 15.75 -11.10 -23.84
N SER A 825 14.57 -10.47 -23.85
CA SER A 825 13.36 -11.13 -23.37
C SER A 825 12.94 -12.30 -24.25
N LEU A 826 13.37 -12.31 -25.52
CA LEU A 826 13.09 -13.47 -26.36
C LEU A 826 13.72 -14.75 -25.81
N SER A 827 14.74 -14.62 -24.97
CA SER A 827 15.44 -15.80 -24.45
C SER A 827 14.58 -16.63 -23.50
N THR A 828 13.68 -16.00 -22.75
CA THR A 828 12.83 -16.74 -21.83
C THR A 828 11.84 -17.60 -22.61
N PRO A 829 11.40 -18.73 -22.04
CA PRO A 829 10.43 -19.57 -22.75
C PRO A 829 9.14 -18.81 -23.03
N ILE A 830 8.59 -19.04 -24.22
CA ILE A 830 7.38 -18.35 -24.68
C ILE A 830 6.44 -19.38 -25.29
N PRO A 831 5.15 -19.36 -24.94
CA PRO A 831 4.21 -20.34 -25.50
C PRO A 831 4.05 -20.18 -27.01
N GLU A 832 3.68 -21.29 -27.66
CA GLU A 832 3.51 -21.28 -29.10
C GLU A 832 2.36 -20.37 -29.50
N PRO A 833 2.46 -19.71 -30.64
CA PRO A 833 1.41 -18.77 -31.06
C PRO A 833 0.24 -19.49 -31.71
N LEU A 834 -0.71 -18.70 -32.19
CA LEU A 834 -1.93 -19.17 -32.82
C LEU A 834 -2.18 -18.37 -34.10
N PRO A 835 -2.81 -18.99 -35.10
CA PRO A 835 -3.12 -18.24 -36.33
C PRO A 835 -4.01 -17.04 -36.04
N VAL A 836 -3.84 -16.00 -36.87
CA VAL A 836 -4.55 -14.74 -36.65
C VAL A 836 -6.05 -14.95 -36.78
N ASP A 837 -6.48 -15.81 -37.70
CA ASP A 837 -7.91 -16.06 -37.89
C ASP A 837 -8.56 -16.66 -36.65
N ASN A 838 -7.78 -17.23 -35.73
CA ASN A 838 -8.32 -17.90 -34.56
C ASN A 838 -8.18 -17.09 -33.27
N MET A 839 -7.46 -15.97 -33.29
CA MET A 839 -7.25 -15.22 -32.08
C MET A 839 -8.53 -14.50 -31.67
N PRO A 840 -8.83 -14.41 -30.38
CA PRO A 840 -10.06 -13.77 -29.93
C PRO A 840 -9.97 -12.25 -29.97
N THR A 841 -11.13 -11.61 -29.90
CA THR A 841 -11.22 -10.16 -29.94
C THR A 841 -11.18 -9.57 -28.54
N PHE A 842 -10.66 -8.36 -28.42
CA PHE A 842 -10.50 -7.71 -27.13
C PHE A 842 -10.62 -6.20 -27.30
N THR A 843 -10.70 -5.50 -26.18
CA THR A 843 -10.91 -4.06 -26.16
C THR A 843 -9.94 -3.40 -25.18
N VAL A 844 -9.72 -2.10 -25.39
CA VAL A 844 -8.80 -1.30 -24.59
C VAL A 844 -9.58 -0.16 -23.95
N LEU A 845 -9.51 -0.05 -22.63
CA LEU A 845 -10.31 0.89 -21.88
C LEU A 845 -9.42 1.91 -21.17
N THR A 846 -9.84 3.18 -21.19
CA THR A 846 -9.08 4.25 -20.57
C THR A 846 -9.99 5.38 -20.10
N PRO A 847 -9.83 5.85 -18.86
CA PRO A 847 -10.61 7.00 -18.40
C PRO A 847 -9.96 8.32 -18.80
N HIS A 848 -10.78 9.37 -18.81
CA HIS A 848 -10.31 10.72 -19.12
C HIS A 848 -11.30 11.72 -18.54
N TYR A 849 -10.84 12.54 -17.61
CA TYR A 849 -11.71 13.48 -16.90
C TYR A 849 -11.44 14.94 -17.26
N ALA A 850 -10.24 15.44 -16.94
CA ALA A 850 -9.85 16.81 -17.23
C ALA A 850 -8.41 16.89 -17.72
N GLU A 851 -7.96 15.85 -18.41
CA GLU A 851 -6.59 15.81 -18.91
C GLU A 851 -6.44 16.74 -20.11
N ARG A 852 -5.28 16.66 -20.73
CA ARG A 852 -4.89 17.56 -21.81
C ARG A 852 -4.79 16.81 -23.13
N ILE A 853 -5.13 17.51 -24.22
CA ILE A 853 -5.01 17.00 -25.57
C ILE A 853 -3.98 17.85 -26.28
N LEU A 854 -3.75 17.60 -27.57
CA LEU A 854 -2.70 18.26 -28.33
C LEU A 854 -2.66 19.76 -28.05
N LEU A 855 -1.45 20.29 -27.90
CA LEU A 855 -1.25 21.65 -27.44
C LEU A 855 -1.60 22.67 -28.52
N SER A 856 -1.48 23.94 -28.15
CA SER A 856 -1.76 25.05 -29.05
C SER A 856 -0.48 25.83 -29.33
N LEU A 857 -0.61 26.94 -30.06
CA LEU A 857 0.57 27.74 -30.41
C LEU A 857 1.12 28.50 -29.22
N ARG A 858 0.26 28.87 -28.27
CA ARG A 858 0.70 29.69 -27.14
C ARG A 858 1.74 28.96 -26.30
N GLU A 859 1.52 27.67 -26.05
CA GLU A 859 2.49 26.92 -25.26
C GLU A 859 3.79 26.68 -26.03
N ILE A 860 3.72 26.62 -27.37
CA ILE A 860 4.88 26.25 -28.16
C ILE A 860 5.62 27.44 -28.74
N ILE A 861 5.18 28.66 -28.49
CA ILE A 861 5.93 29.84 -28.91
C ILE A 861 6.28 30.77 -27.75
N ARG A 862 5.88 30.48 -26.53
CA ARG A 862 6.08 31.36 -25.39
C ARG A 862 7.13 30.80 -24.45
N GLU A 863 8.03 31.68 -23.99
CA GLU A 863 9.04 31.33 -23.01
C GLU A 863 8.42 31.14 -21.63
N ASP A 864 9.24 30.70 -20.68
CA ASP A 864 8.80 30.50 -19.32
C ASP A 864 8.97 31.80 -18.52
N ASP A 865 8.53 31.77 -17.26
CA ASP A 865 8.62 32.96 -16.41
C ASP A 865 10.06 33.31 -16.06
N GLN A 866 10.95 32.32 -15.99
CA GLN A 866 12.34 32.56 -15.68
C GLN A 866 13.13 32.90 -16.95
N PHE A 867 14.33 33.44 -16.75
CA PHE A 867 15.20 33.82 -17.86
C PHE A 867 15.90 32.56 -18.38
N SER A 868 15.20 31.81 -19.22
CA SER A 868 15.71 30.59 -19.85
C SER A 868 16.18 29.59 -18.79
N ARG A 869 15.23 29.14 -17.98
CA ARG A 869 15.49 28.17 -16.91
C ARG A 869 14.37 27.16 -16.88
N VAL A 870 14.70 25.89 -17.15
CA VAL A 870 13.74 24.77 -17.07
C VAL A 870 12.52 25.01 -17.97
N THR A 871 12.76 25.53 -19.17
CA THR A 871 11.70 25.75 -20.14
C THR A 871 11.58 24.52 -21.05
N LEU A 872 10.36 24.04 -21.22
CA LEU A 872 10.14 22.84 -22.04
C LEU A 872 10.49 23.08 -23.49
N LEU A 873 10.15 24.27 -24.01
CA LEU A 873 10.44 24.57 -25.41
C LEU A 873 11.94 24.52 -25.68
N GLU A 874 12.72 25.24 -24.88
CA GLU A 874 14.17 25.19 -25.03
C GLU A 874 14.72 23.82 -24.65
N TYR A 875 14.04 23.11 -23.75
CA TYR A 875 14.45 21.75 -23.43
C TYR A 875 14.45 20.86 -24.67
N LEU A 876 13.33 20.83 -25.38
CA LEU A 876 13.24 20.01 -26.58
C LEU A 876 14.01 20.60 -27.76
N LYS A 877 14.29 21.90 -27.75
CA LYS A 877 15.05 22.49 -28.85
C LYS A 877 16.55 22.21 -28.69
N GLN A 878 17.05 22.21 -27.45
CA GLN A 878 18.49 22.11 -27.23
C GLN A 878 18.93 20.70 -26.85
N LEU A 879 18.23 20.05 -25.92
CA LEU A 879 18.67 18.77 -25.37
C LEU A 879 18.24 17.59 -26.24
N HIS A 880 18.00 17.82 -27.53
CA HIS A 880 17.78 16.75 -28.50
C HIS A 880 18.99 16.75 -29.42
N PRO A 881 20.10 16.16 -29.00
CA PRO A 881 21.34 16.26 -29.79
C PRO A 881 21.24 15.66 -31.17
N VAL A 882 20.48 14.59 -31.34
CA VAL A 882 20.33 13.94 -32.65
C VAL A 882 18.86 13.97 -33.05
N GLU A 883 17.96 14.00 -32.06
CA GLU A 883 16.54 13.95 -32.34
C GLU A 883 16.08 15.19 -33.10
N TRP A 884 16.43 16.37 -32.60
CA TRP A 884 16.01 17.60 -33.25
C TRP A 884 16.64 17.74 -34.64
N GLU A 885 17.91 17.35 -34.77
CA GLU A 885 18.57 17.41 -36.07
C GLU A 885 17.91 16.49 -37.08
N CYS A 886 17.58 15.26 -36.67
CA CYS A 886 16.90 14.33 -37.56
C CYS A 886 15.51 14.83 -37.92
N PHE A 887 14.79 15.43 -36.98
CA PHE A 887 13.48 15.98 -37.30
C PHE A 887 13.58 17.14 -38.29
N VAL A 888 14.54 18.05 -38.07
CA VAL A 888 14.61 19.24 -38.92
C VAL A 888 15.08 18.87 -40.32
N LYS A 889 16.05 17.95 -40.43
CA LYS A 889 16.57 17.57 -41.74
C LYS A 889 15.56 16.82 -42.60
N ASP A 890 14.47 16.33 -42.00
CA ASP A 890 13.40 15.69 -42.75
C ASP A 890 12.12 16.50 -42.79
N THR A 891 12.02 17.57 -42.00
CA THR A 891 10.86 18.45 -42.05
C THR A 891 11.07 19.69 -42.91
N LYS A 892 12.31 20.17 -43.04
CA LYS A 892 12.58 21.31 -43.90
C LYS A 892 12.57 20.94 -45.38
N ILE A 893 12.51 19.65 -45.72
CA ILE A 893 12.32 19.23 -47.11
C ILE A 893 10.85 19.08 -47.47
N LEU A 894 9.95 19.07 -46.48
CA LEU A 894 8.52 18.99 -46.75
C LEU A 894 7.93 20.34 -47.17
N ALA A 895 8.65 21.43 -46.95
CA ALA A 895 8.16 22.75 -47.31
C ALA A 895 9.09 23.43 -48.32
N ALA A 931 0.26 32.61 -43.15
CA ALA A 931 -0.27 31.94 -41.97
C ALA A 931 0.25 30.51 -41.87
N ALA A 932 0.30 29.83 -43.02
CA ALA A 932 0.75 28.45 -43.14
C ALA A 932 -0.06 27.53 -42.21
N PRO A 933 -1.34 27.32 -42.50
CA PRO A 933 -2.13 26.43 -41.62
C PRO A 933 -1.59 25.00 -41.58
N GLU A 934 -1.06 24.50 -42.69
CA GLU A 934 -0.53 23.14 -42.70
C GLU A 934 0.75 23.03 -41.88
N TYR A 935 1.63 24.04 -41.96
CA TYR A 935 2.81 24.06 -41.11
C TYR A 935 2.43 24.31 -39.66
N THR A 936 1.32 25.03 -39.44
CA THR A 936 0.83 25.24 -38.08
C THR A 936 0.42 23.93 -37.43
N LEU A 937 -0.40 23.14 -38.12
CA LEU A 937 -0.89 21.88 -37.56
C LEU A 937 0.23 20.88 -37.36
N ARG A 938 1.20 20.84 -38.29
CA ARG A 938 2.30 19.89 -38.17
C ARG A 938 3.14 20.16 -36.92
N THR A 939 3.40 21.44 -36.63
CA THR A 939 4.12 21.79 -35.40
C THR A 939 3.32 21.41 -34.16
N ARG A 940 2.01 21.61 -34.20
CA ARG A 940 1.16 21.20 -33.08
C ARG A 940 1.26 19.69 -32.85
N ILE A 941 1.21 18.92 -33.93
CA ILE A 941 1.29 17.47 -33.81
C ILE A 941 2.65 17.05 -33.26
N TRP A 942 3.73 17.60 -33.81
CA TRP A 942 5.06 17.19 -33.38
C TRP A 942 5.33 17.57 -31.93
N ALA A 943 4.88 18.76 -31.51
CA ALA A 943 5.10 19.19 -30.14
C ALA A 943 4.32 18.32 -29.16
N SER A 944 3.15 17.83 -29.57
CA SER A 944 2.34 17.00 -28.68
C SER A 944 2.96 15.63 -28.45
N LEU A 945 3.63 15.09 -29.47
CA LEU A 945 4.18 13.75 -29.39
C LEU A 945 5.37 13.65 -28.44
N ARG A 946 5.92 14.78 -27.98
CA ARG A 946 7.06 14.78 -27.08
C ARG A 946 6.71 15.22 -25.66
N SER A 947 5.46 15.58 -25.41
CA SER A 947 5.01 16.02 -24.10
C SER A 947 3.94 15.08 -23.57
N GLN A 948 3.36 15.44 -22.44
CA GLN A 948 2.29 14.65 -21.82
C GLN A 948 0.97 15.08 -22.46
N THR A 949 0.41 14.22 -23.30
CA THR A 949 -0.85 14.48 -23.99
C THR A 949 -1.59 13.18 -24.20
N LEU A 950 -2.90 13.30 -24.40
CA LEU A 950 -3.71 12.13 -24.74
C LEU A 950 -3.41 11.62 -26.15
N TYR A 951 -3.07 12.53 -27.07
CA TYR A 951 -2.77 12.11 -28.44
C TYR A 951 -1.58 11.16 -28.48
N ARG A 952 -0.61 11.36 -27.59
CA ARG A 952 0.53 10.45 -27.53
C ARG A 952 0.10 9.04 -27.16
N THR A 953 -0.79 8.91 -26.17
CA THR A 953 -1.28 7.60 -25.77
C THR A 953 -2.08 6.93 -26.88
N ILE A 954 -2.94 7.69 -27.56
CA ILE A 954 -3.74 7.13 -28.65
C ILE A 954 -2.82 6.65 -29.77
N SER A 955 -1.83 7.47 -30.14
CA SER A 955 -0.91 7.06 -31.20
C SER A 955 -0.11 5.84 -30.80
N GLY A 956 0.31 5.76 -29.54
CA GLY A 956 1.06 4.61 -29.09
C GLY A 956 0.25 3.33 -29.09
N PHE A 957 -1.01 3.39 -28.67
CA PHE A 957 -1.83 2.21 -28.55
C PHE A 957 -2.58 1.84 -29.83
N MET A 958 -2.56 2.71 -30.85
CA MET A 958 -3.15 2.34 -32.14
C MET A 958 -2.23 1.48 -32.98
N ASN A 959 -1.16 0.93 -32.41
CA ASN A 959 -0.27 0.03 -33.14
C ASN A 959 -0.78 -1.40 -33.20
N TYR A 960 -1.83 -1.72 -32.45
CA TYR A 960 -2.37 -3.08 -32.47
C TYR A 960 -2.90 -3.44 -33.85
N SER A 961 -3.62 -2.52 -34.49
CA SER A 961 -4.16 -2.80 -35.82
C SER A 961 -3.03 -2.99 -36.83
N ARG A 962 -1.99 -2.16 -36.74
CA ARG A 962 -0.85 -2.29 -37.66
C ARG A 962 -0.14 -3.62 -37.47
N ALA A 963 0.08 -4.02 -36.22
CA ALA A 963 0.72 -5.30 -35.95
C ALA A 963 -0.13 -6.47 -36.45
N ILE A 964 -1.44 -6.40 -36.24
CA ILE A 964 -2.32 -7.48 -36.68
C ILE A 964 -2.32 -7.57 -38.20
N LYS A 965 -2.37 -6.43 -38.89
CA LYS A 965 -2.33 -6.45 -40.35
C LYS A 965 -1.00 -7.00 -40.86
N LEU A 966 0.10 -6.62 -40.22
CA LEU A 966 1.40 -7.16 -40.62
C LEU A 966 1.44 -8.68 -40.46
N LEU A 967 0.97 -9.18 -39.31
CA LEU A 967 0.98 -10.61 -39.08
C LEU A 967 0.07 -11.34 -40.07
N TYR A 968 -1.11 -10.77 -40.35
CA TYR A 968 -2.03 -11.40 -41.29
C TYR A 968 -1.45 -11.46 -42.69
N ARG A 969 -0.79 -10.39 -43.14
CA ARG A 969 -0.20 -10.39 -44.46
C ARG A 969 0.98 -11.36 -44.55
N VAL A 970 1.82 -11.41 -43.51
CA VAL A 970 2.99 -12.27 -43.54
C VAL A 970 2.58 -13.74 -43.48
N GLU A 971 1.60 -14.08 -42.64
CA GLU A 971 1.28 -15.47 -42.37
C GLU A 971 0.63 -16.14 -43.57
N ASN A 972 -0.53 -15.65 -43.99
CA ASN A 972 -1.27 -16.27 -45.08
C ASN A 972 -0.71 -15.83 -46.42
N PRO A 973 -0.19 -16.75 -47.24
CA PRO A 973 0.37 -16.37 -48.55
C PRO A 973 -0.59 -16.50 -49.74
N GLU A 974 -1.86 -16.77 -49.51
CA GLU A 974 -2.77 -17.02 -50.63
C GLU A 974 -3.39 -15.74 -51.15
N ILE A 975 -3.82 -14.84 -50.26
CA ILE A 975 -4.56 -13.66 -50.68
C ILE A 975 -3.68 -12.73 -51.51
N VAL A 976 -2.40 -12.64 -51.17
CA VAL A 976 -1.50 -11.73 -51.86
C VAL A 976 -1.39 -12.09 -53.34
N GLN A 977 -1.26 -13.38 -53.65
CA GLN A 977 -1.24 -13.82 -55.03
C GLN A 977 -2.64 -13.90 -55.64
N MET A 978 -3.67 -14.02 -54.80
CA MET A 978 -5.04 -13.98 -55.30
C MET A 978 -5.38 -12.61 -55.90
N PHE A 979 -4.99 -11.54 -55.22
CA PHE A 979 -5.23 -10.21 -55.75
C PHE A 979 -4.30 -9.91 -56.91
N GLY A 980 -2.99 -9.97 -56.67
CA GLY A 980 -2.02 -9.81 -57.74
C GLY A 980 -1.96 -8.44 -58.37
N GLY A 981 -2.01 -7.37 -57.56
CA GLY A 981 -1.86 -6.04 -58.09
C GLY A 981 -2.95 -5.07 -57.66
N ASN A 982 -4.05 -5.60 -57.14
CA ASN A 982 -5.17 -4.78 -56.70
C ASN A 982 -4.88 -4.28 -55.28
N ALA A 983 -4.34 -3.06 -55.17
CA ALA A 983 -4.00 -2.51 -53.87
C ALA A 983 -5.26 -2.28 -53.03
N GLU A 984 -6.35 -1.84 -53.67
CA GLU A 984 -7.57 -1.55 -52.93
C GLU A 984 -8.10 -2.80 -52.22
N GLY A 985 -8.11 -3.93 -52.91
CA GLY A 985 -8.61 -5.15 -52.29
C GLY A 985 -7.75 -5.61 -51.13
N LEU A 986 -6.43 -5.59 -51.31
CA LEU A 986 -5.53 -6.06 -50.27
C LEU A 986 -5.49 -5.12 -49.08
N GLU A 987 -5.82 -3.84 -49.27
CA GLU A 987 -5.93 -2.96 -48.11
C GLU A 987 -7.30 -3.07 -47.45
N ARG A 988 -8.37 -3.27 -48.23
CA ARG A 988 -9.70 -3.35 -47.67
C ARG A 988 -9.87 -4.63 -46.83
N GLU A 989 -9.40 -5.77 -47.35
CA GLU A 989 -9.54 -7.01 -46.60
C GLU A 989 -8.74 -6.96 -45.30
N LEU A 990 -7.51 -6.44 -45.36
CA LEU A 990 -6.70 -6.31 -44.16
C LEU A 990 -7.33 -5.35 -43.15
N GLU A 991 -7.93 -4.26 -43.65
CA GLU A 991 -8.60 -3.31 -42.75
C GLU A 991 -9.80 -3.97 -42.07
N LYS A 992 -10.57 -4.76 -42.83
CA LYS A 992 -11.70 -5.48 -42.24
C LYS A 992 -11.23 -6.45 -41.16
N MET A 993 -10.17 -7.20 -41.44
CA MET A 993 -9.64 -8.13 -40.46
C MET A 993 -9.15 -7.40 -39.21
N ALA A 994 -8.52 -6.25 -39.40
CA ALA A 994 -8.06 -5.46 -38.25
C ALA A 994 -9.22 -4.95 -37.41
N ARG A 995 -10.29 -4.49 -38.06
CA ARG A 995 -11.44 -4.01 -37.30
C ARG A 995 -12.16 -5.14 -36.57
N ARG A 996 -12.15 -6.36 -37.13
CA ARG A 996 -12.88 -7.45 -36.49
C ARG A 996 -12.32 -7.80 -35.11
N LYS A 997 -10.99 -7.81 -34.97
CA LYS A 997 -10.34 -8.41 -33.81
C LYS A 997 -9.77 -7.38 -32.83
N PHE A 998 -10.20 -6.13 -32.91
CA PHE A 998 -9.63 -5.12 -32.01
C PHE A 998 -10.58 -3.93 -31.92
N LYS A 999 -10.81 -3.45 -30.70
CA LYS A 999 -11.67 -2.31 -30.44
C LYS A 999 -10.97 -1.35 -29.48
N PHE A 1000 -11.22 -0.06 -29.66
CA PHE A 1000 -10.67 0.99 -28.81
C PHE A 1000 -11.80 1.82 -28.25
N LEU A 1001 -11.81 2.01 -26.93
CA LEU A 1001 -12.84 2.79 -26.26
C LEU A 1001 -12.19 3.84 -25.37
N VAL A 1002 -12.67 5.08 -25.48
CA VAL A 1002 -12.18 6.20 -24.68
C VAL A 1002 -13.37 6.82 -23.96
N SER A 1003 -13.26 6.97 -22.65
CA SER A 1003 -14.35 7.47 -21.82
C SER A 1003 -14.08 8.92 -21.47
N MET A 1004 -14.88 9.83 -22.03
CA MET A 1004 -14.83 11.25 -21.70
C MET A 1004 -16.03 11.59 -20.84
N GLN A 1005 -15.77 12.01 -19.60
CA GLN A 1005 -16.84 12.24 -18.64
C GLN A 1005 -17.77 13.36 -19.10
N ARG A 1006 -17.21 14.45 -19.62
CA ARG A 1006 -17.99 15.62 -20.02
C ARG A 1006 -17.63 16.01 -21.44
N LEU A 1007 -18.65 16.26 -22.26
CA LEU A 1007 -18.45 16.82 -23.59
C LEU A 1007 -19.44 17.90 -23.96
N ALA A 1008 -20.55 18.05 -23.24
CA ALA A 1008 -21.48 19.14 -23.53
C ALA A 1008 -20.95 20.48 -23.06
N LYS A 1009 -20.05 20.47 -22.07
CA LYS A 1009 -19.46 21.69 -21.52
C LYS A 1009 -17.94 21.58 -21.50
N PHE A 1010 -17.36 21.14 -22.61
CA PHE A 1010 -15.93 20.84 -22.63
C PHE A 1010 -15.08 22.11 -22.76
N LYS A 1011 -15.16 22.77 -23.93
CA LYS A 1011 -14.43 24.00 -24.20
C LYS A 1011 -14.78 24.49 -25.61
N PRO A 1012 -14.67 25.78 -25.89
CA PRO A 1012 -14.82 26.24 -27.28
C PRO A 1012 -13.76 25.69 -28.24
N HIS A 1013 -12.60 25.27 -27.74
CA HIS A 1013 -11.54 24.76 -28.59
C HIS A 1013 -11.19 23.29 -28.35
N GLU A 1014 -11.39 22.78 -27.13
CA GLU A 1014 -11.21 21.35 -26.91
C GLU A 1014 -12.22 20.53 -27.70
N LEU A 1015 -13.38 21.12 -28.00
CA LEU A 1015 -14.34 20.45 -28.86
C LEU A 1015 -13.78 20.26 -30.27
N GLU A 1016 -13.13 21.29 -30.82
CA GLU A 1016 -12.46 21.15 -32.10
C GLU A 1016 -11.32 20.15 -32.01
N ASN A 1017 -10.61 20.12 -30.87
CA ASN A 1017 -9.57 19.13 -30.68
C ASN A 1017 -10.11 17.71 -30.74
N ALA A 1018 -11.25 17.48 -30.08
CA ALA A 1018 -11.86 16.15 -30.11
C ALA A 1018 -12.37 15.80 -31.50
N GLU A 1019 -12.89 16.78 -32.24
CA GLU A 1019 -13.30 16.53 -33.62
C GLU A 1019 -12.10 16.14 -34.47
N PHE A 1020 -10.97 16.80 -34.29
CA PHE A 1020 -9.75 16.42 -35.01
C PHE A 1020 -9.32 15.01 -34.60
N LEU A 1021 -9.45 14.67 -33.33
CA LEU A 1021 -9.10 13.33 -32.87
C LEU A 1021 -9.94 12.27 -33.57
N LEU A 1022 -11.25 12.51 -33.66
CA LEU A 1022 -12.12 11.56 -34.36
C LEU A 1022 -11.81 11.51 -35.85
N ARG A 1023 -11.43 12.64 -36.45
CA ARG A 1023 -11.10 12.65 -37.88
C ARG A 1023 -9.80 11.92 -38.17
N ALA A 1024 -8.83 11.98 -37.25
CA ALA A 1024 -7.53 11.36 -37.50
C ALA A 1024 -7.64 9.84 -37.50
N TYR A 1025 -8.32 9.28 -36.51
CA TYR A 1025 -8.48 7.82 -36.39
C TYR A 1025 -9.96 7.48 -36.44
N PRO A 1026 -10.48 7.06 -37.61
CA PRO A 1026 -11.93 6.87 -37.73
C PRO A 1026 -12.49 5.79 -36.81
N ASP A 1027 -11.72 4.76 -36.50
CA ASP A 1027 -12.23 3.62 -35.74
C ASP A 1027 -12.42 3.92 -34.26
N LEU A 1028 -11.89 5.03 -33.76
CA LEU A 1028 -11.94 5.32 -32.33
C LEU A 1028 -13.38 5.62 -31.91
N GLN A 1029 -13.73 5.21 -30.70
CA GLN A 1029 -15.06 5.40 -30.14
C GLN A 1029 -14.98 6.20 -28.85
N ILE A 1030 -15.97 7.06 -28.62
CA ILE A 1030 -16.00 7.95 -27.48
C ILE A 1030 -17.32 7.77 -26.76
N ALA A 1031 -17.27 7.60 -25.44
CA ALA A 1031 -18.45 7.50 -24.60
C ALA A 1031 -18.51 8.72 -23.69
N TYR A 1032 -19.68 9.37 -23.65
CA TYR A 1032 -19.83 10.59 -22.87
C TYR A 1032 -21.23 10.66 -22.29
N LEU A 1033 -21.38 11.47 -21.25
CA LEU A 1033 -22.69 11.73 -20.67
C LEU A 1033 -23.40 12.84 -21.45
N ASP A 1034 -24.72 12.73 -21.52
CA ASP A 1034 -25.54 13.69 -22.26
C ASP A 1034 -26.78 13.99 -21.46
N GLU A 1035 -27.33 15.18 -21.66
CA GLU A 1035 -28.50 15.63 -20.92
C GLU A 1035 -29.57 16.14 -21.88
N GLU A 1036 -30.83 15.81 -21.60
CA GLU A 1036 -31.97 16.26 -22.38
C GLU A 1036 -32.88 17.11 -21.52
N PRO A 1037 -33.27 18.30 -21.97
CA PRO A 1037 -34.03 19.21 -21.10
C PRO A 1037 -35.32 18.57 -20.63
N PRO A 1038 -35.73 18.84 -19.40
CA PRO A 1038 -36.96 18.22 -18.88
C PRO A 1038 -38.20 18.67 -19.65
N LEU A 1039 -39.17 17.76 -19.74
CA LEU A 1039 -40.42 18.02 -20.41
C LEU A 1039 -41.57 18.24 -19.43
N THR A 1040 -41.28 18.35 -18.13
CA THR A 1040 -42.30 18.53 -17.11
C THR A 1040 -41.94 19.68 -16.18
N GLU A 1041 -42.67 19.80 -15.08
CA GLU A 1041 -42.37 20.81 -14.06
C GLU A 1041 -40.96 20.60 -13.50
N GLY A 1042 -40.48 21.60 -12.77
CA GLY A 1042 -39.14 21.58 -12.21
C GLY A 1042 -38.78 20.30 -11.48
N GLU A 1043 -37.81 19.56 -12.02
CA GLU A 1043 -37.37 18.30 -11.45
C GLU A 1043 -35.93 18.07 -11.86
N GLU A 1044 -35.33 17.01 -11.30
CA GLU A 1044 -33.95 16.69 -11.62
C GLU A 1044 -33.82 16.39 -13.11
N PRO A 1045 -32.82 16.96 -13.78
CA PRO A 1045 -32.66 16.71 -15.22
C PRO A 1045 -32.41 15.25 -15.53
N ARG A 1046 -32.96 14.79 -16.65
CA ARG A 1046 -32.73 13.42 -17.09
C ARG A 1046 -31.33 13.26 -17.67
N ILE A 1047 -30.70 12.14 -17.39
CA ILE A 1047 -29.33 11.87 -17.78
C ILE A 1047 -29.32 10.68 -18.74
N TYR A 1048 -28.48 10.76 -19.76
CA TYR A 1048 -28.34 9.71 -20.76
C TYR A 1048 -26.88 9.28 -20.85
N SER A 1049 -26.59 8.43 -21.83
CA SER A 1049 -25.24 7.97 -22.10
C SER A 1049 -25.15 7.57 -23.56
N ALA A 1050 -24.23 8.17 -24.30
CA ALA A 1050 -24.18 8.03 -25.73
C ALA A 1050 -22.80 7.57 -26.18
N LEU A 1051 -22.76 6.96 -27.37
CA LEU A 1051 -21.51 6.51 -27.96
C LEU A 1051 -21.46 6.92 -29.42
N ILE A 1052 -20.35 7.52 -29.83
CA ILE A 1052 -20.16 7.98 -31.21
C ILE A 1052 -18.80 7.50 -31.69
N ASP A 1053 -18.67 7.40 -33.01
CA ASP A 1053 -17.42 6.99 -33.64
C ASP A 1053 -17.23 7.84 -34.90
N GLY A 1054 -16.18 7.53 -35.66
CA GLY A 1054 -15.87 8.31 -36.84
C GLY A 1054 -16.56 7.84 -38.09
N HIS A 1055 -17.85 7.49 -37.98
CA HIS A 1055 -18.61 7.05 -39.14
C HIS A 1055 -20.03 7.61 -39.16
N CYS A 1056 -20.39 8.48 -38.23
CA CYS A 1056 -21.70 9.11 -38.20
C CYS A 1056 -21.63 10.49 -38.86
N GLU A 1057 -22.65 10.81 -39.64
CA GLU A 1057 -22.65 12.07 -40.36
C GLU A 1057 -22.89 13.24 -39.41
N ILE A 1058 -22.56 14.45 -39.88
CA ILE A 1058 -22.68 15.64 -39.06
C ILE A 1058 -24.13 16.08 -38.99
N LEU A 1059 -24.57 16.45 -37.79
CA LEU A 1059 -25.96 16.84 -37.56
C LEU A 1059 -26.17 18.30 -37.93
N ASP A 1060 -27.34 18.84 -37.54
CA ASP A 1060 -27.68 20.22 -37.86
C ASP A 1060 -26.83 21.22 -37.08
N ASN A 1061 -26.46 20.88 -35.84
CA ASN A 1061 -25.72 21.78 -34.97
C ASN A 1061 -24.22 21.53 -35.00
N GLY A 1062 -23.74 20.74 -35.95
CA GLY A 1062 -22.33 20.43 -36.04
C GLY A 1062 -21.86 19.27 -35.19
N ARG A 1063 -22.74 18.66 -34.41
CA ARG A 1063 -22.39 17.50 -33.60
C ARG A 1063 -22.57 16.23 -34.44
N ARG A 1064 -22.49 15.07 -33.79
CA ARG A 1064 -22.62 13.78 -34.46
C ARG A 1064 -23.82 13.03 -33.92
N ARG A 1065 -24.38 12.18 -34.76
CA ARG A 1065 -25.53 11.38 -34.39
C ARG A 1065 -25.09 10.20 -33.51
N PRO A 1066 -25.54 10.12 -32.27
CA PRO A 1066 -25.14 8.97 -31.43
C PRO A 1066 -25.76 7.68 -31.94
N LYS A 1067 -25.04 6.58 -31.74
CA LYS A 1067 -25.54 5.27 -32.15
C LYS A 1067 -26.51 4.71 -31.13
N PHE A 1068 -26.09 4.63 -29.86
CA PHE A 1068 -26.92 4.14 -28.78
C PHE A 1068 -27.10 5.23 -27.74
N ARG A 1069 -28.30 5.33 -27.18
CA ARG A 1069 -28.60 6.30 -26.13
C ARG A 1069 -29.41 5.59 -25.05
N VAL A 1070 -28.77 5.27 -23.93
CA VAL A 1070 -29.39 4.52 -22.85
C VAL A 1070 -29.60 5.45 -21.67
N GLN A 1071 -30.85 5.55 -21.20
CA GLN A 1071 -31.19 6.43 -20.11
C GLN A 1071 -30.70 5.86 -18.78
N LEU A 1072 -30.05 6.71 -17.98
CA LEU A 1072 -29.60 6.34 -16.65
C LEU A 1072 -30.63 6.75 -15.61
N SER A 1073 -30.49 6.20 -14.41
CA SER A 1073 -31.45 6.44 -13.33
C SER A 1073 -31.22 7.76 -12.61
N GLY A 1074 -30.12 8.43 -12.87
CA GLY A 1074 -29.83 9.69 -12.19
C GLY A 1074 -28.39 10.08 -12.42
N ASN A 1075 -27.91 11.00 -11.60
CA ASN A 1075 -26.52 11.44 -11.72
C ASN A 1075 -25.61 10.30 -11.30
N PRO A 1076 -24.71 9.84 -12.16
CA PRO A 1076 -23.92 8.64 -11.83
C PRO A 1076 -22.73 8.93 -10.93
N ILE A 1077 -22.16 10.13 -11.03
CA ILE A 1077 -20.91 10.44 -10.34
C ILE A 1077 -21.26 10.75 -8.89
N LEU A 1078 -21.13 9.74 -8.02
CA LEU A 1078 -21.23 9.91 -6.58
C LEU A 1078 -19.90 9.69 -5.87
N GLY A 1079 -18.88 9.26 -6.60
CA GLY A 1079 -17.60 8.91 -5.99
C GLY A 1079 -16.43 9.77 -6.44
N ASP A 1080 -15.38 9.11 -6.94
CA ASP A 1080 -14.15 9.80 -7.32
C ASP A 1080 -14.04 10.06 -8.81
N GLY A 1081 -15.06 9.73 -9.60
CA GLY A 1081 -14.88 9.80 -11.04
C GLY A 1081 -14.46 8.48 -11.64
N LYS A 1082 -13.15 8.27 -11.75
CA LYS A 1082 -12.57 7.13 -12.45
C LYS A 1082 -13.35 5.82 -12.28
N SER A 1083 -13.70 5.47 -11.03
CA SER A 1083 -14.49 4.26 -10.82
C SER A 1083 -15.86 4.36 -11.46
N ASP A 1084 -16.59 5.43 -11.16
CA ASP A 1084 -17.91 5.61 -11.76
C ASP A 1084 -17.81 5.94 -13.25
N ASN A 1085 -16.72 6.61 -13.65
CA ASN A 1085 -16.51 6.89 -15.07
C ASN A 1085 -16.35 5.60 -15.86
N GLN A 1086 -15.60 4.64 -15.32
CA GLN A 1086 -15.51 3.34 -15.98
C GLN A 1086 -16.82 2.58 -15.90
N ASN A 1087 -17.54 2.71 -14.78
CA ASN A 1087 -18.78 1.98 -14.63
C ASN A 1087 -19.84 2.41 -15.64
N HIS A 1088 -19.94 3.72 -15.90
CA HIS A 1088 -21.00 4.18 -16.78
C HIS A 1088 -20.72 3.87 -18.25
N ALA A 1089 -19.46 3.60 -18.60
CA ALA A 1089 -19.10 3.27 -19.97
C ALA A 1089 -18.73 1.81 -20.15
N LEU A 1090 -18.83 1.00 -19.10
CA LEU A 1090 -18.54 -0.43 -19.24
C LEU A 1090 -19.50 -1.14 -20.17
N ILE A 1091 -20.73 -0.65 -20.33
CA ILE A 1091 -21.71 -1.37 -21.14
C ILE A 1091 -21.42 -1.33 -22.62
N PHE A 1092 -20.43 -0.56 -23.06
CA PHE A 1092 -20.11 -0.41 -24.48
C PHE A 1092 -18.87 -1.19 -24.88
N TYR A 1093 -18.42 -2.14 -24.07
CA TYR A 1093 -17.24 -2.92 -24.39
C TYR A 1093 -17.59 -4.16 -25.20
N ARG A 1094 -16.58 -4.72 -25.86
CA ARG A 1094 -16.74 -5.88 -26.72
C ARG A 1094 -15.60 -6.86 -26.49
N GLY A 1095 -15.76 -8.07 -27.00
CA GLY A 1095 -14.73 -9.06 -26.91
C GLY A 1095 -14.76 -9.86 -25.62
N GLU A 1096 -13.70 -10.64 -25.43
CA GLU A 1096 -13.59 -11.51 -24.26
C GLU A 1096 -12.64 -10.99 -23.20
N TYR A 1097 -11.63 -10.21 -23.58
CA TYR A 1097 -10.64 -9.70 -22.63
C TYR A 1097 -10.57 -8.18 -22.73
N ILE A 1098 -10.23 -7.55 -21.61
CA ILE A 1098 -10.07 -6.11 -21.52
C ILE A 1098 -8.69 -5.81 -20.96
N GLN A 1099 -8.06 -4.75 -21.47
CA GLN A 1099 -6.79 -4.27 -20.93
C GLN A 1099 -7.00 -2.89 -20.33
N LEU A 1100 -6.70 -2.75 -19.05
CA LEU A 1100 -6.85 -1.47 -18.37
C LEU A 1100 -5.57 -0.67 -18.50
N ILE A 1101 -5.69 0.56 -19.00
CA ILE A 1101 -4.52 1.43 -19.18
C ILE A 1101 -4.81 2.78 -18.53
N ASP A 1102 -3.74 3.52 -18.26
CA ASP A 1102 -3.85 4.85 -17.70
C ASP A 1102 -3.85 5.89 -18.83
N ALA A 1103 -3.84 7.15 -18.47
CA ALA A 1103 -3.92 8.24 -19.44
C ALA A 1103 -2.55 8.73 -19.89
N ASN A 1104 -1.46 8.12 -19.43
CA ASN A 1104 -0.12 8.55 -19.79
C ASN A 1104 0.80 7.40 -20.19
N GLN A 1105 0.25 6.23 -20.51
CA GLN A 1105 1.07 5.11 -20.94
C GLN A 1105 1.49 5.29 -22.40
N ASP A 1106 2.44 4.44 -22.83
CA ASP A 1106 2.86 4.40 -24.22
C ASP A 1106 3.22 2.97 -24.58
N ASN A 1107 3.10 2.66 -25.87
CA ASN A 1107 3.42 1.34 -26.39
C ASN A 1107 4.28 1.47 -27.64
N TYR A 1108 5.08 0.44 -27.90
CA TYR A 1108 5.90 0.36 -29.09
C TYR A 1108 5.47 -0.83 -29.92
N LEU A 1109 5.63 -0.70 -31.24
CA LEU A 1109 5.29 -1.80 -32.14
C LEU A 1109 6.10 -3.05 -31.85
N GLU A 1110 7.26 -2.90 -31.21
CA GLU A 1110 8.08 -4.07 -30.87
C GLU A 1110 7.35 -4.99 -29.90
N GLU A 1111 6.64 -4.43 -28.92
CA GLU A 1111 5.95 -5.21 -27.90
C GLU A 1111 4.51 -5.54 -28.26
N CYS A 1112 4.04 -5.14 -29.44
CA CYS A 1112 2.69 -5.44 -29.89
C CYS A 1112 2.64 -6.66 -30.80
N LEU A 1113 3.75 -7.35 -30.99
CA LEU A 1113 3.79 -8.56 -31.79
C LEU A 1113 3.59 -9.83 -30.97
N LYS A 1114 3.43 -9.70 -29.65
CA LYS A 1114 3.32 -10.84 -28.76
C LYS A 1114 1.97 -10.90 -28.05
N ILE A 1115 0.93 -10.31 -28.64
CA ILE A 1115 -0.36 -10.22 -27.97
C ILE A 1115 -1.00 -11.60 -27.87
N ARG A 1116 -0.87 -12.42 -28.91
CA ARG A 1116 -1.43 -13.77 -28.84
C ARG A 1116 -0.74 -14.60 -27.76
N SER A 1117 0.59 -14.47 -27.66
CA SER A 1117 1.33 -15.19 -26.62
C SER A 1117 0.91 -14.71 -25.23
N VAL A 1118 0.71 -13.40 -25.07
CA VAL A 1118 0.26 -12.89 -23.77
C VAL A 1118 -1.13 -13.41 -23.44
N LEU A 1119 -2.04 -13.38 -24.41
CA LEU A 1119 -3.41 -13.83 -24.17
C LEU A 1119 -3.49 -15.33 -23.96
N ALA A 1120 -2.50 -16.09 -24.40
CA ALA A 1120 -2.50 -17.53 -24.16
C ALA A 1120 -2.23 -17.89 -22.71
N GLU A 1121 -1.84 -16.93 -21.87
CA GLU A 1121 -1.58 -17.21 -20.46
C GLU A 1121 -2.85 -17.45 -19.66
N PHE A 1122 -4.02 -17.25 -20.26
CA PHE A 1122 -5.27 -17.48 -19.55
C PHE A 1122 -5.71 -18.93 -19.59
N GLU A 1123 -4.95 -19.80 -20.25
CA GLU A 1123 -5.15 -21.25 -20.20
C GLU A 1123 -6.55 -21.65 -20.69
N GLU A 1124 -7.01 -21.00 -21.75
CA GLU A 1124 -8.28 -21.36 -22.37
C GLU A 1124 -8.20 -21.41 -23.89
N LEU A 1125 -7.01 -21.28 -24.46
CA LEU A 1125 -6.85 -21.26 -25.92
C LEU A 1125 -6.66 -22.66 -26.48
N ASN A 1126 -5.60 -23.34 -26.05
CA ASN A 1126 -5.32 -24.71 -26.49
C ASN A 1126 -5.81 -25.69 -25.42
N VAL A 1127 -7.13 -25.85 -25.36
CA VAL A 1127 -7.77 -26.75 -24.41
C VAL A 1127 -8.89 -27.50 -25.12
N GLU A 1128 -8.88 -28.82 -25.02
CA GLU A 1128 -9.96 -29.63 -25.55
C GLU A 1128 -11.19 -29.51 -24.67
N GLN A 1129 -12.37 -29.46 -25.29
CA GLN A 1129 -13.62 -29.21 -24.58
C GLN A 1129 -14.38 -30.51 -24.37
N VAL A 1130 -14.99 -30.63 -23.19
CA VAL A 1130 -15.81 -31.78 -22.84
C VAL A 1130 -17.15 -31.26 -22.31
N ASN A 1131 -18.16 -32.12 -22.36
CA ASN A 1131 -19.50 -31.74 -21.96
C ASN A 1131 -19.52 -31.43 -20.46
N PRO A 1132 -19.90 -30.22 -20.05
CA PRO A 1132 -19.92 -29.89 -18.62
C PRO A 1132 -21.12 -30.43 -17.87
N TYR A 1133 -22.04 -31.13 -18.53
CA TYR A 1133 -23.22 -31.68 -17.87
C TYR A 1133 -23.27 -33.21 -18.00
N ALA A 1134 -22.13 -33.86 -18.17
CA ALA A 1134 -22.11 -35.31 -18.29
C ALA A 1134 -22.52 -35.95 -16.96
N PRO A 1135 -23.25 -37.08 -17.01
CA PRO A 1135 -23.69 -37.71 -15.76
C PRO A 1135 -22.63 -38.53 -15.05
N GLY A 1136 -21.48 -38.76 -15.67
CA GLY A 1136 -20.46 -39.60 -15.09
C GLY A 1136 -19.60 -38.94 -14.03
N LEU A 1137 -18.85 -37.90 -14.41
CA LEU A 1137 -17.84 -37.32 -13.55
C LEU A 1137 -18.47 -36.58 -12.36
N ARG A 1138 -17.68 -36.42 -11.32
CA ARG A 1138 -18.07 -35.74 -10.10
C ARG A 1138 -17.24 -34.47 -9.92
N TYR A 1139 -17.47 -33.77 -8.80
CA TYR A 1139 -16.81 -32.49 -8.57
C TYR A 1139 -15.31 -32.65 -8.42
N GLU A 1140 -14.86 -33.71 -7.74
CA GLU A 1140 -13.44 -33.88 -7.50
C GLU A 1140 -12.67 -34.11 -8.79
N GLU A 1141 -13.22 -34.90 -9.70
CA GLU A 1141 -12.54 -35.22 -10.97
C GLU A 1141 -12.85 -34.20 -12.05
N GLN A 1142 -12.64 -32.92 -11.75
CA GLN A 1142 -12.86 -31.84 -12.71
C GLN A 1142 -11.64 -30.95 -12.76
N THR A 1143 -11.18 -30.66 -13.97
CA THR A 1143 -10.00 -29.83 -14.17
C THR A 1143 -10.31 -28.35 -14.37
N THR A 1144 -11.58 -28.00 -14.62
CA THR A 1144 -11.99 -26.61 -14.77
C THR A 1144 -12.82 -26.22 -13.55
N ASN A 1145 -12.13 -25.76 -12.51
CA ASN A 1145 -12.78 -25.35 -11.27
C ASN A 1145 -12.35 -23.98 -10.78
N HIS A 1146 -11.12 -23.57 -11.03
CA HIS A 1146 -10.60 -22.28 -10.59
C HIS A 1146 -10.01 -21.54 -11.77
N PRO A 1147 -10.78 -20.67 -12.42
CA PRO A 1147 -10.26 -19.93 -13.57
C PRO A 1147 -9.31 -18.82 -13.16
N VAL A 1148 -8.42 -18.46 -14.08
CA VAL A 1148 -7.46 -17.38 -13.87
C VAL A 1148 -8.13 -16.06 -14.21
N ALA A 1149 -8.08 -15.11 -13.28
CA ALA A 1149 -8.83 -13.86 -13.37
C ALA A 1149 -7.98 -12.68 -13.80
N ILE A 1150 -6.78 -12.54 -13.24
CA ILE A 1150 -5.91 -11.40 -13.51
C ILE A 1150 -4.56 -11.92 -14.00
N VAL A 1151 -4.06 -11.31 -15.07
CA VAL A 1151 -2.73 -11.59 -15.60
C VAL A 1151 -2.07 -10.23 -15.79
N GLY A 1152 -1.13 -9.89 -14.92
CA GLY A 1152 -0.46 -8.61 -15.01
C GLY A 1152 1.01 -8.73 -15.33
N ALA A 1153 1.46 -8.03 -16.37
CA ALA A 1153 2.88 -8.06 -16.72
C ALA A 1153 3.71 -7.46 -15.60
N ARG A 1154 4.79 -8.14 -15.25
CA ARG A 1154 5.63 -7.75 -14.12
C ARG A 1154 6.86 -7.03 -14.62
N GLU A 1155 7.09 -5.82 -14.11
CA GLU A 1155 8.25 -5.03 -14.47
C GLU A 1155 9.51 -5.60 -13.84
N LYS A 1190 4.34 -7.97 -7.32
CA LYS A 1190 3.71 -9.24 -6.99
C LYS A 1190 3.16 -9.23 -5.58
N LEU A 1191 3.95 -9.78 -4.65
CA LEU A 1191 3.55 -9.87 -3.24
C LEU A 1191 2.24 -10.61 -3.08
N HIS A 1192 2.03 -11.64 -3.91
CA HIS A 1192 0.87 -12.53 -3.87
C HIS A 1192 -0.38 -11.83 -4.37
N TYR A 1193 -0.30 -10.53 -4.62
CA TYR A 1193 -1.46 -9.72 -5.06
C TYR A 1193 -0.93 -8.64 -5.99
N GLY A 1194 -1.00 -8.89 -7.31
CA GLY A 1194 -0.49 -7.95 -8.27
C GLY A 1194 -1.55 -7.03 -8.87
N HIS A 1195 -1.08 -5.91 -9.45
CA HIS A 1195 -1.95 -4.94 -10.09
C HIS A 1195 -2.37 -5.45 -11.48
N PRO A 1196 -3.61 -5.19 -11.87
CA PRO A 1196 -4.13 -5.79 -13.12
C PRO A 1196 -3.65 -5.04 -14.36
N ASP A 1197 -3.24 -5.79 -15.37
CA ASP A 1197 -3.00 -5.29 -16.71
C ASP A 1197 -4.02 -5.84 -17.71
N PHE A 1198 -4.24 -7.14 -17.71
CA PHE A 1198 -5.32 -7.78 -18.45
C PHE A 1198 -6.31 -8.37 -17.46
N ILE A 1199 -7.58 -8.39 -17.87
CA ILE A 1199 -8.65 -8.82 -16.98
C ILE A 1199 -9.62 -9.70 -17.78
N ASN A 1200 -10.08 -10.77 -17.15
CA ASN A 1200 -11.10 -11.64 -17.75
C ASN A 1200 -12.44 -10.96 -17.63
N ALA A 1201 -13.05 -10.61 -18.77
CA ALA A 1201 -14.30 -9.86 -18.76
C ALA A 1201 -15.44 -10.71 -18.20
N THR A 1202 -15.60 -11.93 -18.70
CA THR A 1202 -16.71 -12.77 -18.29
C THR A 1202 -16.64 -13.12 -16.80
N PHE A 1203 -15.44 -13.40 -16.31
CA PHE A 1203 -15.29 -13.76 -14.90
C PHE A 1203 -15.61 -12.58 -14.00
N MET A 1204 -15.09 -11.40 -14.32
CA MET A 1204 -15.12 -10.28 -13.39
C MET A 1204 -16.38 -9.43 -13.49
N THR A 1205 -16.94 -9.25 -14.69
CA THR A 1205 -18.13 -8.41 -14.81
C THR A 1205 -19.35 -9.06 -14.18
N THR A 1206 -19.38 -10.39 -14.12
CA THR A 1206 -20.48 -11.09 -13.49
C THR A 1206 -20.40 -11.06 -11.96
N ARG A 1207 -19.24 -10.71 -11.40
CA ARG A 1207 -19.04 -10.62 -9.97
C ARG A 1207 -19.04 -9.18 -9.45
N GLY A 1208 -19.27 -8.21 -10.33
CA GLY A 1208 -19.41 -6.83 -9.92
C GLY A 1208 -18.23 -5.93 -10.27
N GLY A 1209 -18.35 -5.21 -11.37
CA GLY A 1209 -17.39 -4.18 -11.73
C GLY A 1209 -15.99 -4.65 -12.03
N VAL A 1210 -15.19 -3.76 -12.64
CA VAL A 1210 -13.77 -4.01 -12.85
C VAL A 1210 -12.90 -3.24 -11.87
N SER A 1211 -13.48 -2.30 -11.11
CA SER A 1211 -12.78 -1.57 -10.08
C SER A 1211 -13.78 -1.13 -9.02
N LYS A 1212 -13.45 -1.34 -7.75
CA LYS A 1212 -14.37 -0.99 -6.68
C LYS A 1212 -14.56 0.52 -6.60
N ALA A 1213 -15.74 0.91 -6.14
CA ALA A 1213 -16.15 2.32 -6.12
C ALA A 1213 -16.57 2.71 -4.71
N GLN A 1214 -15.71 3.44 -4.01
CA GLN A 1214 -16.04 4.00 -2.70
C GLN A 1214 -15.04 5.06 -2.31
N LYS A 1215 -15.52 6.26 -1.95
CA LYS A 1215 -14.62 7.36 -1.61
C LYS A 1215 -14.01 7.23 -0.22
N GLY A 1216 -14.67 6.53 0.70
CA GLY A 1216 -14.18 6.47 2.06
C GLY A 1216 -13.59 5.13 2.48
N LEU A 1217 -13.82 4.10 1.67
CA LEU A 1217 -13.38 2.76 2.03
C LEU A 1217 -12.40 2.16 1.04
N HIS A 1218 -12.66 2.30 -0.26
CA HIS A 1218 -11.87 1.63 -1.31
C HIS A 1218 -11.19 2.69 -2.16
N LEU A 1219 -9.96 3.05 -1.79
CA LEU A 1219 -9.20 4.06 -2.50
C LEU A 1219 -8.28 3.50 -3.57
N ASN A 1220 -7.93 2.21 -3.48
CA ASN A 1220 -7.02 1.58 -4.42
C ASN A 1220 -7.80 0.67 -5.36
N GLU A 1221 -7.58 0.83 -6.66
CA GLU A 1221 -8.23 0.00 -7.66
C GLU A 1221 -7.39 -1.20 -8.06
N ASP A 1222 -6.21 -1.36 -7.46
CA ASP A 1222 -5.27 -2.42 -7.84
C ASP A 1222 -5.14 -3.52 -6.80
N ILE A 1223 -5.22 -3.19 -5.52
CA ILE A 1223 -5.03 -4.18 -4.47
C ILE A 1223 -6.37 -4.76 -4.00
N TYR A 1224 -7.38 -3.91 -3.85
CA TYR A 1224 -8.69 -4.39 -3.45
C TYR A 1224 -9.27 -5.34 -4.48
N ALA A 1225 -9.09 -5.02 -5.76
CA ALA A 1225 -9.59 -5.90 -6.82
C ALA A 1225 -8.88 -7.25 -6.78
N GLY A 1226 -7.56 -7.25 -6.57
CA GLY A 1226 -6.84 -8.51 -6.49
C GLY A 1226 -7.26 -9.36 -5.31
N MET A 1227 -7.41 -8.75 -4.13
CA MET A 1227 -7.80 -9.53 -2.97
C MET A 1227 -9.24 -10.02 -3.07
N ASN A 1228 -10.14 -9.24 -3.69
CA ASN A 1228 -11.50 -9.71 -3.88
C ASN A 1228 -11.58 -10.79 -4.94
N ALA A 1229 -10.73 -10.73 -5.96
CA ALA A 1229 -10.65 -11.82 -6.93
C ALA A 1229 -10.15 -13.11 -6.29
N MET A 1230 -9.15 -12.99 -5.42
CA MET A 1230 -8.62 -14.18 -4.75
C MET A 1230 -9.63 -14.76 -3.76
N LEU A 1231 -10.38 -13.91 -3.07
CA LEU A 1231 -11.32 -14.41 -2.07
C LEU A 1231 -12.40 -15.29 -2.69
N ARG A 1232 -12.88 -14.95 -3.88
CA ARG A 1232 -14.00 -15.65 -4.49
C ARG A 1232 -13.59 -16.92 -5.25
N GLY A 1233 -12.31 -17.10 -5.54
CA GLY A 1233 -11.87 -18.36 -6.13
C GLY A 1233 -11.08 -18.24 -7.41
N GLY A 1234 -10.65 -17.03 -7.76
CA GLY A 1234 -9.87 -16.84 -8.97
C GLY A 1234 -8.38 -16.99 -8.72
N ARG A 1235 -7.63 -17.03 -9.82
CA ARG A 1235 -6.18 -17.20 -9.78
C ARG A 1235 -5.51 -15.98 -10.41
N ILE A 1236 -4.39 -15.57 -9.82
CA ILE A 1236 -3.63 -14.42 -10.29
C ILE A 1236 -2.29 -14.91 -10.81
N LYS A 1237 -1.96 -14.55 -12.04
CA LYS A 1237 -0.71 -14.94 -12.67
C LYS A 1237 0.16 -13.70 -12.91
N HIS A 1238 1.37 -13.93 -13.43
CA HIS A 1238 2.31 -12.85 -13.73
C HIS A 1238 3.12 -13.26 -14.94
N CYS A 1239 3.16 -12.40 -15.95
CA CYS A 1239 3.95 -12.68 -17.14
C CYS A 1239 5.39 -12.22 -16.92
N GLU A 1240 6.27 -12.66 -17.81
CA GLU A 1240 7.70 -12.35 -17.71
C GLU A 1240 8.31 -11.79 -18.98
N TYR A 1241 7.73 -12.03 -20.15
CA TYR A 1241 8.25 -11.55 -21.42
C TYR A 1241 7.51 -10.30 -21.91
N TYR A 1242 6.66 -9.72 -21.07
CA TYR A 1242 5.89 -8.54 -21.43
C TYR A 1242 6.18 -7.43 -20.44
N GLN A 1243 6.38 -6.22 -20.93
CA GLN A 1243 6.65 -5.06 -20.10
C GLN A 1243 5.64 -3.97 -20.45
N CYS A 1244 4.85 -3.55 -19.47
CA CYS A 1244 3.89 -2.48 -19.68
C CYS A 1244 4.62 -1.13 -19.72
N GLY A 1245 3.99 -0.16 -20.36
CA GLY A 1245 4.59 1.15 -20.48
C GLY A 1245 4.28 2.05 -19.31
N LYS A 1246 5.20 2.12 -18.35
CA LYS A 1246 5.01 2.94 -17.16
C LYS A 1246 6.37 3.43 -16.69
N GLY A 1247 6.33 4.49 -15.87
CA GLY A 1247 7.57 5.06 -15.33
C GLY A 1247 7.97 4.36 -14.04
N GLY A 1263 2.58 5.75 3.35
CA GLY A 1263 2.93 4.91 4.48
C GLY A 1263 1.77 4.78 5.45
N ALA A 1264 1.84 5.53 6.55
CA ALA A 1264 0.80 5.44 7.58
C ALA A 1264 -0.55 5.94 7.08
N GLY A 1265 -0.54 6.89 6.14
CA GLY A 1265 -1.80 7.47 5.66
C GLY A 1265 -2.72 6.40 5.11
N MET A 1266 -2.17 5.45 4.35
CA MET A 1266 -2.92 4.27 3.97
C MET A 1266 -2.82 3.16 5.00
N GLY A 1267 -1.86 3.24 5.94
CA GLY A 1267 -1.73 2.20 6.94
C GLY A 1267 -2.92 2.11 7.86
N GLU A 1268 -3.40 3.27 8.36
CA GLU A 1268 -4.59 3.23 9.20
C GLU A 1268 -5.85 2.96 8.39
N GLN A 1269 -5.85 3.25 7.09
CA GLN A 1269 -7.05 2.98 6.29
C GLN A 1269 -7.11 1.54 5.79
N MET A 1270 -5.99 0.81 5.81
CA MET A 1270 -5.99 -0.55 5.28
C MET A 1270 -6.82 -1.50 6.14
N LEU A 1271 -7.05 -1.17 7.41
CA LEU A 1271 -7.91 -2.00 8.25
C LEU A 1271 -9.33 -2.02 7.67
N SER A 1272 -9.77 -3.20 7.25
CA SER A 1272 -11.01 -3.35 6.50
C SER A 1272 -11.60 -4.71 6.83
N ARG A 1273 -12.58 -5.14 6.04
CA ARG A 1273 -13.12 -6.48 6.17
C ARG A 1273 -12.34 -7.49 5.34
N GLU A 1274 -11.69 -7.05 4.26
CA GLU A 1274 -10.91 -7.96 3.45
C GLU A 1274 -9.71 -8.49 4.21
N TYR A 1275 -9.04 -7.62 4.98
CA TYR A 1275 -7.91 -8.06 5.79
C TYR A 1275 -8.36 -9.07 6.84
N TYR A 1276 -9.53 -8.85 7.43
CA TYR A 1276 -10.05 -9.76 8.44
C TYR A 1276 -10.35 -11.13 7.83
N TYR A 1277 -11.04 -11.14 6.68
CA TYR A 1277 -11.36 -12.40 6.01
C TYR A 1277 -10.10 -13.15 5.61
N LEU A 1278 -9.10 -12.43 5.07
CA LEU A 1278 -7.87 -13.10 4.67
C LEU A 1278 -7.10 -13.62 5.88
N GLY A 1279 -7.07 -12.85 6.97
CA GLY A 1279 -6.24 -13.22 8.11
C GLY A 1279 -6.78 -14.38 8.90
N THR A 1280 -8.09 -14.42 9.13
CA THR A 1280 -8.65 -15.44 10.01
C THR A 1280 -9.03 -16.73 9.30
N GLN A 1281 -8.67 -16.90 8.02
CA GLN A 1281 -9.10 -18.08 7.27
C GLN A 1281 -8.04 -18.74 6.41
N LEU A 1282 -6.92 -18.09 6.14
CA LEU A 1282 -5.94 -18.68 5.24
C LEU A 1282 -5.14 -19.78 5.94
N PRO A 1283 -4.63 -20.76 5.19
CA PRO A 1283 -3.66 -21.71 5.77
C PRO A 1283 -2.34 -21.04 6.07
N VAL A 1284 -1.48 -21.78 6.80
CA VAL A 1284 -0.36 -21.15 7.49
C VAL A 1284 0.67 -20.60 6.52
N ASP A 1285 1.05 -21.35 5.49
CA ASP A 1285 2.09 -20.88 4.59
C ASP A 1285 1.63 -19.70 3.75
N ARG A 1286 0.40 -19.77 3.23
CA ARG A 1286 -0.16 -18.64 2.49
C ARG A 1286 -0.31 -17.42 3.38
N PHE A 1287 -0.76 -17.62 4.62
CA PHE A 1287 -0.87 -16.50 5.55
C PHE A 1287 0.48 -15.85 5.81
N LEU A 1288 1.52 -16.67 6.00
CA LEU A 1288 2.85 -16.13 6.26
C LEU A 1288 3.37 -15.33 5.06
N THR A 1289 3.21 -15.89 3.86
CA THR A 1289 3.74 -15.20 2.68
C THR A 1289 2.92 -13.95 2.34
N PHE A 1290 1.64 -13.91 2.73
CA PHE A 1290 0.87 -12.68 2.55
C PHE A 1290 1.25 -11.63 3.59
N TYR A 1291 1.40 -12.03 4.85
CA TYR A 1291 1.69 -11.08 5.91
C TYR A 1291 3.06 -10.46 5.74
N TYR A 1292 4.08 -11.25 5.42
CA TYR A 1292 5.43 -10.69 5.43
C TYR A 1292 5.74 -9.83 4.23
N ALA A 1293 4.75 -9.55 3.36
CA ALA A 1293 4.94 -8.63 2.24
C ALA A 1293 4.23 -7.31 2.48
N HIS A 1294 2.90 -7.32 2.60
CA HIS A 1294 2.18 -6.04 2.65
C HIS A 1294 2.25 -5.36 4.02
N PRO A 1295 1.76 -5.97 5.14
CA PRO A 1295 1.78 -5.24 6.41
C PRO A 1295 3.04 -5.46 7.24
N GLY A 1296 3.79 -6.50 6.91
CA GLY A 1296 5.04 -6.76 7.62
C GLY A 1296 6.02 -5.61 7.48
N PHE A 1297 6.08 -5.02 6.29
CA PHE A 1297 6.95 -3.87 6.06
C PHE A 1297 6.56 -2.69 6.93
N HIS A 1298 5.26 -2.38 7.00
CA HIS A 1298 4.80 -1.24 7.78
C HIS A 1298 5.02 -1.45 9.27
N LEU A 1299 4.92 -2.70 9.75
CA LEU A 1299 5.21 -2.94 11.16
C LEU A 1299 6.70 -2.92 11.45
N ASN A 1300 7.53 -3.40 10.51
CA ASN A 1300 8.97 -3.35 10.70
C ASN A 1300 9.48 -1.91 10.75
N ASN A 1301 8.90 -1.04 9.93
CA ASN A 1301 9.27 0.38 9.99
C ASN A 1301 8.92 1.00 11.33
N LEU A 1302 7.83 0.55 11.96
CA LEU A 1302 7.42 1.12 13.23
C LEU A 1302 8.28 0.61 14.39
N PHE A 1303 8.68 -0.67 14.33
CA PHE A 1303 9.38 -1.25 15.47
C PHE A 1303 10.74 -0.59 15.74
N ILE A 1304 11.40 -0.10 14.69
CA ILE A 1304 12.75 0.46 14.85
C ILE A 1304 12.74 1.72 15.70
N GLN A 1305 11.74 2.58 15.50
CA GLN A 1305 11.66 3.82 16.28
C GLN A 1305 11.44 3.53 17.76
N LEU A 1306 10.55 2.59 18.07
CA LEU A 1306 10.34 2.19 19.46
C LEU A 1306 11.62 1.61 20.04
N SER A 1307 12.35 0.83 19.25
CA SER A 1307 13.63 0.29 19.71
C SER A 1307 14.60 1.40 20.08
N LEU A 1308 14.69 2.43 19.23
CA LEU A 1308 15.62 3.53 19.50
C LEU A 1308 15.24 4.29 20.76
N GLN A 1309 13.95 4.56 20.96
CA GLN A 1309 13.54 5.27 22.17
C GLN A 1309 13.81 4.45 23.43
N MET A 1310 13.49 3.15 23.40
CA MET A 1310 13.78 2.30 24.55
C MET A 1310 15.28 2.26 24.83
N PHE A 1311 16.10 2.20 23.78
CA PHE A 1311 17.55 2.18 23.98
C PHE A 1311 18.05 3.48 24.60
N MET A 1312 17.48 4.62 24.20
CA MET A 1312 17.90 5.88 24.80
C MET A 1312 17.60 5.92 26.29
N LEU A 1313 16.39 5.49 26.68
CA LEU A 1313 16.07 5.44 28.11
C LEU A 1313 17.02 4.51 28.86
N THR A 1314 17.27 3.33 28.29
CA THR A 1314 18.17 2.37 28.92
C THR A 1314 19.57 2.95 29.09
N LEU A 1315 20.08 3.62 28.05
CA LEU A 1315 21.42 4.20 28.11
C LEU A 1315 21.51 5.27 29.18
N VAL A 1316 20.47 6.11 29.31
CA VAL A 1316 20.50 7.14 30.33
C VAL A 1316 20.61 6.51 31.72
N ASN A 1317 19.74 5.54 32.01
CA ASN A 1317 19.76 4.93 33.34
C ASN A 1317 21.07 4.18 33.60
N LEU A 1318 21.56 3.45 32.59
CA LEU A 1318 22.78 2.66 32.75
C LEU A 1318 23.99 3.55 32.97
N SER A 1319 24.10 4.65 32.23
CA SER A 1319 25.24 5.55 32.41
C SER A 1319 25.19 6.24 33.76
N SER A 1320 24.00 6.61 34.23
CA SER A 1320 23.90 7.14 35.58
C SER A 1320 24.41 6.14 36.61
N LEU A 1321 23.96 4.88 36.49
CA LEU A 1321 24.39 3.84 37.42
C LEU A 1321 25.90 3.64 37.39
N ALA A 1322 26.48 3.57 36.18
CA ALA A 1322 27.90 3.30 36.08
C ALA A 1322 28.75 4.48 36.55
N HIS A 1323 28.34 5.71 36.24
CA HIS A 1323 29.10 6.87 36.70
C HIS A 1323 29.08 7.00 38.21
N GLU A 1324 27.90 6.81 38.82
CA GLU A 1324 27.77 7.07 40.25
C GLU A 1324 28.56 6.09 41.12
N SER A 1325 28.83 4.88 40.62
CA SER A 1325 29.43 3.84 41.45
C SER A 1325 30.77 3.39 40.88
N ILE A 1326 31.67 2.98 41.76
CA ILE A 1326 32.96 2.46 41.34
C ILE A 1326 32.77 1.07 40.72
N MET A 1327 33.70 0.68 39.87
CA MET A 1327 33.61 -0.59 39.17
C MET A 1327 34.81 -1.47 39.50
N CYS A 1328 34.86 -2.64 38.87
CA CYS A 1328 35.77 -3.70 39.28
C CYS A 1328 36.56 -4.19 38.07
N ILE A 1329 37.71 -4.79 38.38
CA ILE A 1329 38.59 -5.32 37.33
C ILE A 1329 37.96 -6.58 36.75
N TYR A 1330 38.12 -6.77 35.45
CA TYR A 1330 37.46 -7.85 34.73
C TYR A 1330 38.40 -8.43 33.69
N ASP A 1331 38.25 -9.71 33.42
CA ASP A 1331 39.06 -10.38 32.41
C ASP A 1331 38.17 -11.38 31.66
N ARG A 1332 38.79 -12.21 30.83
CA ARG A 1332 38.08 -13.03 29.85
C ARG A 1332 37.80 -14.45 30.31
N ASN A 1333 38.77 -15.12 30.94
CA ASN A 1333 38.65 -16.52 31.32
C ASN A 1333 38.76 -16.68 32.83
N LYS A 1334 38.09 -15.82 33.57
CA LYS A 1334 38.10 -15.89 35.02
C LYS A 1334 37.10 -16.92 35.51
N PRO A 1335 37.50 -17.91 36.31
CA PRO A 1335 36.52 -18.81 36.92
C PRO A 1335 35.59 -18.02 37.83
N LYS A 1336 34.36 -18.51 37.97
CA LYS A 1336 33.34 -17.78 38.73
C LYS A 1336 33.56 -17.84 40.23
N THR A 1337 34.51 -18.63 40.72
CA THR A 1337 34.60 -18.92 42.15
C THR A 1337 35.63 -18.07 42.89
N ASP A 1338 36.47 -17.31 42.18
CA ASP A 1338 37.54 -16.58 42.87
C ASP A 1338 37.04 -15.21 43.30
N VAL A 1339 37.89 -14.50 44.06
CA VAL A 1339 37.58 -13.18 44.58
C VAL A 1339 37.85 -12.11 43.54
N LEU A 1340 37.37 -10.89 43.79
CA LEU A 1340 37.59 -9.74 42.94
C LEU A 1340 38.67 -8.86 43.59
N VAL A 1341 39.68 -8.51 42.81
CA VAL A 1341 40.92 -7.98 43.39
C VAL A 1341 40.73 -6.64 44.10
N PRO A 1342 39.76 -5.77 43.74
CA PRO A 1342 39.39 -4.69 44.68
C PRO A 1342 38.27 -5.12 45.59
N ILE A 1343 38.46 -5.00 46.90
CA ILE A 1343 37.48 -5.50 47.86
C ILE A 1343 36.36 -4.47 47.99
N GLY A 1344 35.13 -4.94 47.85
CA GLY A 1344 33.96 -4.06 47.90
C GLY A 1344 33.52 -3.50 46.57
N CYS A 1345 34.11 -3.95 45.47
CA CYS A 1345 33.80 -3.43 44.15
C CYS A 1345 32.44 -3.95 43.67
N TYR A 1346 31.94 -3.31 42.61
CA TYR A 1346 30.78 -3.78 41.87
C TYR A 1346 31.22 -4.21 40.49
N ASN A 1347 30.82 -5.41 40.07
CA ASN A 1347 31.19 -5.94 38.77
C ASN A 1347 30.08 -5.60 37.78
N PHE A 1348 30.34 -4.62 36.90
CA PHE A 1348 29.32 -4.10 36.00
C PHE A 1348 29.77 -4.02 34.54
N GLN A 1349 30.88 -4.62 34.18
CA GLN A 1349 31.33 -4.58 32.78
C GLN A 1349 30.38 -5.27 31.80
N PRO A 1350 29.74 -6.41 32.13
CA PRO A 1350 28.86 -7.05 31.14
C PRO A 1350 27.74 -6.16 30.62
N ALA A 1351 27.24 -5.21 31.41
CA ALA A 1351 26.23 -4.29 30.89
C ALA A 1351 26.80 -3.44 29.75
N VAL A 1352 28.02 -2.94 29.90
CA VAL A 1352 28.67 -2.17 28.85
C VAL A 1352 28.89 -3.04 27.62
N ASP A 1353 29.30 -4.29 27.83
CA ASP A 1353 29.41 -5.21 26.69
C ASP A 1353 28.06 -5.42 26.01
N TRP A 1354 26.97 -5.42 26.78
CA TRP A 1354 25.65 -5.53 26.17
C TRP A 1354 25.36 -4.32 25.29
N VAL A 1355 25.75 -3.12 25.75
CA VAL A 1355 25.59 -1.93 24.93
C VAL A 1355 26.32 -2.10 23.60
N ARG A 1356 27.54 -2.64 23.65
CA ARG A 1356 28.31 -2.86 22.43
C ARG A 1356 27.59 -3.83 21.48
N ARG A 1357 27.09 -4.94 22.03
CA ARG A 1357 26.41 -5.93 21.19
C ARG A 1357 25.15 -5.36 20.56
N TYR A 1358 24.36 -4.61 21.33
CA TYR A 1358 23.15 -4.00 20.78
C TYR A 1358 23.49 -3.03 19.67
N THR A 1359 24.55 -2.24 19.85
CA THR A 1359 24.95 -1.33 18.77
C THR A 1359 25.27 -2.09 17.50
N LEU A 1360 26.04 -3.17 17.62
CA LEU A 1360 26.39 -3.95 16.44
C LEU A 1360 25.14 -4.51 15.74
N SER A 1361 24.22 -5.07 16.53
CA SER A 1361 23.03 -5.68 15.95
C SER A 1361 22.15 -4.66 15.24
N ILE A 1362 21.92 -3.50 15.87
CA ILE A 1362 21.07 -2.50 15.24
C ILE A 1362 21.75 -1.94 13.99
N PHE A 1363 23.09 -1.81 14.01
CA PHE A 1363 23.78 -1.32 12.83
C PHE A 1363 23.63 -2.27 11.66
N ILE A 1364 23.79 -3.58 11.89
CA ILE A 1364 23.68 -4.51 10.77
C ILE A 1364 22.24 -4.60 10.27
N VAL A 1365 21.26 -4.49 11.19
CA VAL A 1365 19.86 -4.51 10.77
C VAL A 1365 19.57 -3.31 9.86
N PHE A 1366 20.00 -2.12 10.27
CA PHE A 1366 19.78 -0.93 9.46
C PHE A 1366 20.49 -1.03 8.12
N TRP A 1367 21.70 -1.58 8.11
CA TRP A 1367 22.44 -1.72 6.86
C TRP A 1367 21.69 -2.64 5.89
N ILE A 1368 21.23 -3.80 6.37
CA ILE A 1368 20.54 -4.73 5.50
C ILE A 1368 19.19 -4.19 5.06
N ALA A 1369 18.58 -3.29 5.84
CA ALA A 1369 17.30 -2.74 5.42
C ALA A 1369 17.45 -1.49 4.55
N PHE A 1370 18.63 -0.89 4.51
CA PHE A 1370 18.79 0.35 3.76
C PHE A 1370 19.69 0.23 2.53
N VAL A 1371 20.45 -0.85 2.37
CA VAL A 1371 21.27 -1.00 1.17
C VAL A 1371 20.44 -1.08 -0.12
N PRO A 1372 19.30 -1.80 -0.17
CA PRO A 1372 18.61 -1.93 -1.47
C PRO A 1372 18.16 -0.61 -2.07
N ILE A 1373 17.76 0.35 -1.25
CA ILE A 1373 17.34 1.65 -1.77
C ILE A 1373 18.51 2.34 -2.47
N VAL A 1374 19.69 2.30 -1.86
CA VAL A 1374 20.87 2.90 -2.50
C VAL A 1374 21.19 2.17 -3.79
N VAL A 1375 21.11 0.84 -3.77
CA VAL A 1375 21.41 0.06 -4.98
C VAL A 1375 20.46 0.44 -6.11
N GLN A 1376 19.18 0.58 -5.80
CA GLN A 1376 18.21 0.96 -6.83
C GLN A 1376 18.44 2.40 -7.30
N GLU A 1377 18.75 3.31 -6.37
CA GLU A 1377 18.81 4.72 -6.71
C GLU A 1377 20.04 5.05 -7.56
N LEU A 1378 21.20 4.50 -7.18
CA LEU A 1378 22.44 4.85 -7.87
C LEU A 1378 22.57 4.02 -9.15
N ILE A 1379 22.49 4.69 -10.30
CA ILE A 1379 22.68 4.01 -11.58
C ILE A 1379 24.08 4.34 -12.10
N GLU A 1380 24.30 5.61 -12.46
CA GLU A 1380 25.59 6.10 -12.96
C GLU A 1380 26.21 5.12 -13.94
N ARG A 1381 25.52 4.91 -15.06
CA ARG A 1381 25.86 3.91 -16.08
C ARG A 1381 26.22 2.57 -15.44
N GLY A 1382 25.35 2.11 -14.54
CA GLY A 1382 25.62 0.92 -13.78
C GLY A 1382 26.75 1.07 -12.78
N LEU A 1383 26.87 2.24 -12.16
CA LEU A 1383 27.94 2.53 -11.21
C LEU A 1383 29.32 2.25 -11.81
N TRP A 1384 29.49 2.71 -13.07
CA TRP A 1384 30.69 2.39 -13.85
C TRP A 1384 30.87 0.88 -13.99
N LYS A 1385 29.82 0.23 -14.49
CA LYS A 1385 29.77 -1.23 -14.62
C LYS A 1385 29.99 -1.91 -13.27
N ALA A 1386 29.39 -1.33 -12.22
CA ALA A 1386 29.53 -1.83 -10.84
C ALA A 1386 31.01 -1.87 -10.44
N THR A 1387 31.68 -0.74 -10.56
CA THR A 1387 33.11 -0.60 -10.26
C THR A 1387 33.93 -1.59 -11.08
N GLN A 1388 33.60 -1.69 -12.37
CA GLN A 1388 34.26 -2.60 -13.31
C GLN A 1388 34.21 -4.04 -12.79
N ARG A 1389 33.00 -4.48 -12.45
CA ARG A 1389 32.75 -5.81 -11.91
C ARG A 1389 33.56 -6.04 -10.63
N PHE A 1390 33.29 -5.19 -9.64
CA PHE A 1390 33.96 -5.24 -8.33
C PHE A 1390 35.48 -5.16 -8.47
N ILE A 1436 11.67 32.03 1.56
CA ILE A 1436 13.05 31.53 1.62
C ILE A 1436 13.07 30.01 1.63
N PRO A 1437 14.11 29.41 1.02
CA PRO A 1437 14.25 27.95 1.10
C PRO A 1437 14.36 27.44 2.53
N PHE A 1438 14.97 28.21 3.44
CA PHE A 1438 15.03 27.82 4.84
C PHE A 1438 13.64 27.60 5.41
N SER A 1439 12.67 28.39 4.98
CA SER A 1439 11.40 28.53 5.69
C SER A 1439 10.59 27.24 5.66
N ILE A 1440 10.19 26.82 4.46
CA ILE A 1440 9.25 25.70 4.33
C ILE A 1440 9.89 24.40 4.77
N LEU A 1441 11.14 24.16 4.35
CA LEU A 1441 11.82 22.94 4.75
C LEU A 1441 12.02 22.91 6.26
N TYR A 1442 12.38 24.05 6.85
CA TYR A 1442 12.48 24.09 8.31
C TYR A 1442 11.17 23.69 8.95
N SER A 1443 10.08 24.33 8.55
CA SER A 1443 8.78 23.99 9.13
C SER A 1443 8.54 22.49 9.07
N ARG A 1444 8.44 21.95 7.85
CA ARG A 1444 8.05 20.56 7.67
C ARG A 1444 9.04 19.60 8.35
N PHE A 1445 10.28 19.58 7.87
CA PHE A 1445 11.24 18.59 8.35
C PHE A 1445 11.58 18.82 9.81
N ALA A 1446 11.87 20.07 10.17
CA ALA A 1446 12.22 20.39 11.55
C ALA A 1446 11.16 19.87 12.51
N GLY A 1447 9.89 20.19 12.28
CA GLY A 1447 8.88 19.58 13.12
C GLY A 1447 9.01 18.07 13.10
N SER A 1448 8.69 17.47 11.95
CA SER A 1448 8.39 16.04 11.90
C SER A 1448 9.54 15.17 12.38
N ALA A 1449 10.78 15.64 12.29
CA ALA A 1449 11.93 14.86 12.70
C ALA A 1449 12.69 15.48 13.87
N ILE A 1450 13.06 16.76 13.78
CA ILE A 1450 13.87 17.35 14.81
C ILE A 1450 13.13 17.45 16.14
N TYR A 1451 11.79 17.49 16.16
CA TYR A 1451 11.13 17.57 17.46
C TYR A 1451 11.41 16.37 18.35
N MET A 1452 11.87 15.26 17.77
CA MET A 1452 12.40 14.13 18.53
C MET A 1452 13.91 14.04 18.47
N GLY A 1453 14.51 14.47 17.36
CA GLY A 1453 15.95 14.42 17.23
C GLY A 1453 16.68 15.26 18.25
N ALA A 1454 16.10 16.41 18.62
CA ALA A 1454 16.76 17.28 19.60
C ALA A 1454 16.86 16.62 20.96
N ARG A 1455 15.75 16.04 21.44
CA ARG A 1455 15.78 15.35 22.73
C ARG A 1455 16.69 14.12 22.66
N SER A 1456 16.66 13.40 21.54
CA SER A 1456 17.55 12.25 21.40
C SER A 1456 19.01 12.68 21.48
N MET A 1457 19.36 13.80 20.84
CA MET A 1457 20.74 14.27 20.88
C MET A 1457 21.13 14.74 22.27
N LEU A 1458 20.21 15.38 23.00
CA LEU A 1458 20.53 15.79 24.36
C LEU A 1458 20.80 14.59 25.26
N MET A 1459 19.97 13.55 25.15
CA MET A 1459 20.17 12.35 25.95
C MET A 1459 21.46 11.63 25.56
N LEU A 1460 21.77 11.58 24.26
CA LEU A 1460 23.02 10.98 23.83
C LEU A 1460 24.22 11.77 24.34
N LEU A 1461 24.13 13.10 24.35
CA LEU A 1461 25.23 13.91 24.87
C LEU A 1461 25.44 13.65 26.36
N PHE A 1462 24.36 13.55 27.13
CA PHE A 1462 24.53 13.23 28.55
C PHE A 1462 25.18 11.87 28.73
N GLY A 1463 24.69 10.86 28.00
CA GLY A 1463 25.29 9.54 28.11
C GLY A 1463 26.75 9.51 27.72
N THR A 1464 27.13 10.32 26.72
CA THR A 1464 28.53 10.41 26.32
C THR A 1464 29.38 11.06 27.40
N VAL A 1465 28.89 12.14 28.01
CA VAL A 1465 29.70 12.91 28.95
C VAL A 1465 29.67 12.32 30.35
N ALA A 1466 28.82 11.34 30.62
CA ALA A 1466 28.85 10.68 31.93
C ALA A 1466 29.74 9.44 31.95
N HIS A 1467 29.85 8.73 30.83
CA HIS A 1467 30.68 7.52 30.75
C HIS A 1467 30.99 7.26 29.29
N TRP A 1468 32.25 7.43 28.89
CA TRP A 1468 32.60 7.29 27.49
C TRP A 1468 32.67 5.84 27.07
N GLN A 1469 32.18 5.57 25.85
CA GLN A 1469 32.24 4.25 25.24
C GLN A 1469 32.51 4.42 23.75
N ALA A 1470 32.98 3.34 23.11
CA ALA A 1470 33.38 3.43 21.71
C ALA A 1470 32.20 3.52 20.75
N PRO A 1471 31.19 2.63 20.81
CA PRO A 1471 30.12 2.66 19.79
C PRO A 1471 29.24 3.91 19.83
N LEU A 1472 29.28 4.68 20.91
CA LEU A 1472 28.58 5.96 20.89
C LEU A 1472 29.10 6.88 19.79
N LEU A 1473 30.34 6.67 19.34
CA LEU A 1473 30.86 7.43 18.21
C LEU A 1473 30.06 7.14 16.95
N TRP A 1474 29.74 5.87 16.70
CA TRP A 1474 28.89 5.53 15.56
C TRP A 1474 27.47 6.01 15.78
N PHE A 1475 26.99 5.97 17.01
CA PHE A 1475 25.64 6.48 17.28
C PHE A 1475 25.53 7.99 17.08
N TRP A 1476 26.65 8.72 17.22
CA TRP A 1476 26.63 10.16 17.02
C TRP A 1476 26.37 10.52 15.56
N ALA A 1477 26.97 9.80 14.62
CA ALA A 1477 26.93 10.17 13.20
C ALA A 1477 25.60 9.87 12.53
N SER A 1478 24.60 9.39 13.27
CA SER A 1478 23.29 9.11 12.68
C SER A 1478 22.30 10.24 12.91
N LEU A 1479 22.16 10.71 14.16
CA LEU A 1479 21.25 11.82 14.43
C LEU A 1479 21.71 13.09 13.73
N SER A 1480 23.03 13.33 13.69
CA SER A 1480 23.55 14.51 13.01
C SER A 1480 23.15 14.52 11.54
N SER A 1481 23.33 13.38 10.86
CA SER A 1481 22.92 13.31 9.46
C SER A 1481 21.42 13.43 9.32
N LEU A 1482 20.65 12.76 10.18
CA LEU A 1482 19.20 12.81 10.06
C LEU A 1482 18.64 14.20 10.33
N ILE A 1483 19.38 15.06 11.02
CA ILE A 1483 18.96 16.44 11.25
C ILE A 1483 19.46 17.37 10.15
N PHE A 1484 20.70 17.18 9.68
CA PHE A 1484 21.33 18.10 8.75
C PHE A 1484 21.21 17.68 7.30
N ALA A 1485 20.46 16.62 7.01
CA ALA A 1485 20.28 16.19 5.61
C ALA A 1485 19.64 17.26 4.73
N PRO A 1486 18.52 17.89 5.11
CA PRO A 1486 17.93 18.90 4.21
C PRO A 1486 18.83 20.08 3.93
N PHE A 1487 19.72 20.44 4.85
CA PHE A 1487 20.56 21.63 4.69
C PHE A 1487 21.76 21.39 3.79
N VAL A 1488 22.06 20.14 3.46
CA VAL A 1488 23.10 19.84 2.48
C VAL A 1488 22.51 19.41 1.14
N PHE A 1489 21.23 19.02 1.10
CA PHE A 1489 20.56 18.69 -0.15
C PHE A 1489 20.06 19.94 -0.88
N ASN A 1490 20.06 21.09 -0.22
CA ASN A 1490 19.50 22.31 -0.79
C ASN A 1490 20.60 23.23 -1.28
N PRO A 1491 20.67 23.52 -2.58
CA PRO A 1491 21.60 24.55 -3.06
C PRO A 1491 21.09 25.95 -2.72
N HIS A 1492 21.75 26.97 -3.25
CA HIS A 1492 21.34 28.36 -3.08
C HIS A 1492 21.46 28.83 -1.63
N GLN A 1493 22.43 28.27 -0.90
CA GLN A 1493 22.70 28.65 0.48
C GLN A 1493 24.20 28.73 0.73
N PHE A 1494 24.94 29.33 -0.20
CA PHE A 1494 26.40 29.30 -0.14
C PHE A 1494 27.02 30.64 -0.53
N ALA A 1495 26.29 31.74 -0.41
CA ALA A 1495 26.80 33.05 -0.75
C ALA A 1495 26.53 34.03 0.38
N TRP A 1496 27.49 34.92 0.63
CA TRP A 1496 27.36 35.89 1.71
C TRP A 1496 26.12 36.76 1.54
N GLU A 1497 25.96 37.38 0.37
CA GLU A 1497 24.77 38.18 0.12
C GLU A 1497 23.52 37.31 0.15
N ASP A 1498 23.59 36.12 -0.45
CA ASP A 1498 22.46 35.20 -0.39
C ASP A 1498 22.17 34.76 1.04
N PHE A 1499 23.21 34.50 1.83
CA PHE A 1499 22.99 34.09 3.21
C PHE A 1499 22.34 35.20 4.03
N PHE A 1500 22.75 36.45 3.81
CA PHE A 1500 22.17 37.55 4.58
C PHE A 1500 20.74 37.84 4.14
N LEU A 1501 20.45 37.74 2.83
CA LEU A 1501 19.07 37.86 2.39
C LEU A 1501 18.21 36.75 2.96
N ASP A 1502 18.74 35.52 2.98
CA ASP A 1502 18.04 34.41 3.60
C ASP A 1502 17.84 34.64 5.09
N TYR A 1503 18.79 35.34 5.75
CA TYR A 1503 18.64 35.63 7.17
C TYR A 1503 17.53 36.64 7.41
N ARG A 1504 17.46 37.68 6.57
CA ARG A 1504 16.36 38.64 6.69
C ARG A 1504 15.03 37.96 6.49
N ASP A 1505 14.92 37.15 5.43
CA ASP A 1505 13.72 36.37 5.21
C ASP A 1505 13.47 35.42 6.36
N TYR A 1506 14.53 34.92 7.00
CA TYR A 1506 14.38 34.03 8.14
C TYR A 1506 13.73 34.73 9.32
N ILE A 1507 14.17 35.95 9.63
CA ILE A 1507 13.55 36.67 10.74
C ILE A 1507 12.09 36.99 10.43
N ARG A 1508 11.84 37.53 9.23
CA ARG A 1508 10.46 37.92 8.91
C ARG A 1508 9.55 36.70 8.86
N TRP A 1509 10.00 35.61 8.23
CA TRP A 1509 9.20 34.40 8.20
C TRP A 1509 9.15 33.73 9.57
N LEU A 1510 10.12 33.97 10.44
CA LEU A 1510 10.02 33.45 11.79
C LEU A 1510 8.85 34.10 12.52
N SER A 1511 8.73 35.42 12.40
CA SER A 1511 7.55 36.10 12.94
C SER A 1511 6.28 35.55 12.30
N ARG A 1512 6.27 35.44 10.97
CA ARG A 1512 5.06 35.02 10.26
C ARG A 1512 4.68 33.59 10.62
N GLY A 1513 5.66 32.70 10.75
CA GLY A 1513 5.41 31.30 11.03
C GLY A 1513 5.05 31.07 12.49
N ASN A 1514 5.62 31.86 13.41
CA ASN A 1514 5.12 31.82 14.78
C ASN A 1514 3.66 32.23 14.84
N ASN A 1515 3.28 33.26 14.08
CA ASN A 1515 1.89 33.65 14.01
C ASN A 1515 1.03 32.54 13.41
N GLN A 1516 1.51 31.90 12.34
CA GLN A 1516 0.71 30.90 11.64
C GLN A 1516 0.53 29.64 12.48
N TYR A 1517 1.61 29.10 13.03
CA TYR A 1517 1.53 27.93 13.89
C TYR A 1517 0.94 28.25 15.26
N HIS A 1518 0.79 29.52 15.60
CA HIS A 1518 0.12 29.91 16.83
C HIS A 1518 -1.36 29.56 16.76
N ALA A 1555 -13.49 13.19 15.46
CA ALA A 1555 -13.48 11.78 15.86
C ALA A 1555 -12.06 11.27 16.03
N HIS A 1556 -11.11 12.19 16.20
CA HIS A 1556 -9.71 11.85 16.38
C HIS A 1556 -9.02 12.66 17.46
N ARG A 1557 -9.77 13.35 18.32
CA ARG A 1557 -9.16 14.20 19.34
C ARG A 1557 -8.75 13.38 20.57
N THR A 1558 -9.71 12.67 21.17
CA THR A 1558 -9.46 11.98 22.43
C THR A 1558 -8.42 10.88 22.28
N ASN A 1559 -8.45 10.14 21.17
CA ASN A 1559 -7.52 9.05 20.97
C ASN A 1559 -6.09 9.57 20.86
N LEU A 1560 -5.89 10.63 20.07
CA LEU A 1560 -4.57 11.25 19.98
C LEU A 1560 -4.14 11.80 21.33
N ILE A 1561 -5.09 12.36 22.09
CA ILE A 1561 -4.79 12.89 23.42
C ILE A 1561 -4.22 11.79 24.31
N MET A 1562 -4.89 10.63 24.33
CA MET A 1562 -4.45 9.53 25.18
C MET A 1562 -3.10 8.99 24.72
N ALA A 1563 -2.95 8.77 23.41
CA ALA A 1563 -1.72 8.20 22.87
C ALA A 1563 -0.54 9.17 22.95
N GLU A 1564 -0.79 10.46 23.16
CA GLU A 1564 0.27 11.40 23.42
C GLU A 1564 0.51 11.64 24.91
N ILE A 1565 -0.48 11.34 25.75
CA ILE A 1565 -0.32 11.58 27.19
C ILE A 1565 0.45 10.44 27.85
N ILE A 1566 0.10 9.19 27.57
CA ILE A 1566 0.71 8.08 28.32
C ILE A 1566 2.22 7.94 28.08
N PRO A 1567 2.70 7.89 26.83
CA PRO A 1567 4.15 7.71 26.62
C PRO A 1567 4.98 8.83 27.23
N CYS A 1568 4.48 10.06 27.19
CA CYS A 1568 5.20 11.16 27.82
C CYS A 1568 5.34 10.95 29.31
N ALA A 1569 4.28 10.44 29.96
CA ALA A 1569 4.35 10.17 31.39
C ALA A 1569 5.38 9.10 31.69
N ILE A 1570 5.40 8.02 30.91
CA ILE A 1570 6.40 6.96 31.15
C ILE A 1570 7.81 7.50 30.97
N TYR A 1571 8.03 8.25 29.88
CA TYR A 1571 9.37 8.76 29.58
C TYR A 1571 9.85 9.70 30.67
N ALA A 1572 8.95 10.58 31.15
CA ALA A 1572 9.30 11.49 32.24
C ALA A 1572 9.58 10.75 33.53
N ALA A 1573 8.84 9.67 33.79
CA ALA A 1573 9.10 8.88 34.99
C ALA A 1573 10.49 8.27 34.95
N GLY A 1574 10.88 7.72 33.80
CA GLY A 1574 12.23 7.17 33.70
C GLY A 1574 13.30 8.23 33.89
N CYS A 1575 13.12 9.39 33.26
CA CYS A 1575 14.08 10.47 33.41
C CYS A 1575 14.18 10.93 34.86
N PHE A 1576 13.04 11.04 35.54
CA PHE A 1576 13.02 11.46 36.93
C PHE A 1576 13.72 10.47 37.84
N ILE A 1577 13.53 9.16 37.57
CA ILE A 1577 14.24 8.15 38.37
C ILE A 1577 15.75 8.28 38.19
N ALA A 1578 16.21 8.45 36.94
CA ALA A 1578 17.65 8.60 36.72
C ALA A 1578 18.19 9.83 37.43
N PHE A 1579 17.49 10.97 37.29
CA PHE A 1579 17.93 12.21 37.92
C PHE A 1579 17.99 12.06 39.44
N THR A 1580 16.99 11.40 40.03
CA THR A 1580 17.01 11.20 41.47
C THR A 1580 18.19 10.32 41.89
N PHE A 1581 18.48 9.27 41.12
CA PHE A 1581 19.60 8.41 41.51
C PHE A 1581 20.93 9.14 41.47
N ILE A 1582 21.15 9.97 40.44
CA ILE A 1582 22.47 10.60 40.31
C ILE A 1582 22.77 11.55 41.47
N ASN A 1583 21.78 11.86 42.31
CA ASN A 1583 21.97 12.73 43.46
C ASN A 1583 22.01 11.96 44.78
N ALA A 1584 21.96 10.63 44.74
CA ALA A 1584 21.93 9.85 45.98
C ALA A 1584 23.26 9.84 46.71
N GLN A 1585 24.32 10.38 46.10
CA GLN A 1585 25.68 10.42 46.64
C GLN A 1585 26.05 9.11 47.33
N THR A 1586 26.05 8.06 46.52
CA THR A 1586 26.46 6.74 46.98
C THR A 1586 27.99 6.64 47.00
N GLY A 1587 28.48 5.67 47.78
CA GLY A 1587 29.91 5.43 47.86
C GLY A 1587 30.63 6.24 48.91
N VAL A 1588 29.97 7.17 49.59
CA VAL A 1588 30.55 7.94 50.68
C VAL A 1588 29.77 7.62 51.95
N LYS A 1589 30.46 7.59 53.08
CA LYS A 1589 29.87 7.20 54.35
C LYS A 1589 29.64 8.45 55.20
N THR A 1590 28.39 8.65 55.61
CA THR A 1590 28.00 9.80 56.41
C THR A 1590 26.92 9.35 57.38
N THR A 1591 26.40 10.30 58.16
CA THR A 1591 25.33 10.03 59.11
C THR A 1591 23.98 10.38 58.50
N ASP A 1592 22.94 10.36 59.32
CA ASP A 1592 21.62 10.77 58.88
C ASP A 1592 21.55 12.29 58.73
N ASP A 1593 20.45 12.76 58.15
CA ASP A 1593 20.23 14.19 57.90
C ASP A 1593 21.38 14.77 57.07
N ASP A 1594 21.82 14.01 56.07
CA ASP A 1594 22.91 14.41 55.20
C ASP A 1594 22.56 14.07 53.75
N ARG A 1595 21.32 14.32 53.36
CA ARG A 1595 20.83 13.96 52.05
C ARG A 1595 20.39 15.21 51.28
N VAL A 1596 20.01 15.00 50.03
CA VAL A 1596 19.58 16.07 49.17
C VAL A 1596 18.06 16.11 49.15
N ASN A 1597 17.52 17.19 48.59
CA ASN A 1597 16.08 17.44 48.54
C ASN A 1597 15.70 17.91 47.13
N SER A 1598 16.22 17.22 46.12
CA SER A 1598 16.03 17.65 44.73
C SER A 1598 14.61 17.45 44.22
N VAL A 1599 13.79 16.66 44.93
CA VAL A 1599 12.44 16.35 44.46
C VAL A 1599 11.57 17.59 44.37
N LEU A 1600 11.88 18.65 45.12
CA LEU A 1600 11.17 19.92 44.95
C LEU A 1600 11.95 20.93 44.13
N ARG A 1601 13.27 20.81 44.03
CA ARG A 1601 14.01 21.69 43.14
C ARG A 1601 13.62 21.45 41.70
N ILE A 1602 13.37 20.18 41.33
CA ILE A 1602 12.90 19.89 39.98
C ILE A 1602 11.53 20.54 39.73
N ILE A 1603 10.64 20.46 40.72
CA ILE A 1603 9.30 21.01 40.54
C ILE A 1603 9.36 22.53 40.47
N ILE A 1604 10.25 23.16 41.25
CA ILE A 1604 10.40 24.60 41.17
C ILE A 1604 10.89 25.01 39.80
N CYS A 1605 11.95 24.35 39.31
CA CYS A 1605 12.53 24.74 38.02
C CYS A 1605 11.59 24.45 36.87
N THR A 1606 10.67 23.50 37.01
CA THR A 1606 9.73 23.25 35.91
C THR A 1606 8.45 24.05 36.03
N LEU A 1607 8.11 24.57 37.20
CA LEU A 1607 6.84 25.26 37.37
C LEU A 1607 6.98 26.78 37.37
N ALA A 1608 7.99 27.32 38.05
CA ALA A 1608 8.13 28.78 38.13
C ALA A 1608 8.20 29.47 36.77
N PRO A 1609 8.88 28.95 35.75
CA PRO A 1609 8.82 29.61 34.44
C PRO A 1609 7.42 29.77 33.89
N ILE A 1610 6.52 28.82 34.15
CA ILE A 1610 5.14 28.96 33.70
C ILE A 1610 4.51 30.20 34.31
N ALA A 1611 4.66 30.37 35.62
CA ALA A 1611 4.06 31.51 36.30
C ALA A 1611 4.70 32.82 35.84
N VAL A 1612 6.02 32.84 35.65
CA VAL A 1612 6.66 34.10 35.26
C VAL A 1612 6.31 34.46 33.83
N ASN A 1613 6.10 33.47 32.95
CA ASN A 1613 5.62 33.78 31.62
C ASN A 1613 4.16 34.22 31.64
N LEU A 1614 3.36 33.65 32.54
CA LEU A 1614 1.97 34.08 32.67
C LEU A 1614 1.87 35.51 33.20
N GLY A 1615 2.83 35.93 34.02
CA GLY A 1615 2.73 37.25 34.64
C GLY A 1615 2.76 38.40 33.64
N VAL A 1616 3.71 38.36 32.71
CA VAL A 1616 3.85 39.44 31.73
C VAL A 1616 2.66 39.44 30.78
N LEU A 1617 2.25 38.25 30.33
CA LEU A 1617 1.09 38.15 29.46
C LEU A 1617 -0.17 38.64 30.17
N PHE A 1618 -0.29 38.35 31.48
CA PHE A 1618 -1.41 38.84 32.26
C PHE A 1618 -1.39 40.36 32.36
N PHE A 1619 -0.21 40.95 32.57
CA PHE A 1619 -0.12 42.40 32.62
C PHE A 1619 -0.57 43.01 31.29
N CYS A 1620 -0.05 42.50 30.17
CA CYS A 1620 -0.42 43.05 28.87
C CYS A 1620 -1.89 42.85 28.57
N MET A 1621 -2.43 41.66 28.88
CA MET A 1621 -3.84 41.39 28.63
C MET A 1621 -4.73 42.25 29.51
N GLY A 1622 -4.33 42.49 30.76
CA GLY A 1622 -5.10 43.36 31.62
C GLY A 1622 -5.12 44.78 31.13
N MET A 1623 -3.97 45.29 30.68
CA MET A 1623 -3.96 46.64 30.10
C MET A 1623 -4.85 46.72 28.87
N SER A 1624 -4.77 45.73 27.99
CA SER A 1624 -5.59 45.76 26.78
C SER A 1624 -7.07 45.60 27.07
N CYS A 1625 -7.43 44.83 28.10
CA CYS A 1625 -8.83 44.70 28.48
C CYS A 1625 -9.34 45.96 29.17
N CYS A 1626 -8.48 46.64 29.93
CA CYS A 1626 -8.86 47.94 30.46
C CYS A 1626 -9.14 48.92 29.33
N SER A 1627 -8.23 48.97 28.35
CA SER A 1627 -8.46 49.70 27.10
C SER A 1627 -8.90 51.14 27.35
N GLY A 1628 -8.22 51.79 28.30
CA GLY A 1628 -8.53 53.16 28.64
C GLY A 1628 -8.13 54.12 27.54
N PRO A 1629 -8.42 55.41 27.75
CA PRO A 1629 -8.01 56.42 26.75
C PRO A 1629 -6.51 56.43 26.51
N LEU A 1630 -5.72 56.10 27.52
CA LEU A 1630 -4.28 55.94 27.38
C LEU A 1630 -3.92 54.46 27.40
N PHE A 1631 -3.27 54.00 26.34
CA PHE A 1631 -2.85 52.60 26.25
C PHE A 1631 -1.53 52.57 25.49
N GLY A 1632 -0.42 52.59 26.22
CA GLY A 1632 0.90 52.73 25.64
C GLY A 1632 1.42 54.15 25.81
N MET A 1633 2.28 54.35 26.81
CA MET A 1633 2.76 55.68 27.15
C MET A 1633 3.80 56.20 26.18
N CYS A 1634 4.71 55.34 25.71
CA CYS A 1634 5.80 55.76 24.85
C CYS A 1634 5.73 55.22 23.43
N CYS A 1635 5.03 54.11 23.22
CA CYS A 1635 4.97 53.50 21.90
C CYS A 1635 3.85 54.12 21.07
N LYS A 1636 4.15 54.43 19.82
CA LYS A 1636 3.11 54.92 18.90
C LYS A 1636 2.09 53.83 18.60
N LYS A 1637 2.56 52.59 18.43
CA LYS A 1637 1.70 51.43 18.27
C LYS A 1637 1.95 50.45 19.40
N THR A 1638 0.89 49.83 19.90
CA THR A 1638 0.95 49.05 21.13
C THR A 1638 1.04 47.55 20.90
N GLY A 1639 0.30 47.00 19.95
CA GLY A 1639 0.24 45.56 19.78
C GLY A 1639 1.57 44.90 19.44
N SER A 1640 2.25 45.43 18.43
CA SER A 1640 3.52 44.83 18.04
C SER A 1640 4.54 44.94 19.18
N VAL A 1641 4.60 46.09 19.83
CA VAL A 1641 5.61 46.28 20.87
C VAL A 1641 5.31 45.39 22.07
N MET A 1642 4.03 45.21 22.42
CA MET A 1642 3.73 44.42 23.60
C MET A 1642 3.95 42.95 23.33
N ALA A 1643 3.63 42.50 22.10
CA ALA A 1643 3.95 41.13 21.71
C ALA A 1643 5.45 40.88 21.75
N GLY A 1644 6.24 41.82 21.22
CA GLY A 1644 7.68 41.66 21.25
C GLY A 1644 8.23 41.65 22.67
N ILE A 1645 7.71 42.52 23.53
CA ILE A 1645 8.17 42.57 24.91
C ILE A 1645 7.88 41.27 25.61
N ALA A 1646 6.66 40.74 25.44
CA ALA A 1646 6.29 39.49 26.10
C ALA A 1646 7.16 38.34 25.61
N HIS A 1647 7.38 38.25 24.29
CA HIS A 1647 8.21 37.17 23.76
C HIS A 1647 9.65 37.28 24.28
N GLY A 1648 10.19 38.50 24.29
CA GLY A 1648 11.56 38.68 24.76
C GLY A 1648 11.72 38.31 26.22
N VAL A 1649 10.80 38.76 27.08
CA VAL A 1649 10.91 38.44 28.49
C VAL A 1649 10.73 36.94 28.72
N ALA A 1650 9.85 36.30 27.94
CA ALA A 1650 9.67 34.86 28.08
C ALA A 1650 10.95 34.11 27.78
N VAL A 1651 11.59 34.40 26.63
CA VAL A 1651 12.80 33.66 26.29
C VAL A 1651 13.93 33.99 27.26
N ILE A 1652 14.02 35.26 27.67
CA ILE A 1652 15.07 35.65 28.62
C ILE A 1652 14.91 34.91 29.94
N VAL A 1653 13.68 34.83 30.45
CA VAL A 1653 13.48 34.17 31.73
C VAL A 1653 13.67 32.67 31.60
N HIS A 1654 13.38 32.08 30.43
CA HIS A 1654 13.64 30.66 30.25
C HIS A 1654 15.13 30.36 30.32
N ILE A 1655 15.95 31.15 29.61
CA ILE A 1655 17.38 30.93 29.70
C ILE A 1655 17.89 31.23 31.10
N ALA A 1656 17.29 32.23 31.77
CA ALA A 1656 17.70 32.56 33.13
C ALA A 1656 17.42 31.41 34.08
N PHE A 1657 16.29 30.73 33.91
CA PHE A 1657 15.98 29.62 34.79
C PHE A 1657 16.80 28.38 34.45
N PHE A 1658 17.22 28.22 33.20
CA PHE A 1658 18.21 27.19 32.89
C PHE A 1658 19.51 27.43 33.65
N ILE A 1659 19.99 28.68 33.64
CA ILE A 1659 21.19 29.02 34.41
C ILE A 1659 20.93 28.86 35.91
N VAL A 1660 19.71 29.15 36.35
CA VAL A 1660 19.36 28.97 37.76
C VAL A 1660 19.46 27.51 38.15
N MET A 1661 18.99 26.61 37.28
CA MET A 1661 19.12 25.18 37.56
C MET A 1661 20.58 24.76 37.57
N TRP A 1662 21.39 25.31 36.66
CA TRP A 1662 22.82 25.03 36.70
C TRP A 1662 23.42 25.42 38.05
N VAL A 1663 23.15 26.64 38.50
CA VAL A 1663 23.74 27.14 39.74
C VAL A 1663 23.07 26.55 40.98
N LEU A 1664 21.92 25.90 40.83
CA LEU A 1664 21.21 25.34 41.98
C LEU A 1664 21.98 24.15 42.55
N GLU A 1665 22.73 23.46 41.72
CA GLU A 1665 23.63 22.41 42.16
C GLU A 1665 25.01 23.04 42.39
N SER A 1666 26.03 22.22 42.55
CA SER A 1666 27.35 22.73 42.92
C SER A 1666 28.24 22.97 41.71
N PHE A 1667 27.64 23.44 40.61
CA PHE A 1667 28.30 23.78 39.36
C PHE A 1667 28.81 22.55 38.61
N ASN A 1668 28.08 21.43 38.70
CA ASN A 1668 28.41 20.25 37.93
C ASN A 1668 27.71 20.28 36.57
N PHE A 1669 28.31 19.58 35.61
CA PHE A 1669 27.83 19.59 34.23
C PHE A 1669 26.82 18.49 33.97
N VAL A 1670 27.14 17.25 34.37
CA VAL A 1670 26.28 16.11 34.06
C VAL A 1670 24.96 16.20 34.81
N ARG A 1671 25.00 16.63 36.08
CA ARG A 1671 23.77 16.80 36.84
C ARG A 1671 22.90 17.89 36.23
N MET A 1672 23.52 18.97 35.76
CA MET A 1672 22.77 20.01 35.07
C MET A 1672 22.11 19.46 33.81
N LEU A 1673 22.83 18.63 33.04
CA LEU A 1673 22.27 18.05 31.83
C LEU A 1673 21.04 17.20 32.14
N ILE A 1674 21.16 16.30 33.12
CA ILE A 1674 20.02 15.44 33.41
C ILE A 1674 18.87 16.26 33.97
N GLY A 1675 19.17 17.31 34.74
CA GLY A 1675 18.12 18.16 35.26
C GLY A 1675 17.35 18.90 34.17
N VAL A 1676 18.07 19.46 33.19
CA VAL A 1676 17.39 20.19 32.13
C VAL A 1676 16.60 19.23 31.25
N VAL A 1677 17.11 18.02 31.01
CA VAL A 1677 16.35 17.04 30.23
C VAL A 1677 15.05 16.69 30.95
N THR A 1678 15.12 16.43 32.27
CA THR A 1678 13.93 16.12 33.03
C THR A 1678 12.93 17.28 33.01
N CYS A 1679 13.43 18.52 33.15
CA CYS A 1679 12.55 19.68 33.12
C CYS A 1679 11.84 19.81 31.77
N ILE A 1680 12.57 19.59 30.68
CA ILE A 1680 11.96 19.67 29.36
C ILE A 1680 10.85 18.63 29.22
N GLN A 1681 11.12 17.39 29.63
CA GLN A 1681 10.10 16.34 29.51
C GLN A 1681 8.88 16.66 30.35
N CYS A 1682 9.09 17.13 31.58
CA CYS A 1682 7.97 17.45 32.45
C CYS A 1682 7.14 18.60 31.88
N GLN A 1683 7.80 19.62 31.33
CA GLN A 1683 7.06 20.73 30.72
C GLN A 1683 6.25 20.27 29.53
N ARG A 1684 6.82 19.40 28.70
CA ARG A 1684 6.04 18.86 27.57
C ARG A 1684 4.82 18.10 28.07
N LEU A 1685 5.00 17.28 29.11
CA LEU A 1685 3.88 16.50 29.62
C LEU A 1685 2.77 17.39 30.16
N ILE A 1686 3.13 18.43 30.94
CA ILE A 1686 2.10 19.27 31.52
C ILE A 1686 1.41 20.10 30.43
N PHE A 1687 2.15 20.52 29.41
CA PHE A 1687 1.52 21.23 28.30
C PHE A 1687 0.50 20.34 27.59
N HIS A 1688 0.88 19.09 27.30
CA HIS A 1688 -0.05 18.18 26.64
C HIS A 1688 -1.28 17.94 27.50
N CYS A 1689 -1.09 17.73 28.80
CA CYS A 1689 -2.23 17.48 29.68
C CYS A 1689 -3.14 18.71 29.77
N MET A 1690 -2.56 19.91 29.84
CA MET A 1690 -3.36 21.12 29.91
C MET A 1690 -4.17 21.33 28.62
N THR A 1691 -3.54 21.11 27.46
CA THR A 1691 -4.28 21.23 26.21
C THR A 1691 -5.39 20.19 26.12
N ALA A 1692 -5.13 18.97 26.58
CA ALA A 1692 -6.16 17.94 26.57
C ALA A 1692 -7.34 18.32 27.46
N LEU A 1693 -7.05 18.85 28.65
CA LEU A 1693 -8.11 19.25 29.57
C LEU A 1693 -8.89 20.45 29.03
N MET A 1694 -8.21 21.37 28.34
CA MET A 1694 -8.89 22.54 27.81
C MET A 1694 -9.79 22.19 26.63
N LEU A 1695 -9.29 21.36 25.71
CA LEU A 1695 -10.07 21.03 24.52
C LEU A 1695 -11.34 20.25 24.87
N THR A 1696 -11.24 19.29 25.78
CA THR A 1696 -12.39 18.48 26.16
C THR A 1696 -13.29 19.24 27.13
N ALA A 1722 -19.51 33.83 30.66
CA ALA A 1722 -18.89 33.24 29.46
C ALA A 1722 -17.37 33.35 29.53
N TRP A 1723 -16.79 32.79 30.58
CA TRP A 1723 -15.34 32.80 30.77
C TRP A 1723 -14.64 31.62 30.12
N THR A 1724 -15.39 30.73 29.47
CA THR A 1724 -14.77 29.57 28.81
C THR A 1724 -13.85 30.01 27.67
N GLN A 1725 -14.32 30.93 26.84
CA GLN A 1725 -13.50 31.42 25.74
C GLN A 1725 -12.24 32.14 26.20
N PRO A 1726 -12.29 33.09 27.15
CA PRO A 1726 -11.04 33.71 27.60
C PRO A 1726 -10.06 32.72 28.21
N SER A 1727 -10.56 31.70 28.91
CA SER A 1727 -9.67 30.67 29.44
C SER A 1727 -8.95 29.93 28.33
N ARG A 1728 -9.68 29.58 27.26
CA ARG A 1728 -9.06 28.94 26.11
C ARG A 1728 -8.03 29.86 25.47
N GLU A 1729 -8.34 31.15 25.37
CA GLU A 1729 -7.40 32.11 24.80
C GLU A 1729 -6.11 32.16 25.61
N LEU A 1730 -6.24 32.23 26.94
CA LEU A 1730 -5.05 32.29 27.80
C LEU A 1730 -4.22 31.03 27.69
N THR A 1731 -4.87 29.86 27.72
CA THR A 1731 -4.13 28.61 27.62
C THR A 1731 -3.42 28.50 26.28
N ALA A 1732 -4.12 28.83 25.20
CA ALA A 1732 -3.51 28.77 23.87
C ALA A 1732 -2.34 29.74 23.77
N LYS A 1733 -2.48 30.93 24.35
CA LYS A 1733 -1.38 31.89 24.32
C LYS A 1733 -0.16 31.36 25.09
N VAL A 1734 -0.40 30.71 26.23
CA VAL A 1734 0.72 30.15 27.00
C VAL A 1734 1.43 29.07 26.19
N ILE A 1735 0.67 28.16 25.59
CA ILE A 1735 1.28 27.11 24.78
C ILE A 1735 2.04 27.73 23.62
N GLU A 1736 1.47 28.77 23.00
CA GLU A 1736 2.10 29.42 21.87
C GLU A 1736 3.42 30.07 22.25
N LEU A 1737 3.47 30.75 23.39
CA LEU A 1737 4.72 31.39 23.79
C LEU A 1737 5.78 30.36 24.16
N SER A 1738 5.39 29.25 24.78
CA SER A 1738 6.35 28.19 25.07
C SER A 1738 6.94 27.63 23.78
N GLU A 1739 6.07 27.29 22.81
CA GLU A 1739 6.58 26.80 21.54
C GLU A 1739 7.41 27.84 20.81
N PHE A 1740 7.06 29.12 20.98
CA PHE A 1740 7.85 30.18 20.38
C PHE A 1740 9.27 30.20 20.94
N ALA A 1741 9.39 30.09 22.26
CA ALA A 1741 10.72 30.04 22.87
C ALA A 1741 11.51 28.84 22.36
N ALA A 1742 10.85 27.67 22.31
CA ALA A 1742 11.54 26.47 21.85
C ALA A 1742 12.01 26.62 20.41
N ASP A 1743 11.15 27.13 19.53
CA ASP A 1743 11.50 27.26 18.12
C ASP A 1743 12.58 28.31 17.90
N PHE A 1744 12.51 29.43 18.64
CA PHE A 1744 13.56 30.43 18.57
C PHE A 1744 14.91 29.83 18.93
N VAL A 1745 14.96 29.09 20.05
CA VAL A 1745 16.22 28.50 20.49
C VAL A 1745 16.72 27.48 19.46
N LEU A 1746 15.83 26.63 18.96
CA LEU A 1746 16.24 25.61 17.99
C LEU A 1746 16.79 26.24 16.72
N GLY A 1747 16.08 27.23 16.17
CA GLY A 1747 16.53 27.87 14.95
C GLY A 1747 17.86 28.57 15.12
N HIS A 1748 18.02 29.30 16.22
CA HIS A 1748 19.30 29.98 16.43
C HIS A 1748 20.43 28.99 16.67
N VAL A 1749 20.17 27.87 17.36
CA VAL A 1749 21.20 26.87 17.54
C VAL A 1749 21.62 26.28 16.19
N ILE A 1750 20.65 26.01 15.31
CA ILE A 1750 20.98 25.53 13.97
C ILE A 1750 21.83 26.56 13.25
N LEU A 1751 21.51 27.85 13.41
CA LEU A 1751 22.28 28.90 12.75
C LEU A 1751 23.71 28.96 13.27
N ILE A 1752 23.90 28.82 14.59
CA ILE A 1752 25.26 28.79 15.13
C ILE A 1752 26.03 27.59 14.61
N CYS A 1753 25.38 26.42 14.55
CA CYS A 1753 26.03 25.25 13.99
C CYS A 1753 26.40 25.46 12.53
N GLN A 1754 25.60 26.22 11.80
CA GLN A 1754 25.92 26.52 10.40
C GLN A 1754 27.04 27.56 10.28
N LEU A 1755 27.22 28.37 11.31
CA LEU A 1755 28.20 29.47 11.25
C LEU A 1755 29.61 29.05 10.80
N PRO A 1756 30.23 28.01 11.35
CA PRO A 1756 31.61 27.69 10.92
C PRO A 1756 31.71 27.30 9.45
N LEU A 1757 30.62 26.86 8.84
CA LEU A 1757 30.70 26.35 7.46
C LEU A 1757 30.78 27.47 6.43
N ILE A 1758 30.09 28.60 6.67
CA ILE A 1758 29.97 29.61 5.63
C ILE A 1758 31.31 30.28 5.32
N ILE A 1759 32.19 30.39 6.32
CA ILE A 1759 33.47 31.06 6.09
C ILE A 1759 34.38 30.21 5.22
N ILE A 1760 34.09 28.91 5.08
CA ILE A 1760 35.00 28.02 4.37
C ILE A 1760 34.99 28.25 2.86
N PRO A 1761 33.86 28.11 2.14
CA PRO A 1761 33.93 28.23 0.67
C PRO A 1761 34.32 29.61 0.19
N LYS A 1762 34.08 30.65 1.01
CA LYS A 1762 34.37 32.06 0.70
C LYS A 1762 33.95 32.43 -0.72
N ILE A 1763 34.69 33.34 -1.35
CA ILE A 1763 34.38 33.75 -2.72
C ILE A 1763 34.63 32.60 -3.69
N ASP A 1764 35.64 31.77 -3.44
CA ASP A 1764 35.97 30.68 -4.35
C ASP A 1764 34.82 29.69 -4.49
N LYS A 1765 34.04 29.50 -3.42
CA LYS A 1765 32.84 28.66 -3.42
C LYS A 1765 33.10 27.29 -4.04
N PHE A 1766 34.26 26.71 -3.69
CA PHE A 1766 34.59 25.36 -4.16
C PHE A 1766 33.59 24.35 -3.64
N HIS A 1767 33.14 24.49 -2.39
CA HIS A 1767 32.09 23.63 -1.88
C HIS A 1767 30.80 23.83 -2.64
N SER A 1768 30.51 25.07 -3.06
CA SER A 1768 29.33 25.32 -3.87
C SER A 1768 29.42 24.62 -5.22
N ILE A 1769 30.61 24.61 -5.82
CA ILE A 1769 30.79 23.90 -7.09
C ILE A 1769 30.62 22.40 -6.88
N MET A 1770 31.10 21.88 -5.75
CA MET A 1770 30.91 20.47 -5.45
C MET A 1770 29.42 20.13 -5.29
N LEU A 1771 28.68 21.01 -4.61
CA LEU A 1771 27.24 20.82 -4.47
C LEU A 1771 26.55 20.88 -5.83
N PHE A 1772 26.99 21.79 -6.70
CA PHE A 1772 26.46 21.85 -8.06
C PHE A 1772 26.73 20.54 -8.81
N TRP A 1773 27.93 20.00 -8.65
CA TRP A 1773 28.27 18.74 -9.32
C TRP A 1773 27.38 17.60 -8.83
N LEU A 1774 27.19 17.51 -7.52
CA LEU A 1774 26.35 16.42 -7.00
C LEU A 1774 24.89 16.61 -7.39
N LYS A 1775 24.41 17.85 -7.45
CA LYS A 1775 23.04 18.09 -7.93
C LYS A 1775 22.90 17.70 -9.38
N PRO A 1776 23.90 18.05 -10.21
CA PRO A 1776 23.88 17.63 -11.62
C PRO A 1776 23.92 16.12 -11.74
N SER A 1777 24.54 15.44 -10.78
CA SER A 1777 24.46 13.98 -10.74
C SER A 1777 23.03 13.51 -10.55
N ARG A 1778 22.19 14.32 -9.93
CA ARG A 1778 20.76 14.03 -9.76
C ARG A 1778 19.90 14.78 -10.76
N GLN A 1779 19.98 16.11 -10.77
CA GLN A 1779 19.21 16.94 -11.69
C GLN A 1779 19.83 18.33 -11.75
N ILE A 1780 20.02 18.84 -12.96
CA ILE A 1780 20.66 20.13 -13.18
C ILE A 1780 19.61 21.13 -13.62
N ARG A 1781 19.49 22.23 -12.86
CA ARG A 1781 18.53 23.29 -13.20
C ARG A 1781 19.05 24.59 -12.56
N PRO A 1782 19.61 25.47 -13.38
CA PRO A 1782 20.19 26.71 -12.91
C PRO A 1782 19.71 27.88 -13.76
N PRO A 1783 19.74 29.07 -13.16
CA PRO A 1783 19.29 30.28 -13.84
C PRO A 1783 20.39 31.34 -13.80
N ILE A 1784 20.07 32.55 -14.25
CA ILE A 1784 21.04 33.64 -14.35
C ILE A 1784 20.58 34.80 -13.47
N TYR A 1785 21.55 35.51 -12.90
CA TYR A 1785 21.28 36.62 -12.01
C TYR A 1785 20.92 37.88 -12.81
N SER A 1786 20.34 38.85 -12.09
CA SER A 1786 19.96 40.14 -12.66
C SER A 1786 20.55 41.25 -11.80
N LEU A 1787 21.09 42.28 -12.44
CA LEU A 1787 21.77 43.37 -11.75
C LEU A 1787 20.86 44.59 -11.70
N LYS A 1788 20.67 45.13 -10.50
CA LYS A 1788 19.86 46.33 -10.28
C LYS A 1788 20.55 47.16 -9.21
N GLN A 1789 19.83 48.14 -8.66
CA GLN A 1789 20.39 48.95 -7.59
C GLN A 1789 20.58 48.11 -6.33
N THR A 1790 21.72 48.32 -5.66
CA THR A 1790 22.10 47.47 -4.54
C THR A 1790 22.42 48.22 -3.25
N ARG A 1791 22.29 49.55 -3.20
CA ARG A 1791 22.71 50.28 -2.01
C ARG A 1791 21.83 49.96 -0.81
N LEU A 1792 20.51 50.00 -0.99
CA LEU A 1792 19.60 49.69 0.10
C LEU A 1792 19.77 48.24 0.56
N ARG A 1793 19.91 47.32 -0.39
CA ARG A 1793 20.10 45.91 -0.04
C ARG A 1793 21.38 45.71 0.74
N LYS A 1794 22.46 46.38 0.33
CA LYS A 1794 23.73 46.28 1.03
C LYS A 1794 23.61 46.80 2.46
N ARG A 1795 22.96 47.95 2.64
CA ARG A 1795 22.77 48.47 3.99
C ARG A 1795 21.96 47.50 4.84
N MET A 1796 20.88 46.95 4.27
CA MET A 1796 20.01 46.05 5.02
C MET A 1796 20.77 44.80 5.45
N VAL A 1797 21.52 44.20 4.53
CA VAL A 1797 22.24 42.98 4.87
C VAL A 1797 23.35 43.27 5.86
N LYS A 1798 24.02 44.43 5.77
CA LYS A 1798 25.03 44.77 6.77
C LYS A 1798 24.42 44.87 8.16
N LYS A 1799 23.28 45.57 8.27
CA LYS A 1799 22.65 45.70 9.59
C LYS A 1799 22.19 44.36 10.13
N TYR A 1800 21.62 43.50 9.28
CA TYR A 1800 21.16 42.21 9.78
C TYR A 1800 22.32 41.27 10.10
N CYS A 1801 23.44 41.37 9.40
CA CYS A 1801 24.63 40.62 9.78
C CYS A 1801 25.14 41.06 11.14
N SER A 1802 25.11 42.38 11.39
CA SER A 1802 25.48 42.87 12.72
C SER A 1802 24.55 42.33 13.79
N LEU A 1803 23.24 42.30 13.50
CA LEU A 1803 22.29 41.73 14.45
C LEU A 1803 22.57 40.25 14.72
N TYR A 1804 22.88 39.50 13.66
CA TYR A 1804 23.18 38.08 13.81
C TYR A 1804 24.41 37.86 14.69
N PHE A 1805 25.46 38.64 14.46
CA PHE A 1805 26.64 38.52 15.31
C PHE A 1805 26.35 38.94 16.75
N LEU A 1806 25.49 39.93 16.94
CA LEU A 1806 25.10 40.32 18.30
C LEU A 1806 24.39 39.18 19.02
N VAL A 1807 23.47 38.50 18.32
CA VAL A 1807 22.78 37.36 18.93
C VAL A 1807 23.75 36.24 19.25
N LEU A 1808 24.70 35.98 18.35
CA LEU A 1808 25.73 34.98 18.61
C LEU A 1808 26.54 35.32 19.85
N ALA A 1809 26.94 36.59 19.98
CA ALA A 1809 27.72 37.00 21.14
C ALA A 1809 26.92 36.87 22.42
N ILE A 1810 25.63 37.21 22.38
CA ILE A 1810 24.78 37.06 23.56
C ILE A 1810 24.70 35.59 23.98
N PHE A 1811 24.49 34.69 23.01
CA PHE A 1811 24.43 33.28 23.33
C PHE A 1811 25.74 32.78 23.93
N ALA A 1812 26.87 33.18 23.32
CA ALA A 1812 28.18 32.73 23.82
C ALA A 1812 28.44 33.24 25.23
N GLY A 1813 28.12 34.50 25.50
CA GLY A 1813 28.31 35.02 26.85
C GLY A 1813 27.43 34.33 27.87
N CYS A 1814 26.17 34.09 27.51
CA CYS A 1814 25.25 33.42 28.42
C CYS A 1814 25.71 32.00 28.75
N ILE A 1815 26.30 31.30 27.77
CA ILE A 1815 26.78 29.96 28.04
C ILE A 1815 28.19 29.94 28.65
N ILE A 1816 28.92 31.04 28.58
CA ILE A 1816 30.31 31.06 29.06
C ILE A 1816 30.42 31.56 30.50
N GLY A 1817 29.63 32.57 30.87
CA GLY A 1817 29.76 33.18 32.18
C GLY A 1817 29.67 32.25 33.37
N PRO A 1818 28.71 31.32 33.40
CA PRO A 1818 28.67 30.35 34.50
C PRO A 1818 29.94 29.54 34.66
N ALA A 1819 30.68 29.28 33.59
CA ALA A 1819 31.92 28.51 33.72
C ALA A 1819 32.94 29.22 34.59
N VAL A 1820 33.23 30.48 34.28
CA VAL A 1820 34.19 31.23 35.08
C VAL A 1820 33.62 31.51 36.47
N ALA A 1821 32.31 31.75 36.57
CA ALA A 1821 31.71 31.93 37.88
C ALA A 1821 31.93 30.71 38.77
N SER A 1822 31.77 29.51 38.19
CA SER A 1822 32.08 28.29 38.92
C SER A 1822 33.56 28.21 39.26
N ALA A 1823 34.42 28.58 38.31
CA ALA A 1823 35.86 28.46 38.53
C ALA A 1823 36.35 29.36 39.65
N LYS A 1824 35.66 30.47 39.90
CA LYS A 1824 36.13 31.42 40.91
C LYS A 1824 35.38 31.36 42.24
N ILE A 1825 34.20 30.73 42.29
CA ILE A 1825 33.40 30.79 43.51
C ILE A 1825 33.94 29.82 44.55
N HIS A 1826 33.55 30.05 45.80
CA HIS A 1826 33.93 29.18 46.91
C HIS A 1826 32.99 27.97 46.98
N LYS A 1827 33.38 27.00 47.81
CA LYS A 1827 32.66 25.73 47.84
C LYS A 1827 31.31 25.86 48.55
N HIS A 1828 31.28 26.56 49.69
CA HIS A 1828 30.08 26.58 50.52
C HIS A 1828 29.04 27.53 49.96
N ILE A 1829 27.83 27.02 49.75
CA ILE A 1829 26.69 27.84 49.32
C ILE A 1829 25.48 27.42 50.13
N GLY A 1830 24.79 28.39 50.72
CA GLY A 1830 23.56 28.11 51.44
C GLY A 1830 23.73 27.21 52.64
N ASP A 1831 24.83 27.36 53.37
CA ASP A 1831 25.03 26.55 54.57
C ASP A 1831 24.11 26.99 55.70
N SER A 1832 23.70 28.26 55.71
CA SER A 1832 22.83 28.74 56.78
C SER A 1832 21.41 28.21 56.64
N LEU A 1833 21.03 27.76 55.44
CA LEU A 1833 19.68 27.22 55.25
C LEU A 1833 19.49 25.94 56.05
N ASP A 1834 18.33 25.81 56.67
CA ASP A 1834 18.02 24.66 57.49
C ASP A 1834 16.51 24.44 57.50
N GLY A 1835 16.11 23.30 58.04
CA GLY A 1835 14.71 22.91 58.10
C GLY A 1835 14.40 21.76 57.16
N VAL A 1836 13.14 21.72 56.73
CA VAL A 1836 12.74 20.71 55.75
C VAL A 1836 13.42 20.97 54.41
N VAL A 1837 13.63 22.23 54.05
CA VAL A 1837 14.42 22.59 52.86
C VAL A 1837 15.86 22.77 53.34
N HIS A 1838 16.57 21.64 53.42
CA HIS A 1838 17.93 21.60 53.95
C HIS A 1838 18.86 21.09 52.86
N ASN A 1839 19.96 21.81 52.62
CA ASN A 1839 20.88 21.51 51.53
C ASN A 1839 20.15 21.42 50.19
N LEU A 1840 19.40 22.48 49.85
CA LEU A 1840 18.82 22.56 48.53
C LEU A 1840 19.90 22.59 47.46
N PHE A 1841 20.95 23.37 47.69
CA PHE A 1841 22.15 23.26 46.87
C PHE A 1841 22.87 21.95 47.18
N GLN A 1842 23.52 21.40 46.17
CA GLN A 1842 24.12 20.07 46.30
C GLN A 1842 25.32 20.13 47.25
N PRO A 1843 25.32 19.38 48.35
CA PRO A 1843 26.47 19.40 49.27
C PRO A 1843 27.67 18.75 48.63
N ILE A 1844 28.72 19.54 48.41
CA ILE A 1844 29.91 19.05 47.71
C ILE A 1844 30.92 18.39 48.65
N ASN A 1845 30.82 18.61 49.95
CA ASN A 1845 31.74 18.00 50.90
C ASN A 1845 31.13 17.90 52.29
#